data_6BZW
#
_entry.id   6BZW
#
_cell.length_a   60.356
_cell.length_b   84.709
_cell.length_c   192.919
_cell.angle_alpha   90.00
_cell.angle_beta   89.96
_cell.angle_gamma   90.00
#
_symmetry.space_group_name_H-M   'P 1 21 1'
#
loop_
_entity.id
_entity.type
_entity.pdbx_description
1 polymer 'AP33 GL Heavy Chain'
2 polymer 'AP33 GL Light Chain'
3 polymer 'E2 AS412 peptide'
4 water water
#
loop_
_entity_poly.entity_id
_entity_poly.type
_entity_poly.pdbx_seq_one_letter_code
_entity_poly.pdbx_strand_id
1 'polypeptide(L)'
;EVQLLESGPSLVKPSQTLSLTCSVTGDSITSGYWNWIRKFPGNKLEYMGYISYSGSTYYNPSLKSRISITRDTSKNQYYL
QLNSVTTEDTATYYCARITTAYYAMDYWGQGTSVTVSSASTKGPSVFPLAPSSKSTSGGTAALGCLVKDYFPEPVTVSWN
SGALTSGVHTFPAVLQSSGLYSLSSVVTVPSSSLGTQTYICNVNHKPSNTKVDKKVEPKSCGS
;
C,A,E,G
2 'polypeptide(L)'
;IELVLTQSPASLAVSLGQRATISCRASESVDSYGNSFMHWYQQKPGQPPKLLIYLASNLESGVPARFSGSGSRTDFTLTI
DPVEADDAATYYCQQNNEDPWTFGGGTKLEIKRADAAPTVSIFPPSSEQLTSGTASVVCLLNNFYPREAKVQWKVDNALQ
SGNSQESVTEQDSKDSTYSLSSTLTLSKADYEKHKVYACEVTHQGLSSPVTKSFNRGEC
;
D,B,F,H
3 'polypeptide(L)' RQLINTNGSWHIN I,J,K,L
#
# COMPACT_ATOMS: atom_id res chain seq x y z
N VAL A 2 12.35 -28.69 -8.04
CA VAL A 2 11.52 -29.72 -7.44
C VAL A 2 10.81 -30.52 -8.53
N GLN A 3 10.94 -31.85 -8.46
CA GLN A 3 10.32 -32.73 -9.44
C GLN A 3 9.82 -33.98 -8.74
N LEU A 4 8.56 -34.34 -9.00
CA LEU A 4 7.93 -35.52 -8.42
C LEU A 4 7.50 -36.45 -9.54
N LEU A 5 7.90 -37.72 -9.44
CA LEU A 5 7.57 -38.73 -10.44
C LEU A 5 6.87 -39.90 -9.77
N GLU A 6 5.66 -40.22 -10.23
CA GLU A 6 4.89 -41.34 -9.73
C GLU A 6 5.15 -42.58 -10.58
N SER A 7 5.08 -43.74 -9.93
CA SER A 7 5.19 -45.01 -10.63
C SER A 7 4.28 -46.02 -9.95
N GLY A 8 3.88 -47.04 -10.71
CA GLY A 8 2.98 -48.04 -10.23
C GLY A 8 2.24 -48.70 -11.37
N PRO A 9 1.31 -49.61 -11.05
CA PRO A 9 0.64 -50.39 -12.08
C PRO A 9 -0.57 -49.65 -12.65
N SER A 10 -0.78 -49.84 -13.96
CA SER A 10 -1.89 -49.20 -14.64
C SER A 10 -3.21 -49.92 -14.40
N LEU A 11 -3.15 -51.23 -14.11
CA LEU A 11 -4.33 -52.08 -14.09
C LEU A 11 -4.23 -53.02 -12.89
N VAL A 12 -5.14 -52.87 -11.94
CA VAL A 12 -5.16 -53.66 -10.72
C VAL A 12 -6.50 -54.40 -10.64
N LYS A 13 -6.48 -55.63 -10.10
CA LYS A 13 -7.75 -56.33 -10.03
C LYS A 13 -8.51 -55.95 -8.75
N PRO A 14 -9.84 -55.98 -8.80
CA PRO A 14 -10.64 -55.65 -7.62
C PRO A 14 -10.24 -56.48 -6.40
N SER A 15 -10.44 -55.88 -5.22
CA SER A 15 -10.18 -56.47 -3.91
C SER A 15 -8.69 -56.71 -3.65
N GLN A 16 -7.82 -56.26 -4.55
CA GLN A 16 -6.39 -56.34 -4.36
C GLN A 16 -5.83 -54.98 -3.95
N THR A 17 -4.54 -54.96 -3.64
CA THR A 17 -3.90 -53.77 -3.09
C THR A 17 -3.20 -52.97 -4.19
N LEU A 18 -3.48 -51.67 -4.24
CA LEU A 18 -2.81 -50.76 -5.14
C LEU A 18 -1.58 -50.17 -4.45
N SER A 19 -0.45 -50.18 -5.15
CA SER A 19 0.82 -49.71 -4.60
C SER A 19 1.44 -48.72 -5.57
N LEU A 20 1.61 -47.48 -5.14
CA LEU A 20 2.21 -46.44 -5.95
C LEU A 20 3.44 -45.88 -5.26
N THR A 21 4.39 -45.41 -6.06
CA THR A 21 5.62 -44.79 -5.59
C THR A 21 5.71 -43.37 -6.11
N CYS A 22 6.23 -42.47 -5.29
CA CYS A 22 6.54 -41.10 -5.71
C CYS A 22 8.02 -40.85 -5.44
N SER A 23 8.76 -40.55 -6.49
CA SER A 23 10.18 -40.22 -6.38
C SER A 23 10.35 -38.71 -6.43
N VAL A 24 11.15 -38.17 -5.50
CA VAL A 24 11.34 -36.74 -5.36
C VAL A 24 12.78 -36.40 -5.73
N THR A 25 12.96 -35.28 -6.42
CA THR A 25 14.28 -34.75 -6.74
C THR A 25 14.24 -33.24 -6.62
N GLY A 26 15.37 -32.65 -6.24
CA GLY A 26 15.43 -31.23 -5.99
C GLY A 26 14.96 -30.81 -4.62
N ASP A 27 14.75 -31.78 -3.72
CA ASP A 27 14.21 -31.54 -2.39
C ASP A 27 14.20 -32.84 -1.60
N SER A 28 14.31 -32.74 -0.28
CA SER A 28 14.33 -33.90 0.59
C SER A 28 12.97 -34.09 1.25
N ILE A 29 12.54 -35.35 1.35
CA ILE A 29 11.24 -35.64 1.95
C ILE A 29 11.27 -35.54 3.47
N THR A 30 12.43 -35.26 4.05
CA THR A 30 12.54 -34.94 5.46
C THR A 30 12.26 -33.46 5.74
N SER A 31 11.76 -32.72 4.76
CA SER A 31 11.25 -31.38 4.95
C SER A 31 9.87 -31.28 4.31
N GLY A 32 8.96 -30.58 5.00
CA GLY A 32 7.63 -30.35 4.47
C GLY A 32 6.71 -31.54 4.67
N TYR A 33 5.69 -31.60 3.82
CA TYR A 33 4.70 -32.66 3.84
C TYR A 33 4.50 -33.16 2.41
N TRP A 34 4.05 -34.41 2.29
CA TRP A 34 4.14 -35.14 1.02
C TRP A 34 2.85 -35.91 0.83
N ASN A 35 2.07 -35.49 -0.17
CA ASN A 35 0.65 -35.80 -0.25
C ASN A 35 0.36 -36.73 -1.41
N TRP A 36 -0.77 -37.41 -1.32
CA TRP A 36 -1.34 -38.18 -2.42
C TRP A 36 -2.73 -37.66 -2.73
N ILE A 37 -3.01 -37.45 -4.02
CA ILE A 37 -4.26 -36.91 -4.49
C ILE A 37 -4.69 -37.72 -5.70
N ARG A 38 -5.99 -37.97 -5.83
CA ARG A 38 -6.51 -38.67 -6.99
C ARG A 38 -7.68 -37.91 -7.59
N LYS A 39 -7.87 -38.12 -8.89
CA LYS A 39 -8.97 -37.49 -9.64
C LYS A 39 -9.79 -38.61 -10.27
N PHE A 40 -11.02 -38.77 -9.81
CA PHE A 40 -11.92 -39.78 -10.32
C PHE A 40 -12.41 -39.39 -11.72
N PRO A 41 -12.86 -40.37 -12.51
CA PRO A 41 -13.52 -40.02 -13.77
C PRO A 41 -14.76 -39.20 -13.43
N GLY A 42 -15.01 -38.17 -14.24
CA GLY A 42 -16.01 -37.19 -13.90
C GLY A 42 -15.43 -35.93 -13.28
N ASN A 43 -14.11 -35.91 -13.04
CA ASN A 43 -13.28 -34.78 -12.62
C ASN A 43 -13.30 -34.39 -11.14
N LYS A 44 -14.02 -35.09 -10.26
CA LYS A 44 -13.96 -34.72 -8.85
C LYS A 44 -12.58 -35.08 -8.26
N LEU A 45 -12.07 -34.19 -7.40
CA LEU A 45 -10.77 -34.36 -6.78
C LEU A 45 -10.93 -34.82 -5.32
N GLU A 46 -10.09 -35.78 -4.92
CA GLU A 46 -10.12 -36.30 -3.56
C GLU A 46 -8.71 -36.26 -2.97
N TYR A 47 -8.55 -35.54 -1.87
CA TYR A 47 -7.33 -35.63 -1.08
C TYR A 47 -7.29 -36.97 -0.35
N MET A 48 -6.12 -37.63 -0.39
CA MET A 48 -5.95 -38.91 0.29
C MET A 48 -5.20 -38.80 1.61
N GLY A 49 -4.03 -38.17 1.61
CA GLY A 49 -3.31 -37.94 2.84
C GLY A 49 -1.87 -37.58 2.57
N TYR A 50 -1.16 -37.26 3.65
CA TYR A 50 0.25 -36.94 3.59
C TYR A 50 1.06 -37.83 4.53
N ILE A 51 2.36 -37.86 4.30
CA ILE A 51 3.34 -38.25 5.30
C ILE A 51 4.24 -37.04 5.57
N SER A 52 4.45 -36.74 6.85
CA SER A 52 5.15 -35.53 7.24
C SER A 52 6.66 -35.72 7.12
N TYR A 53 7.40 -34.63 7.37
CA TYR A 53 8.85 -34.68 7.39
C TYR A 53 9.39 -35.59 8.49
N SER A 54 8.58 -35.91 9.50
CA SER A 54 8.99 -36.71 10.64
C SER A 54 8.41 -38.12 10.60
N GLY A 55 7.69 -38.49 9.56
CA GLY A 55 7.15 -39.82 9.43
C GLY A 55 5.71 -39.96 9.90
N SER A 56 5.12 -38.90 10.45
CA SER A 56 3.74 -38.96 10.91
C SER A 56 2.78 -38.72 9.74
N THR A 57 1.62 -39.38 9.81
CA THR A 57 0.68 -39.41 8.70
C THR A 57 -0.65 -38.79 9.10
N TYR A 58 -1.40 -38.36 8.08
CA TYR A 58 -2.77 -37.93 8.22
C TYR A 58 -3.55 -38.48 7.03
N TYR A 59 -4.68 -39.11 7.30
CA TYR A 59 -5.46 -39.80 6.28
C TYR A 59 -6.85 -39.21 6.18
N ASN A 60 -7.38 -39.20 4.96
CA ASN A 60 -8.77 -38.84 4.73
C ASN A 60 -9.65 -39.80 5.50
N PRO A 61 -10.51 -39.32 6.42
CA PRO A 61 -11.31 -40.24 7.24
C PRO A 61 -12.11 -41.26 6.45
N SER A 62 -12.53 -40.93 5.23
CA SER A 62 -13.27 -41.88 4.41
C SER A 62 -12.36 -42.90 3.73
N LEU A 63 -11.04 -42.81 3.92
CA LEU A 63 -10.12 -43.83 3.43
C LEU A 63 -9.19 -44.37 4.49
N LYS A 64 -9.20 -43.83 5.72
CA LYS A 64 -8.24 -44.20 6.75
C LYS A 64 -8.19 -45.70 7.01
N SER A 65 -9.27 -46.42 6.72
CA SER A 65 -9.33 -47.84 7.06
C SER A 65 -8.43 -48.68 6.18
N ARG A 66 -8.35 -48.34 4.89
CA ARG A 66 -7.66 -49.18 3.91
C ARG A 66 -6.55 -48.42 3.18
N ILE A 67 -5.96 -47.41 3.81
CA ILE A 67 -4.88 -46.65 3.20
C ILE A 67 -3.67 -46.66 4.13
N SER A 68 -2.49 -46.72 3.55
CA SER A 68 -1.24 -46.57 4.29
C SER A 68 -0.27 -45.76 3.43
N ILE A 69 0.41 -44.80 4.04
CA ILE A 69 1.43 -44.01 3.37
C ILE A 69 2.74 -44.19 4.10
N THR A 70 3.78 -44.58 3.37
CA THR A 70 5.09 -44.89 3.91
C THR A 70 6.14 -44.14 3.10
N ARG A 71 7.39 -44.21 3.54
CA ARG A 71 8.45 -43.47 2.88
C ARG A 71 9.79 -44.17 3.11
N ASP A 72 10.78 -43.73 2.34
CA ASP A 72 12.16 -44.21 2.48
C ASP A 72 13.07 -43.00 2.26
N THR A 73 13.65 -42.49 3.35
CA THR A 73 14.39 -41.23 3.28
C THR A 73 15.67 -41.36 2.47
N SER A 74 16.30 -42.53 2.46
CA SER A 74 17.54 -42.72 1.72
C SER A 74 17.31 -42.99 0.24
N LYS A 75 16.05 -42.99 -0.22
CA LYS A 75 15.73 -43.02 -1.64
C LYS A 75 15.00 -41.77 -2.10
N ASN A 76 14.71 -40.83 -1.21
CA ASN A 76 13.82 -39.69 -1.48
C ASN A 76 12.53 -40.16 -2.14
N GLN A 77 11.96 -41.22 -1.60
CA GLN A 77 10.73 -41.80 -2.10
C GLN A 77 9.73 -41.93 -0.96
N TYR A 78 8.45 -41.79 -1.30
CA TYR A 78 7.38 -42.23 -0.42
C TYR A 78 6.34 -42.96 -1.24
N TYR A 79 5.45 -43.67 -0.56
CA TYR A 79 4.68 -44.73 -1.18
C TYR A 79 3.23 -44.67 -0.72
N LEU A 80 2.31 -44.90 -1.65
CA LEU A 80 0.90 -45.01 -1.36
C LEU A 80 0.49 -46.47 -1.44
N GLN A 81 -0.30 -46.92 -0.47
CA GLN A 81 -0.90 -48.25 -0.51
C GLN A 81 -2.38 -48.13 -0.24
N LEU A 82 -3.19 -48.68 -1.14
CA LEU A 82 -4.64 -48.69 -1.02
C LEU A 82 -5.10 -50.14 -1.15
N ASN A 83 -5.64 -50.68 -0.07
CA ASN A 83 -6.05 -52.09 -0.05
C ASN A 83 -7.47 -52.23 -0.60
N SER A 84 -7.86 -53.48 -0.84
CA SER A 84 -9.21 -53.86 -1.25
C SER A 84 -9.82 -52.87 -2.24
N VAL A 85 -9.08 -52.61 -3.31
CA VAL A 85 -9.55 -51.67 -4.33
C VAL A 85 -10.84 -52.20 -4.95
N THR A 86 -11.62 -51.26 -5.52
CA THR A 86 -12.79 -51.60 -6.32
C THR A 86 -12.79 -50.70 -7.56
N THR A 87 -13.72 -50.98 -8.46
CA THR A 87 -13.83 -50.19 -9.69
C THR A 87 -13.96 -48.70 -9.40
N GLU A 88 -14.53 -48.35 -8.25
CA GLU A 88 -14.66 -46.95 -7.85
C GLU A 88 -13.31 -46.29 -7.56
N ASP A 89 -12.24 -47.07 -7.41
CA ASP A 89 -10.91 -46.53 -7.18
C ASP A 89 -10.16 -46.27 -8.48
N THR A 90 -10.81 -46.39 -9.63
CA THR A 90 -10.22 -45.96 -10.88
C THR A 90 -10.10 -44.44 -10.88
N ALA A 91 -8.94 -43.93 -11.28
CA ALA A 91 -8.64 -42.51 -11.14
C ALA A 91 -7.22 -42.26 -11.64
N THR A 92 -6.87 -40.99 -11.72
CA THR A 92 -5.49 -40.55 -11.92
C THR A 92 -4.94 -40.09 -10.58
N TYR A 93 -3.76 -40.60 -10.21
CA TYR A 93 -3.21 -40.42 -8.88
C TYR A 93 -2.01 -39.48 -8.93
N TYR A 94 -2.04 -38.44 -8.09
CA TYR A 94 -1.01 -37.42 -8.05
C TYR A 94 -0.33 -37.44 -6.69
N CYS A 95 1.00 -37.30 -6.67
CA CYS A 95 1.67 -36.85 -5.47
C CYS A 95 1.97 -35.36 -5.59
N ALA A 96 2.15 -34.71 -4.44
CA ALA A 96 2.32 -33.26 -4.40
C ALA A 96 2.95 -32.88 -3.07
N ARG A 97 3.56 -31.69 -3.05
CA ARG A 97 4.31 -31.20 -1.91
C ARG A 97 3.62 -30.01 -1.27
N ILE A 98 3.69 -29.93 0.05
CA ILE A 98 3.26 -28.78 0.82
C ILE A 98 4.44 -28.28 1.63
N THR A 99 4.75 -26.99 1.50
CA THR A 99 5.72 -26.32 2.36
C THR A 99 5.03 -25.27 3.23
N THR A 100 5.67 -24.97 4.36
CA THR A 100 5.17 -23.92 5.23
C THR A 100 5.26 -22.53 4.62
N ALA A 101 5.98 -22.38 3.51
CA ALA A 101 6.00 -21.11 2.81
C ALA A 101 4.64 -20.79 2.20
N TYR A 102 3.90 -21.80 1.77
CA TYR A 102 2.63 -21.62 1.08
C TYR A 102 1.45 -22.29 1.76
N TYR A 103 1.67 -23.40 2.47
CA TYR A 103 0.61 -24.20 3.06
C TYR A 103 -0.36 -24.73 2.01
N ALA A 104 0.10 -24.82 0.76
CA ALA A 104 -0.71 -25.31 -0.34
C ALA A 104 0.15 -26.26 -1.17
N MET A 105 -0.51 -26.97 -2.09
CA MET A 105 0.15 -27.99 -2.91
C MET A 105 0.68 -27.32 -4.16
N ASP A 106 1.96 -26.94 -4.11
CA ASP A 106 2.57 -26.11 -5.16
C ASP A 106 3.18 -26.93 -6.28
N TYR A 107 3.97 -27.96 -5.95
CA TYR A 107 4.59 -28.82 -6.94
C TYR A 107 3.86 -30.15 -7.02
N TRP A 108 3.40 -30.50 -8.22
CA TRP A 108 2.75 -31.78 -8.49
C TRP A 108 3.59 -32.59 -9.45
N GLY A 109 3.31 -33.88 -9.52
CA GLY A 109 3.78 -34.72 -10.60
C GLY A 109 2.69 -34.90 -11.64
N GLN A 110 3.11 -35.16 -12.89
CA GLN A 110 2.19 -35.71 -13.86
C GLN A 110 1.50 -36.93 -13.26
N GLY A 111 0.20 -37.06 -13.49
CA GLY A 111 -0.53 -38.12 -12.83
C GLY A 111 -0.16 -39.50 -13.34
N THR A 112 -0.65 -40.50 -12.60
CA THR A 112 -0.58 -41.90 -13.00
C THR A 112 -2.00 -42.45 -13.07
N SER A 113 -2.33 -43.09 -14.18
CA SER A 113 -3.66 -43.65 -14.38
C SER A 113 -3.73 -45.06 -13.83
N VAL A 114 -4.73 -45.33 -13.00
CA VAL A 114 -4.94 -46.63 -12.40
C VAL A 114 -6.38 -47.04 -12.66
N THR A 115 -6.56 -48.16 -13.34
CA THR A 115 -7.88 -48.73 -13.61
C THR A 115 -8.01 -50.03 -12.84
N VAL A 116 -9.10 -50.17 -12.09
CA VAL A 116 -9.39 -51.41 -11.37
C VAL A 116 -10.37 -52.23 -12.17
N SER A 117 -9.96 -53.42 -12.60
CA SER A 117 -10.73 -54.23 -13.52
C SER A 117 -10.11 -55.62 -13.61
N SER A 118 -10.96 -56.61 -13.89
CA SER A 118 -10.51 -57.98 -14.14
C SER A 118 -10.05 -58.21 -15.57
N ALA A 119 -10.29 -57.27 -16.48
CA ALA A 119 -9.97 -57.47 -17.88
C ALA A 119 -8.46 -57.45 -18.11
N SER A 120 -8.03 -58.17 -19.14
CA SER A 120 -6.61 -58.26 -19.47
C SER A 120 -6.16 -57.09 -20.33
N THR A 121 -4.88 -56.74 -20.21
CA THR A 121 -4.31 -55.65 -20.96
C THR A 121 -4.16 -56.02 -22.43
N LYS A 122 -4.51 -55.09 -23.32
CA LYS A 122 -4.45 -55.32 -24.75
C LYS A 122 -3.92 -54.08 -25.45
N GLY A 123 -2.95 -54.25 -26.34
CA GLY A 123 -2.33 -53.15 -27.03
C GLY A 123 -3.09 -52.71 -28.25
N PRO A 124 -2.91 -51.46 -28.65
CA PRO A 124 -3.74 -50.88 -29.71
C PRO A 124 -3.27 -51.25 -31.11
N SER A 125 -4.24 -51.31 -32.03
CA SER A 125 -3.97 -51.26 -33.45
C SER A 125 -3.99 -49.80 -33.91
N VAL A 126 -3.05 -49.46 -34.79
CA VAL A 126 -2.89 -48.08 -35.25
C VAL A 126 -3.08 -48.05 -36.76
N PHE A 127 -4.08 -47.30 -37.21
CA PHE A 127 -4.39 -47.17 -38.62
C PHE A 127 -4.23 -45.72 -39.06
N PRO A 128 -3.84 -45.47 -40.30
CA PRO A 128 -3.69 -44.09 -40.77
C PRO A 128 -5.01 -43.47 -41.19
N LEU A 129 -5.17 -42.19 -40.86
CA LEU A 129 -6.24 -41.37 -41.40
C LEU A 129 -5.58 -40.54 -42.50
N ALA A 130 -5.57 -41.08 -43.71
CA ALA A 130 -4.79 -40.50 -44.79
C ALA A 130 -5.41 -39.18 -45.25
N PRO A 131 -4.61 -38.13 -45.42
CA PRO A 131 -5.12 -36.91 -46.04
C PRO A 131 -5.53 -37.17 -47.48
N SER A 132 -6.60 -36.52 -47.91
CA SER A 132 -7.09 -36.67 -49.27
C SER A 132 -7.85 -35.40 -49.65
N SER A 133 -8.31 -35.34 -50.90
CA SER A 133 -9.17 -34.27 -51.35
C SER A 133 -10.47 -34.20 -50.57
N LYS A 134 -10.74 -35.17 -49.70
CA LYS A 134 -11.91 -35.19 -48.85
C LYS A 134 -11.60 -34.78 -47.41
N SER A 135 -10.34 -34.46 -47.12
CA SER A 135 -9.94 -33.90 -45.84
C SER A 135 -9.15 -32.61 -46.00
N THR A 136 -9.28 -31.95 -47.15
CA THR A 136 -8.58 -30.72 -47.44
C THR A 136 -9.57 -29.58 -47.67
N SER A 137 -9.16 -28.38 -47.32
CA SER A 137 -10.00 -27.19 -47.42
C SER A 137 -9.10 -25.98 -47.45
N GLY A 138 -9.37 -25.05 -48.36
CA GLY A 138 -8.38 -24.02 -48.62
C GLY A 138 -7.08 -24.69 -49.04
N GLY A 139 -5.98 -24.25 -48.45
CA GLY A 139 -4.71 -24.92 -48.66
C GLY A 139 -4.29 -25.72 -47.44
N THR A 140 -5.28 -26.23 -46.70
CA THR A 140 -5.06 -26.91 -45.44
C THR A 140 -5.59 -28.33 -45.54
N ALA A 141 -4.75 -29.31 -45.21
CA ALA A 141 -5.12 -30.72 -45.23
C ALA A 141 -5.17 -31.26 -43.81
N ALA A 142 -6.22 -32.01 -43.50
CA ALA A 142 -6.35 -32.71 -42.22
C ALA A 142 -5.92 -34.16 -42.37
N LEU A 143 -5.33 -34.69 -41.31
CA LEU A 143 -4.74 -36.02 -41.31
C LEU A 143 -4.51 -36.45 -39.88
N GLY A 144 -4.48 -37.76 -39.65
CA GLY A 144 -4.35 -38.25 -38.30
C GLY A 144 -4.14 -39.74 -38.24
N CYS A 145 -4.25 -40.27 -37.02
CA CYS A 145 -4.10 -41.69 -36.74
C CYS A 145 -5.28 -42.16 -35.91
N LEU A 146 -5.82 -43.34 -36.27
CA LEU A 146 -6.83 -44.01 -35.46
C LEU A 146 -6.16 -45.03 -34.54
N VAL A 147 -6.39 -44.89 -33.24
CA VAL A 147 -5.83 -45.77 -32.22
C VAL A 147 -6.98 -46.60 -31.67
N LYS A 148 -7.04 -47.87 -32.08
CA LYS A 148 -8.25 -48.67 -31.95
C LYS A 148 -7.99 -49.91 -31.10
N ASP A 149 -8.92 -50.19 -30.18
CA ASP A 149 -9.02 -51.47 -29.49
C ASP A 149 -7.85 -51.73 -28.54
N TYR A 150 -7.70 -50.87 -27.54
CA TYR A 150 -6.69 -51.06 -26.51
C TYR A 150 -7.36 -51.08 -25.13
N PHE A 151 -6.59 -51.54 -24.13
CA PHE A 151 -7.05 -51.56 -22.75
C PHE A 151 -5.87 -51.75 -21.84
N PRO A 152 -5.79 -51.05 -20.70
CA PRO A 152 -6.72 -49.98 -20.34
C PRO A 152 -6.26 -48.61 -20.84
N GLU A 153 -6.76 -47.56 -20.21
CA GLU A 153 -6.23 -46.22 -20.39
C GLU A 153 -4.95 -46.06 -19.59
N PRO A 154 -4.06 -45.13 -20.00
CA PRO A 154 -4.20 -44.18 -21.10
C PRO A 154 -3.34 -44.47 -22.33
N VAL A 155 -3.67 -43.79 -23.42
CA VAL A 155 -2.81 -43.69 -24.59
C VAL A 155 -2.38 -42.23 -24.72
N THR A 156 -1.12 -42.02 -25.12
CA THR A 156 -0.64 -40.69 -25.48
C THR A 156 -0.12 -40.72 -26.91
N VAL A 157 -0.32 -39.59 -27.60
CA VAL A 157 0.05 -39.46 -29.01
C VAL A 157 0.83 -38.17 -29.19
N SER A 158 1.96 -38.25 -29.87
CA SER A 158 2.66 -37.09 -30.38
C SER A 158 2.75 -37.21 -31.90
N TRP A 159 3.25 -36.15 -32.54
CA TRP A 159 3.47 -36.14 -33.97
C TRP A 159 4.90 -35.72 -34.26
N ASN A 160 5.58 -36.48 -35.13
CA ASN A 160 6.97 -36.24 -35.48
C ASN A 160 7.84 -36.10 -34.23
N SER A 161 7.66 -37.04 -33.29
CA SER A 161 8.42 -37.09 -32.04
C SER A 161 8.29 -35.80 -31.24
N GLY A 162 7.20 -35.07 -31.41
CA GLY A 162 6.97 -33.83 -30.71
C GLY A 162 7.33 -32.58 -31.48
N ALA A 163 7.93 -32.72 -32.66
CA ALA A 163 8.26 -31.55 -33.47
C ALA A 163 7.00 -30.87 -34.01
N LEU A 164 5.91 -31.62 -34.18
CA LEU A 164 4.66 -31.09 -34.70
C LEU A 164 3.67 -30.98 -33.55
N THR A 165 3.42 -29.75 -33.10
CA THR A 165 2.41 -29.48 -32.07
C THR A 165 1.30 -28.56 -32.51
N SER A 166 1.52 -27.70 -33.51
CA SER A 166 0.51 -26.74 -33.95
C SER A 166 -0.53 -27.46 -34.80
N GLY A 167 -1.80 -27.35 -34.38
CA GLY A 167 -2.90 -27.95 -35.11
C GLY A 167 -3.34 -29.31 -34.60
N VAL A 168 -2.64 -29.89 -33.63
CA VAL A 168 -2.92 -31.24 -33.18
C VAL A 168 -4.18 -31.24 -32.31
N HIS A 169 -5.04 -32.23 -32.51
CA HIS A 169 -6.15 -32.51 -31.63
C HIS A 169 -6.19 -34.01 -31.35
N THR A 170 -5.87 -34.40 -30.12
CA THR A 170 -5.99 -35.77 -29.66
C THR A 170 -7.27 -35.88 -28.86
N PHE A 171 -8.28 -36.55 -29.42
CA PHE A 171 -9.60 -36.56 -28.84
C PHE A 171 -9.67 -37.51 -27.65
N PRO A 172 -10.62 -37.31 -26.74
CA PRO A 172 -10.85 -38.27 -25.67
C PRO A 172 -11.23 -39.64 -26.24
N ALA A 173 -10.80 -40.68 -25.54
CA ALA A 173 -11.10 -42.04 -25.98
C ALA A 173 -12.57 -42.38 -25.71
N VAL A 174 -13.11 -43.23 -26.57
CA VAL A 174 -14.45 -43.76 -26.40
C VAL A 174 -14.34 -45.23 -26.00
N LEU A 175 -15.29 -45.69 -25.19
CA LEU A 175 -15.36 -47.08 -24.77
C LEU A 175 -16.29 -47.83 -25.71
N GLN A 176 -15.73 -48.77 -26.48
CA GLN A 176 -16.53 -49.58 -27.37
C GLN A 176 -17.28 -50.66 -26.58
N SER A 177 -18.33 -51.20 -27.19
CA SER A 177 -19.12 -52.25 -26.54
C SER A 177 -18.30 -53.48 -26.22
N SER A 178 -17.10 -53.61 -26.77
CA SER A 178 -16.24 -54.75 -26.52
C SER A 178 -15.47 -54.65 -25.21
N GLY A 179 -15.46 -53.47 -24.58
CA GLY A 179 -14.62 -53.23 -23.42
C GLY A 179 -13.29 -52.57 -23.74
N LEU A 180 -12.96 -52.42 -25.02
CA LEU A 180 -11.69 -51.85 -25.44
C LEU A 180 -11.90 -50.40 -25.88
N TYR A 181 -10.93 -49.55 -25.55
CA TYR A 181 -11.01 -48.14 -25.89
C TYR A 181 -10.55 -47.90 -27.32
N SER A 182 -11.04 -46.81 -27.90
CA SER A 182 -10.62 -46.37 -29.23
C SER A 182 -10.41 -44.86 -29.22
N LEU A 183 -9.40 -44.42 -29.94
CA LEU A 183 -8.96 -43.03 -29.89
C LEU A 183 -8.54 -42.60 -31.29
N SER A 184 -8.70 -41.31 -31.58
CA SER A 184 -8.16 -40.72 -32.79
C SER A 184 -7.45 -39.42 -32.44
N SER A 185 -6.35 -39.16 -33.14
CA SER A 185 -5.65 -37.89 -33.08
C SER A 185 -5.53 -37.35 -34.49
N VAL A 186 -5.62 -36.02 -34.63
CA VAL A 186 -5.55 -35.38 -35.94
C VAL A 186 -4.70 -34.12 -35.84
N VAL A 187 -4.14 -33.73 -36.97
CA VAL A 187 -3.44 -32.45 -37.10
C VAL A 187 -3.79 -31.87 -38.47
N THR A 188 -3.74 -30.55 -38.57
CA THR A 188 -3.94 -29.86 -39.83
C THR A 188 -2.61 -29.28 -40.31
N VAL A 189 -2.33 -29.47 -41.61
CA VAL A 189 -1.09 -29.03 -42.21
C VAL A 189 -1.40 -28.42 -43.57
N PRO A 190 -0.46 -27.64 -44.12
CA PRO A 190 -0.65 -27.16 -45.50
C PRO A 190 -0.65 -28.32 -46.48
N SER A 191 -1.57 -28.25 -47.45
CA SER A 191 -1.68 -29.33 -48.43
C SER A 191 -0.48 -29.36 -49.36
N SER A 192 0.20 -28.23 -49.54
CA SER A 192 1.42 -28.21 -50.35
C SER A 192 2.60 -28.86 -49.63
N SER A 193 2.46 -29.22 -48.37
CA SER A 193 3.51 -29.91 -47.62
C SER A 193 3.42 -31.42 -47.71
N LEU A 194 2.30 -31.95 -48.22
CA LEU A 194 2.08 -33.40 -48.21
C LEU A 194 3.11 -34.14 -49.05
N GLY A 195 3.62 -33.50 -50.10
CA GLY A 195 4.58 -34.15 -50.97
C GLY A 195 6.02 -34.11 -50.50
N THR A 196 6.33 -33.26 -49.52
CA THR A 196 7.71 -33.05 -49.09
C THR A 196 7.94 -33.36 -47.62
N GLN A 197 7.01 -32.98 -46.74
CA GLN A 197 7.19 -33.17 -45.31
C GLN A 197 6.62 -34.51 -44.88
N THR A 198 7.39 -35.24 -44.09
CA THR A 198 6.92 -36.50 -43.50
C THR A 198 6.13 -36.20 -42.24
N TYR A 199 5.01 -36.91 -42.07
CA TYR A 199 4.20 -36.83 -40.86
C TYR A 199 4.07 -38.21 -40.24
N ILE A 200 4.40 -38.30 -38.95
CA ILE A 200 4.40 -39.57 -38.21
C ILE A 200 3.71 -39.33 -36.88
N CYS A 201 2.73 -40.17 -36.56
CA CYS A 201 2.13 -40.17 -35.22
C CYS A 201 2.86 -41.17 -34.33
N ASN A 202 3.07 -40.78 -33.09
CA ASN A 202 3.85 -41.57 -32.13
C ASN A 202 2.93 -41.94 -30.96
N VAL A 203 2.47 -43.19 -30.95
CA VAL A 203 1.41 -43.62 -30.05
C VAL A 203 2.06 -44.43 -28.93
N ASN A 204 1.92 -43.95 -27.69
CA ASN A 204 2.50 -44.59 -26.52
C ASN A 204 1.38 -45.17 -25.66
N HIS A 205 1.43 -46.49 -25.44
CA HIS A 205 0.49 -47.20 -24.57
C HIS A 205 1.32 -47.96 -23.53
N LYS A 206 1.76 -47.24 -22.50
CA LYS A 206 2.59 -47.85 -21.46
C LYS A 206 1.93 -49.04 -20.75
N PRO A 207 0.62 -49.05 -20.48
CA PRO A 207 0.03 -50.25 -19.86
C PRO A 207 0.36 -51.57 -20.54
N SER A 208 0.38 -51.62 -21.87
CA SER A 208 0.86 -52.79 -22.58
C SER A 208 2.35 -52.74 -22.92
N ASN A 209 3.07 -51.72 -22.45
CA ASN A 209 4.48 -51.52 -22.80
C ASN A 209 4.68 -51.43 -24.30
N THR A 210 3.76 -50.75 -24.99
CA THR A 210 3.78 -50.66 -26.44
C THR A 210 3.96 -49.22 -26.89
N LYS A 211 4.83 -49.02 -27.87
CA LYS A 211 4.92 -47.77 -28.61
C LYS A 211 4.88 -48.07 -30.10
N VAL A 212 4.02 -47.35 -30.82
CA VAL A 212 3.82 -47.54 -32.26
C VAL A 212 4.02 -46.21 -32.97
N ASP A 213 4.88 -46.20 -33.97
CA ASP A 213 5.13 -45.04 -34.81
C ASP A 213 4.61 -45.33 -36.21
N LYS A 214 3.66 -44.52 -36.67
CA LYS A 214 2.98 -44.73 -37.94
C LYS A 214 3.19 -43.53 -38.84
N LYS A 215 3.76 -43.77 -40.03
CA LYS A 215 3.85 -42.73 -41.04
C LYS A 215 2.55 -42.65 -41.83
N VAL A 216 2.00 -41.45 -41.95
CA VAL A 216 0.75 -41.21 -42.66
C VAL A 216 1.06 -40.50 -43.97
N GLU A 217 0.57 -41.04 -45.06
CA GLU A 217 0.78 -40.48 -46.39
C GLU A 217 -0.54 -40.22 -47.08
N PRO A 218 -0.57 -39.30 -48.04
CA PRO A 218 -1.84 -38.96 -48.71
C PRO A 218 -2.35 -40.10 -49.58
N LYS A 219 -3.66 -40.08 -49.80
CA LYS A 219 -4.31 -41.05 -50.68
C LYS A 219 -4.01 -40.75 -52.14
N LEU B 3 -16.69 -30.51 7.29
CA LEU B 3 -16.64 -29.30 6.48
C LEU B 3 -16.97 -29.61 5.02
N VAL B 4 -17.76 -28.74 4.41
CA VAL B 4 -18.22 -28.90 3.04
C VAL B 4 -17.87 -27.65 2.26
N LEU B 5 -17.25 -27.83 1.09
CA LEU B 5 -16.90 -26.72 0.21
C LEU B 5 -17.87 -26.71 -0.97
N THR B 6 -18.70 -25.69 -1.04
CA THR B 6 -19.64 -25.51 -2.14
C THR B 6 -19.03 -24.55 -3.16
N GLN B 7 -18.61 -25.07 -4.31
CA GLN B 7 -18.19 -24.24 -5.42
C GLN B 7 -19.38 -23.81 -6.25
N SER B 8 -19.43 -22.53 -6.60
CA SER B 8 -20.51 -21.98 -7.39
C SER B 8 -19.94 -20.93 -8.32
N PRO B 9 -20.41 -20.87 -9.57
CA PRO B 9 -21.30 -21.88 -10.15
C PRO B 9 -20.53 -23.10 -10.66
N ALA B 10 -21.26 -24.13 -11.10
CA ALA B 10 -20.60 -25.34 -11.62
C ALA B 10 -19.95 -25.07 -12.96
N SER B 11 -20.47 -24.11 -13.72
CA SER B 11 -19.88 -23.72 -15.00
C SER B 11 -20.20 -22.25 -15.24
N LEU B 12 -19.49 -21.65 -16.19
CA LEU B 12 -19.50 -20.21 -16.35
C LEU B 12 -18.90 -19.80 -17.69
N ALA B 13 -19.72 -19.28 -18.59
CA ALA B 13 -19.26 -18.82 -19.89
C ALA B 13 -19.07 -17.30 -19.87
N VAL B 14 -17.88 -16.86 -20.25
CA VAL B 14 -17.52 -15.44 -20.27
C VAL B 14 -16.87 -15.12 -21.60
N SER B 15 -17.04 -13.87 -22.04
CA SER B 15 -16.43 -13.41 -23.27
C SER B 15 -15.02 -12.90 -23.02
N LEU B 16 -14.22 -12.87 -24.08
CA LEU B 16 -12.84 -12.42 -23.98
C LEU B 16 -12.78 -10.98 -23.46
N GLY B 17 -11.90 -10.75 -22.49
CA GLY B 17 -11.72 -9.43 -21.91
C GLY B 17 -12.65 -9.09 -20.77
N GLN B 18 -13.67 -9.91 -20.52
CA GLN B 18 -14.63 -9.62 -19.47
C GLN B 18 -14.18 -10.24 -18.15
N ARG B 19 -14.99 -10.07 -17.11
CA ARG B 19 -14.66 -10.51 -15.76
C ARG B 19 -15.40 -11.80 -15.42
N ALA B 20 -14.68 -12.73 -14.80
CA ALA B 20 -15.23 -14.00 -14.34
C ALA B 20 -14.97 -14.14 -12.84
N THR B 21 -16.03 -14.41 -12.08
CA THR B 21 -15.92 -14.60 -10.64
C THR B 21 -16.42 -15.99 -10.28
N ILE B 22 -15.61 -16.73 -9.52
CA ILE B 22 -15.95 -18.06 -9.04
C ILE B 22 -15.97 -18.01 -7.52
N SER B 23 -17.00 -18.59 -6.91
CA SER B 23 -17.20 -18.53 -5.48
C SER B 23 -17.03 -19.90 -4.85
N CYS B 24 -16.61 -19.90 -3.59
CA CYS B 24 -16.41 -21.12 -2.82
C CYS B 24 -16.78 -20.85 -1.38
N ARG B 25 -17.82 -21.52 -0.89
CA ARG B 25 -18.30 -21.34 0.48
C ARG B 25 -18.04 -22.60 1.30
N ALA B 26 -17.60 -22.41 2.53
CA ALA B 26 -17.38 -23.50 3.47
C ALA B 26 -18.50 -23.51 4.51
N SER B 27 -18.74 -24.68 5.10
CA SER B 27 -19.70 -24.79 6.18
C SER B 27 -19.12 -24.41 7.53
N GLU B 28 -17.81 -24.24 7.63
CA GLU B 28 -17.16 -23.71 8.82
C GLU B 28 -15.94 -22.92 8.40
N SER B 29 -15.48 -22.04 9.29
CA SER B 29 -14.34 -21.19 8.99
C SER B 29 -13.09 -22.02 8.71
N VAL B 30 -12.35 -21.62 7.68
CA VAL B 30 -11.07 -22.23 7.36
C VAL B 30 -9.92 -21.32 7.79
N ASP B 31 -10.14 -20.42 8.73
CA ASP B 31 -9.14 -19.47 9.19
C ASP B 31 -8.56 -19.93 10.53
N SER B 32 -7.23 -19.80 10.66
CA SER B 32 -6.58 -20.00 11.94
C SER B 32 -5.22 -19.30 11.91
N TYR B 33 -4.74 -18.94 13.11
CA TYR B 33 -3.46 -18.27 13.29
C TYR B 33 -3.21 -17.15 12.29
N GLY B 34 -4.25 -16.37 11.99
CA GLY B 34 -4.10 -15.19 11.17
C GLY B 34 -4.03 -15.44 9.68
N ASN B 35 -4.47 -16.60 9.22
CA ASN B 35 -4.39 -16.96 7.82
C ASN B 35 -5.70 -17.61 7.39
N SER B 36 -6.01 -17.49 6.11
CA SER B 36 -7.13 -18.21 5.50
C SER B 36 -6.56 -19.40 4.73
N PHE B 37 -6.87 -20.60 5.20
CA PHE B 37 -6.30 -21.81 4.59
C PHE B 37 -7.16 -22.26 3.41
N MET B 38 -7.29 -21.37 2.44
CA MET B 38 -8.07 -21.59 1.24
C MET B 38 -7.20 -21.33 0.03
N HIS B 39 -7.27 -22.21 -0.96
CA HIS B 39 -6.36 -22.18 -2.10
C HIS B 39 -7.15 -22.49 -3.37
N TRP B 40 -6.70 -21.91 -4.47
CA TRP B 40 -7.37 -22.05 -5.76
C TRP B 40 -6.42 -22.70 -6.76
N TYR B 41 -6.92 -23.71 -7.47
CA TYR B 41 -6.12 -24.41 -8.46
C TYR B 41 -6.82 -24.39 -9.83
N GLN B 42 -6.01 -24.35 -10.87
CA GLN B 42 -6.48 -24.51 -12.25
C GLN B 42 -5.97 -25.85 -12.78
N GLN B 43 -6.84 -26.61 -13.45
CA GLN B 43 -6.46 -27.85 -14.08
C GLN B 43 -7.00 -27.92 -15.50
N LYS B 44 -6.14 -28.33 -16.42
CA LYS B 44 -6.46 -28.55 -17.82
C LYS B 44 -6.25 -30.02 -18.15
N PRO B 45 -6.86 -30.53 -19.22
CA PRO B 45 -6.72 -31.95 -19.55
C PRO B 45 -5.26 -32.34 -19.79
N GLY B 46 -4.89 -33.50 -19.28
CA GLY B 46 -3.54 -34.00 -19.43
C GLY B 46 -2.49 -33.24 -18.65
N GLN B 47 -2.87 -32.56 -17.57
CA GLN B 47 -1.95 -31.79 -16.76
C GLN B 47 -2.36 -31.88 -15.29
N PRO B 48 -1.40 -31.95 -14.38
CA PRO B 48 -1.72 -31.82 -12.95
C PRO B 48 -2.38 -30.48 -12.67
N PRO B 49 -3.07 -30.33 -11.54
CA PRO B 49 -3.55 -29.01 -11.15
C PRO B 49 -2.40 -28.08 -10.85
N LYS B 50 -2.67 -26.79 -10.99
CA LYS B 50 -1.66 -25.75 -10.87
C LYS B 50 -2.08 -24.77 -9.79
N LEU B 51 -1.15 -24.43 -8.90
CA LEU B 51 -1.45 -23.51 -7.81
C LEU B 51 -1.47 -22.09 -8.35
N LEU B 52 -2.62 -21.43 -8.25
CA LEU B 52 -2.77 -20.03 -8.65
C LEU B 52 -2.74 -19.10 -7.45
N ILE B 53 -3.56 -19.38 -6.43
CA ILE B 53 -3.75 -18.48 -5.31
C ILE B 53 -3.70 -19.32 -4.03
N TYR B 54 -2.71 -19.04 -3.19
CA TYR B 54 -2.59 -19.70 -1.89
C TYR B 54 -2.99 -18.71 -0.80
N LEU B 55 -3.50 -19.26 0.31
CA LEU B 55 -3.92 -18.45 1.46
C LEU B 55 -4.92 -17.38 1.06
N ALA B 56 -5.81 -17.72 0.13
CA ALA B 56 -7.02 -16.98 -0.20
C ALA B 56 -6.76 -15.80 -1.13
N SER B 57 -5.68 -15.04 -0.90
CA SER B 57 -5.44 -13.82 -1.67
C SER B 57 -4.02 -13.69 -2.20
N ASN B 58 -3.11 -14.61 -1.88
CA ASN B 58 -1.71 -14.48 -2.26
C ASN B 58 -1.50 -15.09 -3.64
N LEU B 59 -0.82 -14.36 -4.51
CA LEU B 59 -0.61 -14.78 -5.89
C LEU B 59 0.65 -15.64 -5.98
N GLU B 60 0.50 -16.84 -6.54
CA GLU B 60 1.65 -17.70 -6.80
C GLU B 60 2.56 -17.06 -7.85
N SER B 61 3.86 -17.30 -7.70
CA SER B 61 4.84 -16.70 -8.59
C SER B 61 4.67 -17.23 -10.01
N GLY B 62 4.78 -16.33 -10.98
CA GLY B 62 4.56 -16.68 -12.37
C GLY B 62 3.11 -16.81 -12.76
N VAL B 63 2.20 -16.29 -11.96
CA VAL B 63 0.78 -16.21 -12.28
C VAL B 63 0.43 -14.76 -12.59
N PRO B 64 -0.23 -14.47 -13.71
CA PRO B 64 -0.51 -13.07 -14.05
C PRO B 64 -1.52 -12.46 -13.09
N ALA B 65 -1.31 -11.18 -12.79
CA ALA B 65 -2.14 -10.48 -11.82
C ALA B 65 -3.58 -10.25 -12.30
N ARG B 66 -3.92 -10.70 -13.52
CA ARG B 66 -5.32 -10.82 -13.90
C ARG B 66 -6.09 -11.70 -12.93
N PHE B 67 -5.40 -12.63 -12.27
CA PHE B 67 -6.01 -13.50 -11.27
C PHE B 67 -5.93 -12.83 -9.90
N SER B 68 -6.97 -13.02 -9.10
CA SER B 68 -6.96 -12.48 -7.75
C SER B 68 -8.05 -13.16 -6.93
N GLY B 69 -7.81 -13.24 -5.62
CA GLY B 69 -8.74 -13.88 -4.72
C GLY B 69 -8.95 -13.01 -3.50
N SER B 70 -10.14 -13.16 -2.90
CA SER B 70 -10.48 -12.38 -1.73
C SER B 70 -11.46 -13.17 -0.88
N GLY B 71 -11.65 -12.71 0.35
CA GLY B 71 -12.57 -13.34 1.28
C GLY B 71 -11.89 -13.67 2.59
N SER B 72 -12.73 -14.12 3.54
CA SER B 72 -12.25 -14.66 4.80
C SER B 72 -13.29 -15.63 5.33
N ARG B 73 -12.90 -16.37 6.36
CA ARG B 73 -13.80 -17.25 7.11
C ARG B 73 -14.41 -18.32 6.20
N THR B 74 -15.68 -18.16 5.86
CA THR B 74 -16.39 -19.12 5.03
C THR B 74 -16.72 -18.64 3.62
N ASP B 75 -16.33 -17.42 3.25
CA ASP B 75 -16.69 -16.85 1.94
C ASP B 75 -15.45 -16.42 1.18
N PHE B 76 -15.17 -17.08 0.05
CA PHE B 76 -14.03 -16.76 -0.79
C PHE B 76 -14.47 -16.67 -2.24
N THR B 77 -13.80 -15.81 -3.01
CA THR B 77 -13.99 -15.74 -4.45
C THR B 77 -12.65 -15.63 -5.17
N LEU B 78 -12.60 -16.17 -6.37
CA LEU B 78 -11.54 -15.92 -7.32
C LEU B 78 -12.08 -15.09 -8.49
N THR B 79 -11.28 -14.16 -8.99
CA THR B 79 -11.68 -13.28 -10.07
C THR B 79 -10.59 -13.23 -11.14
N ILE B 80 -10.97 -13.48 -12.39
CA ILE B 80 -10.09 -13.33 -13.55
C ILE B 80 -10.57 -12.12 -14.34
N ASP B 81 -9.75 -11.08 -14.39
CA ASP B 81 -10.13 -9.84 -15.06
C ASP B 81 -8.89 -9.13 -15.59
N PRO B 82 -8.71 -9.08 -16.92
CA PRO B 82 -9.59 -9.64 -17.95
C PRO B 82 -9.29 -11.11 -18.24
N VAL B 83 -10.30 -11.87 -18.65
CA VAL B 83 -10.13 -13.28 -18.93
C VAL B 83 -9.51 -13.45 -20.31
N GLU B 84 -8.63 -14.44 -20.44
CA GLU B 84 -7.89 -14.70 -21.67
C GLU B 84 -8.23 -16.10 -22.19
N ALA B 85 -7.90 -16.33 -23.45
CA ALA B 85 -8.23 -17.61 -24.07
C ALA B 85 -7.53 -18.77 -23.39
N ASP B 86 -6.34 -18.53 -22.83
CA ASP B 86 -5.61 -19.56 -22.11
C ASP B 86 -6.23 -19.89 -20.75
N ASP B 87 -7.23 -19.13 -20.32
CA ASP B 87 -7.86 -19.34 -19.01
C ASP B 87 -9.01 -20.34 -19.06
N ALA B 88 -9.37 -20.85 -20.25
CA ALA B 88 -10.38 -21.89 -20.34
C ALA B 88 -9.90 -23.16 -19.64
N ALA B 89 -10.59 -23.54 -18.56
CA ALA B 89 -10.17 -24.66 -17.72
C ALA B 89 -11.18 -24.93 -16.63
N THR B 90 -10.92 -25.94 -15.80
CA THR B 90 -11.65 -26.16 -14.56
C THR B 90 -10.87 -25.56 -13.40
N TYR B 91 -11.58 -24.97 -12.45
CA TYR B 91 -10.99 -24.36 -11.28
C TYR B 91 -11.50 -25.02 -10.02
N TYR B 92 -10.63 -25.16 -9.02
CA TYR B 92 -10.97 -25.81 -7.76
C TYR B 92 -10.49 -24.97 -6.58
N CYS B 93 -11.33 -24.88 -5.55
CA CYS B 93 -10.89 -24.40 -4.25
C CYS B 93 -10.54 -25.59 -3.37
N GLN B 94 -9.69 -25.33 -2.38
CA GLN B 94 -9.24 -26.39 -1.48
C GLN B 94 -8.93 -25.78 -0.12
N GLN B 95 -9.33 -26.48 0.93
CA GLN B 95 -9.08 -26.03 2.30
C GLN B 95 -8.32 -27.11 3.05
N ASN B 96 -7.31 -26.68 3.79
CA ASN B 96 -6.50 -27.58 4.62
C ASN B 96 -6.31 -26.97 6.00
N ASN B 97 -7.31 -26.23 6.48
CA ASN B 97 -7.28 -25.70 7.84
C ASN B 97 -7.58 -26.77 8.88
N GLU B 98 -8.33 -27.80 8.50
CA GLU B 98 -8.85 -28.74 9.48
C GLU B 98 -9.28 -30.01 8.76
N ASP B 99 -9.33 -31.10 9.52
CA ASP B 99 -9.78 -32.37 8.97
C ASP B 99 -11.30 -32.33 8.80
N PRO B 100 -11.83 -32.85 7.68
CA PRO B 100 -11.13 -33.42 6.52
C PRO B 100 -10.75 -32.40 5.45
N TRP B 101 -9.50 -32.44 5.00
CA TRP B 101 -9.11 -31.65 3.83
C TRP B 101 -9.97 -32.06 2.64
N THR B 102 -10.44 -31.07 1.89
CA THR B 102 -11.40 -31.34 0.83
C THR B 102 -11.23 -30.35 -0.32
N PHE B 103 -11.44 -30.83 -1.53
CA PHE B 103 -11.53 -29.99 -2.72
C PHE B 103 -12.97 -29.58 -2.97
N GLY B 104 -13.14 -28.42 -3.60
CA GLY B 104 -14.43 -28.05 -4.14
C GLY B 104 -14.82 -28.93 -5.33
N GLY B 105 -16.09 -28.80 -5.72
CA GLY B 105 -16.61 -29.58 -6.83
C GLY B 105 -16.09 -29.16 -8.18
N GLY B 106 -15.50 -27.99 -8.28
CA GLY B 106 -14.93 -27.52 -9.53
C GLY B 106 -15.86 -26.56 -10.26
N THR B 107 -15.27 -25.76 -11.15
CA THR B 107 -16.01 -24.83 -11.98
C THR B 107 -15.40 -24.80 -13.37
N LYS B 108 -16.15 -25.25 -14.37
CA LYS B 108 -15.66 -25.25 -15.74
C LYS B 108 -15.86 -23.86 -16.34
N LEU B 109 -14.76 -23.20 -16.68
CA LEU B 109 -14.79 -21.88 -17.30
C LEU B 109 -14.70 -22.02 -18.81
N GLU B 110 -15.74 -21.57 -19.51
CA GLU B 110 -15.74 -21.50 -20.96
C GLU B 110 -15.52 -20.06 -21.41
N ILE B 111 -14.85 -19.90 -22.56
CA ILE B 111 -14.66 -18.61 -23.19
C ILE B 111 -15.68 -18.45 -24.31
N LYS B 112 -16.43 -17.36 -24.27
CA LYS B 112 -17.39 -17.05 -25.33
C LYS B 112 -16.70 -16.21 -26.41
N ARG B 113 -16.71 -16.73 -27.64
CA ARG B 113 -16.19 -16.03 -28.80
C ARG B 113 -17.29 -15.90 -29.86
N ALA B 114 -16.93 -15.32 -30.99
CA ALA B 114 -17.79 -15.34 -32.15
C ALA B 114 -17.99 -16.77 -32.64
N ASP B 115 -19.11 -16.99 -33.32
CA ASP B 115 -19.41 -18.31 -33.87
C ASP B 115 -18.39 -18.69 -34.94
N ALA B 116 -18.13 -19.99 -35.04
CA ALA B 116 -17.22 -20.52 -36.05
C ALA B 116 -17.80 -21.84 -36.56
N ALA B 117 -18.08 -21.90 -37.85
CA ALA B 117 -18.56 -23.14 -38.45
C ALA B 117 -17.42 -24.16 -38.49
N PRO B 118 -17.75 -25.45 -38.42
CA PRO B 118 -16.70 -26.47 -38.49
C PRO B 118 -16.26 -26.74 -39.92
N THR B 119 -14.95 -26.87 -40.11
CA THR B 119 -14.42 -27.47 -41.32
C THR B 119 -14.54 -29.00 -41.19
N VAL B 120 -15.29 -29.61 -42.11
CA VAL B 120 -15.62 -31.03 -42.01
C VAL B 120 -14.70 -31.81 -42.93
N SER B 121 -13.97 -32.77 -42.36
CA SER B 121 -13.21 -33.75 -43.12
C SER B 121 -13.83 -35.12 -42.91
N ILE B 122 -13.70 -35.98 -43.91
CA ILE B 122 -14.12 -37.37 -43.80
C ILE B 122 -12.96 -38.26 -44.22
N PHE B 123 -12.78 -39.37 -43.50
CA PHE B 123 -11.72 -40.32 -43.78
C PHE B 123 -12.32 -41.70 -44.02
N PRO B 124 -11.98 -42.38 -45.12
CA PRO B 124 -12.44 -43.74 -45.32
C PRO B 124 -11.55 -44.72 -44.57
N PRO B 125 -11.97 -45.98 -44.41
CA PRO B 125 -11.12 -46.95 -43.71
C PRO B 125 -9.87 -47.25 -44.50
N SER B 126 -8.75 -47.39 -43.79
CA SER B 126 -7.51 -47.78 -44.42
C SER B 126 -7.61 -49.21 -44.95
N SER B 127 -6.83 -49.50 -45.99
CA SER B 127 -6.76 -50.87 -46.50
C SER B 127 -6.15 -51.81 -45.47
N GLU B 128 -5.30 -51.29 -44.59
CA GLU B 128 -4.72 -52.14 -43.55
C GLU B 128 -5.77 -52.60 -42.54
N GLN B 129 -6.75 -51.74 -42.24
CA GLN B 129 -7.80 -52.15 -41.31
C GLN B 129 -8.77 -53.13 -41.96
N LEU B 130 -9.09 -52.92 -43.24
CA LEU B 130 -10.03 -53.80 -43.93
C LEU B 130 -9.55 -55.24 -43.90
N THR B 131 -8.25 -55.46 -44.12
CA THR B 131 -7.58 -56.74 -43.91
C THR B 131 -8.08 -57.47 -42.66
N SER B 132 -8.32 -56.73 -41.58
CA SER B 132 -8.75 -57.33 -40.33
C SER B 132 -10.22 -57.76 -40.34
N GLY B 133 -11.02 -57.23 -41.26
CA GLY B 133 -12.43 -57.53 -41.30
C GLY B 133 -13.32 -56.55 -40.58
N THR B 134 -12.80 -55.38 -40.21
CA THR B 134 -13.60 -54.31 -39.63
C THR B 134 -13.30 -53.03 -40.38
N ALA B 135 -14.31 -52.17 -40.49
CA ALA B 135 -14.18 -50.92 -41.25
C ALA B 135 -14.66 -49.77 -40.37
N SER B 136 -13.72 -48.93 -39.95
CA SER B 136 -14.03 -47.69 -39.23
C SER B 136 -14.03 -46.53 -40.22
N VAL B 137 -15.07 -45.70 -40.15
CA VAL B 137 -15.18 -44.49 -40.95
C VAL B 137 -15.25 -43.30 -40.00
N VAL B 138 -14.38 -42.31 -40.21
CA VAL B 138 -14.18 -41.23 -39.26
C VAL B 138 -14.58 -39.90 -39.90
N CYS B 139 -15.32 -39.09 -39.14
CA CYS B 139 -15.76 -37.76 -39.55
C CYS B 139 -15.21 -36.75 -38.55
N LEU B 140 -14.47 -35.77 -39.05
CA LEU B 140 -13.85 -34.75 -38.21
C LEU B 140 -14.57 -33.41 -38.39
N LEU B 141 -14.95 -32.79 -37.27
CA LEU B 141 -15.48 -31.44 -37.24
C LEU B 141 -14.45 -30.58 -36.52
N ASN B 142 -13.76 -29.72 -37.26
CA ASN B 142 -12.56 -29.05 -36.78
C ASN B 142 -12.83 -27.57 -36.49
N ASN B 143 -12.39 -27.13 -35.31
CA ASN B 143 -12.36 -25.72 -34.93
C ASN B 143 -13.71 -25.02 -35.11
N PHE B 144 -14.63 -25.28 -34.19
CA PHE B 144 -15.98 -24.72 -34.28
C PHE B 144 -16.41 -24.23 -32.91
N TYR B 145 -17.34 -23.27 -32.91
CA TYR B 145 -17.91 -22.68 -31.72
C TYR B 145 -19.33 -22.24 -32.06
N PRO B 146 -20.31 -22.47 -31.17
CA PRO B 146 -20.24 -23.13 -29.85
C PRO B 146 -20.17 -24.65 -29.90
N ARG B 147 -19.98 -25.25 -28.72
CA ARG B 147 -19.68 -26.67 -28.60
C ARG B 147 -20.80 -27.55 -29.18
N GLU B 148 -22.03 -27.06 -29.20
CA GLU B 148 -23.15 -27.89 -29.60
C GLU B 148 -23.09 -28.17 -31.10
N ALA B 149 -23.03 -29.45 -31.45
CA ALA B 149 -22.99 -29.89 -32.84
C ALA B 149 -23.61 -31.28 -32.93
N LYS B 150 -24.39 -31.51 -33.99
CA LYS B 150 -25.01 -32.80 -34.23
C LYS B 150 -24.42 -33.43 -35.47
N VAL B 151 -24.10 -34.72 -35.39
CA VAL B 151 -23.49 -35.47 -36.47
C VAL B 151 -24.33 -36.71 -36.72
N GLN B 152 -24.83 -36.86 -37.94
CA GLN B 152 -25.61 -38.02 -38.34
C GLN B 152 -24.91 -38.73 -39.49
N TRP B 153 -24.86 -40.06 -39.41
CA TRP B 153 -24.24 -40.88 -40.44
C TRP B 153 -25.31 -41.43 -41.38
N LYS B 154 -25.06 -41.33 -42.68
CA LYS B 154 -25.89 -41.95 -43.69
C LYS B 154 -25.04 -42.91 -44.52
N VAL B 155 -25.61 -44.05 -44.88
CA VAL B 155 -24.98 -45.02 -45.76
C VAL B 155 -25.95 -45.31 -46.89
N ASP B 156 -25.59 -44.94 -48.11
CA ASP B 156 -26.50 -44.95 -49.26
C ASP B 156 -27.82 -44.27 -48.90
N ASN B 157 -27.74 -43.12 -48.24
CA ASN B 157 -28.84 -42.25 -47.87
C ASN B 157 -29.67 -42.80 -46.70
N ALA B 158 -29.27 -43.93 -46.12
CA ALA B 158 -29.99 -44.52 -45.00
C ALA B 158 -29.34 -44.11 -43.69
N LEU B 159 -30.17 -43.62 -42.76
CA LEU B 159 -29.66 -43.18 -41.46
C LEU B 159 -29.17 -44.36 -40.65
N GLN B 160 -28.10 -44.13 -39.88
CA GLN B 160 -27.45 -45.17 -39.09
C GLN B 160 -27.72 -44.93 -37.61
N SER B 161 -27.99 -46.01 -36.87
CA SER B 161 -28.19 -45.95 -35.44
C SER B 161 -27.41 -47.08 -34.77
N GLY B 162 -26.79 -46.77 -33.63
CA GLY B 162 -26.17 -47.78 -32.81
C GLY B 162 -24.81 -48.25 -33.27
N ASN B 163 -24.25 -47.67 -34.34
CA ASN B 163 -22.97 -48.08 -34.88
C ASN B 163 -21.97 -46.94 -34.97
N SER B 164 -22.15 -45.88 -34.17
CA SER B 164 -21.22 -44.77 -34.18
C SER B 164 -21.05 -44.22 -32.76
N GLN B 165 -19.93 -43.51 -32.57
CA GLN B 165 -19.59 -42.85 -31.32
C GLN B 165 -18.81 -41.60 -31.65
N GLU B 166 -18.84 -40.64 -30.72
CA GLU B 166 -18.15 -39.37 -30.94
C GLU B 166 -17.52 -38.88 -29.65
N SER B 167 -16.47 -38.08 -29.79
CA SER B 167 -15.88 -37.37 -28.65
C SER B 167 -15.58 -35.94 -29.07
N VAL B 168 -15.53 -35.05 -28.08
CA VAL B 168 -15.23 -33.65 -28.30
C VAL B 168 -13.99 -33.29 -27.49
N THR B 169 -13.13 -32.45 -28.06
CA THR B 169 -12.01 -31.92 -27.31
C THR B 169 -12.49 -30.85 -26.33
N GLU B 170 -11.60 -30.46 -25.42
CA GLU B 170 -11.86 -29.30 -24.60
C GLU B 170 -11.70 -28.03 -25.45
N GLN B 171 -11.92 -26.88 -24.81
CA GLN B 171 -11.83 -25.62 -25.55
C GLN B 171 -10.36 -25.28 -25.81
N ASP B 172 -10.06 -24.93 -27.06
CA ASP B 172 -8.69 -24.63 -27.46
C ASP B 172 -8.17 -23.39 -26.74
N SER B 173 -6.91 -23.46 -26.29
CA SER B 173 -6.34 -22.38 -25.50
C SER B 173 -5.97 -21.16 -26.33
N LYS B 174 -6.09 -21.21 -27.65
CA LYS B 174 -5.66 -20.13 -28.52
C LYS B 174 -6.81 -19.45 -29.25
N ASP B 175 -7.67 -20.20 -29.92
CA ASP B 175 -8.81 -19.64 -30.62
C ASP B 175 -10.15 -19.97 -29.97
N SER B 176 -10.14 -20.69 -28.84
CA SER B 176 -11.33 -20.95 -28.04
C SER B 176 -12.38 -21.74 -28.81
N THR B 177 -11.94 -22.57 -29.76
CA THR B 177 -12.82 -23.46 -30.50
C THR B 177 -12.75 -24.88 -29.95
N TYR B 178 -13.71 -25.69 -30.37
CA TYR B 178 -13.74 -27.11 -30.10
C TYR B 178 -13.55 -27.89 -31.40
N SER B 179 -13.11 -29.14 -31.26
CA SER B 179 -13.08 -30.08 -32.37
C SER B 179 -13.85 -31.33 -31.96
N LEU B 180 -14.30 -32.08 -32.97
CA LEU B 180 -15.15 -33.24 -32.73
C LEU B 180 -14.79 -34.33 -33.71
N SER B 181 -14.66 -35.56 -33.21
CA SER B 181 -14.34 -36.72 -34.02
C SER B 181 -15.43 -37.76 -33.85
N SER B 182 -15.92 -38.29 -34.96
CA SER B 182 -16.99 -39.29 -34.96
C SER B 182 -16.51 -40.50 -35.75
N THR B 183 -16.83 -41.69 -35.24
CA THR B 183 -16.34 -42.93 -35.84
C THR B 183 -17.51 -43.87 -36.07
N LEU B 184 -17.74 -44.23 -37.33
CA LEU B 184 -18.72 -45.24 -37.70
C LEU B 184 -18.00 -46.57 -37.90
N THR B 185 -18.53 -47.62 -37.28
CA THR B 185 -17.88 -48.92 -37.29
C THR B 185 -18.77 -49.94 -37.96
N LEU B 186 -18.22 -50.63 -38.96
CA LEU B 186 -18.93 -51.65 -39.73
C LEU B 186 -18.00 -52.83 -39.92
N SER B 187 -18.58 -53.97 -40.31
CA SER B 187 -17.79 -55.08 -40.79
C SER B 187 -17.31 -54.78 -42.21
N LYS B 188 -16.17 -55.37 -42.58
CA LYS B 188 -15.68 -55.22 -43.95
C LYS B 188 -16.71 -55.68 -44.96
N ALA B 189 -17.50 -56.70 -44.64
CA ALA B 189 -18.49 -57.20 -45.58
C ALA B 189 -19.61 -56.20 -45.78
N ASP B 190 -20.13 -55.63 -44.69
CA ASP B 190 -21.15 -54.58 -44.80
C ASP B 190 -20.62 -53.37 -45.55
N TYR B 191 -19.40 -52.94 -45.23
CA TYR B 191 -18.84 -51.75 -45.86
C TYR B 191 -18.68 -51.93 -47.37
N GLU B 192 -18.42 -53.15 -47.83
CA GLU B 192 -18.26 -53.40 -49.27
C GLU B 192 -19.59 -53.49 -50.01
N LYS B 193 -20.71 -53.57 -49.31
CA LYS B 193 -22.01 -53.66 -49.98
C LYS B 193 -22.65 -52.29 -50.21
N HIS B 194 -21.96 -51.20 -49.84
CA HIS B 194 -22.52 -49.86 -49.95
C HIS B 194 -21.46 -48.92 -50.52
N LYS B 195 -21.93 -47.86 -51.16
CA LYS B 195 -21.05 -46.99 -51.95
C LYS B 195 -20.96 -45.56 -51.43
N VAL B 196 -22.08 -44.95 -51.04
CA VAL B 196 -22.09 -43.57 -50.57
C VAL B 196 -22.05 -43.57 -49.05
N TYR B 197 -20.97 -43.02 -48.49
CA TYR B 197 -20.80 -42.90 -47.05
C TYR B 197 -20.77 -41.42 -46.71
N ALA B 198 -21.72 -40.97 -45.88
CA ALA B 198 -22.01 -39.56 -45.72
C ALA B 198 -22.10 -39.21 -44.24
N CYS B 199 -21.74 -37.97 -43.93
CA CYS B 199 -21.71 -37.49 -42.55
C CYS B 199 -22.28 -36.07 -42.55
N GLU B 200 -23.46 -35.92 -41.95
CA GLU B 200 -24.25 -34.70 -42.04
C GLU B 200 -24.17 -33.94 -40.73
N VAL B 201 -23.70 -32.70 -40.79
CA VAL B 201 -23.43 -31.89 -39.61
C VAL B 201 -24.44 -30.76 -39.53
N THR B 202 -25.12 -30.65 -38.41
CA THR B 202 -25.94 -29.49 -38.07
C THR B 202 -25.19 -28.68 -37.03
N HIS B 203 -24.87 -27.43 -37.36
CA HIS B 203 -24.24 -26.53 -36.40
C HIS B 203 -24.79 -25.13 -36.59
N GLN B 204 -24.85 -24.39 -35.47
CA GLN B 204 -25.43 -23.05 -35.46
C GLN B 204 -24.70 -22.10 -36.40
N GLY B 205 -23.38 -22.26 -36.55
CA GLY B 205 -22.61 -21.41 -37.43
C GLY B 205 -22.71 -21.70 -38.90
N LEU B 206 -23.51 -22.68 -39.30
CA LEU B 206 -23.67 -23.03 -40.71
C LEU B 206 -24.88 -22.31 -41.30
N SER B 208 -26.97 -23.92 -43.80
CA SER B 208 -27.75 -25.15 -43.66
C SER B 208 -26.85 -26.31 -43.30
N PRO B 209 -27.43 -27.48 -42.99
CA PRO B 209 -26.60 -28.68 -42.81
C PRO B 209 -25.70 -28.93 -44.01
N VAL B 210 -24.51 -29.47 -43.74
CA VAL B 210 -23.49 -29.69 -44.75
C VAL B 210 -23.10 -31.17 -44.68
N THR B 211 -23.46 -31.93 -45.71
CA THR B 211 -23.13 -33.34 -45.78
C THR B 211 -21.76 -33.51 -46.43
N LYS B 212 -20.83 -34.13 -45.69
CA LYS B 212 -19.52 -34.49 -46.22
C LYS B 212 -19.51 -35.99 -46.47
N SER B 213 -19.31 -36.38 -47.72
CA SER B 213 -19.39 -37.78 -48.11
C SER B 213 -18.17 -38.19 -48.93
N PHE B 214 -17.99 -39.50 -49.02
CA PHE B 214 -17.12 -40.11 -50.02
C PHE B 214 -17.84 -41.27 -50.68
N ASN B 215 -17.38 -41.61 -51.87
CA ASN B 215 -17.88 -42.76 -52.61
C ASN B 215 -16.79 -43.81 -52.69
N ARG B 216 -17.17 -45.07 -52.48
CA ARG B 216 -16.21 -46.16 -52.49
C ARG B 216 -15.60 -46.32 -53.88
N GLY B 217 -14.31 -46.60 -53.92
CA GLY B 217 -13.63 -46.74 -55.21
C GLY B 217 -13.36 -45.41 -55.88
N GLU B 218 -14.39 -44.60 -56.05
CA GLU B 218 -14.26 -43.30 -56.70
C GLU B 218 -13.38 -42.38 -55.87
N CYS B 219 -12.68 -41.48 -56.55
CA CYS B 219 -11.77 -40.54 -55.90
C CYS B 219 -12.46 -39.21 -55.59
N VAL C 2 51.08 -12.19 7.96
CA VAL C 2 50.33 -13.28 8.58
C VAL C 2 49.50 -14.00 7.52
N GLN C 3 49.62 -15.33 7.48
CA GLN C 3 48.83 -16.16 6.58
C GLN C 3 48.33 -17.39 7.31
N LEU C 4 47.11 -17.80 6.99
CA LEU C 4 46.47 -18.97 7.57
C LEU C 4 46.04 -19.92 6.46
N LEU C 5 46.38 -21.20 6.62
CA LEU C 5 46.06 -22.24 5.63
C LEU C 5 45.28 -23.36 6.31
N GLU C 6 44.18 -23.78 5.69
CA GLU C 6 43.24 -24.73 6.25
C GLU C 6 43.30 -26.04 5.47
N SER C 7 43.92 -27.05 6.07
CA SER C 7 44.26 -28.32 5.41
C SER C 7 43.34 -29.41 5.96
N GLY C 8 42.27 -29.71 5.22
CA GLY C 8 41.37 -30.77 5.64
C GLY C 8 40.62 -31.45 4.50
N PRO C 9 39.98 -32.57 4.83
CA PRO C 9 39.29 -33.36 3.79
C PRO C 9 38.05 -32.67 3.24
N SER C 10 37.86 -32.80 1.93
CA SER C 10 36.71 -32.20 1.26
C SER C 10 35.41 -32.93 1.62
N LEU C 11 35.47 -34.25 1.77
CA LEU C 11 34.28 -35.06 1.97
C LEU C 11 34.44 -35.92 3.22
N VAL C 12 33.46 -35.83 4.12
CA VAL C 12 33.43 -36.60 5.36
C VAL C 12 32.15 -37.41 5.41
N LYS C 13 32.27 -38.66 5.84
CA LYS C 13 31.11 -39.53 5.96
C LYS C 13 30.25 -39.08 7.14
N PRO C 14 28.93 -39.23 7.04
CA PRO C 14 28.07 -38.86 8.17
C PRO C 14 28.41 -39.67 9.41
N SER C 15 28.30 -39.02 10.56
CA SER C 15 28.56 -39.58 11.90
C SER C 15 30.05 -39.79 12.17
N GLN C 16 30.92 -39.26 11.31
CA GLN C 16 32.36 -39.39 11.48
C GLN C 16 32.98 -38.06 11.88
N THR C 17 33.98 -38.13 12.76
CA THR C 17 34.62 -36.93 13.28
C THR C 17 35.26 -36.13 12.17
N LEU C 18 35.04 -34.82 12.19
CA LEU C 18 35.68 -33.89 11.26
C LEU C 18 36.95 -33.35 11.89
N SER C 19 38.00 -33.23 11.07
CA SER C 19 39.33 -32.86 11.55
C SER C 19 39.93 -31.87 10.58
N LEU C 20 40.27 -30.69 11.06
CA LEU C 20 40.82 -29.62 10.23
C LEU C 20 42.04 -29.02 10.89
N THR C 21 43.09 -28.81 10.10
CA THR C 21 44.32 -28.18 10.56
C THR C 21 44.38 -26.76 10.00
N CYS C 22 44.74 -25.81 10.87
CA CYS C 22 45.10 -24.47 10.45
C CYS C 22 46.58 -24.27 10.76
N SER C 23 47.35 -23.89 9.74
CA SER C 23 48.78 -23.66 9.87
C SER C 23 49.09 -22.19 9.70
N VAL C 24 49.82 -21.62 10.64
CA VAL C 24 50.08 -20.19 10.71
C VAL C 24 51.54 -19.92 10.41
N THR C 25 51.81 -18.81 9.73
CA THR C 25 53.16 -18.33 9.48
C THR C 25 53.17 -16.82 9.66
N GLY C 26 54.35 -16.28 9.97
CA GLY C 26 54.46 -14.85 10.19
C GLY C 26 53.87 -14.38 11.49
N ASP C 27 53.54 -15.30 12.40
CA ASP C 27 53.02 -14.99 13.72
C ASP C 27 52.96 -16.30 14.50
N SER C 28 53.06 -16.19 15.82
CA SER C 28 53.06 -17.35 16.70
C SER C 28 51.69 -17.51 17.35
N ILE C 29 51.22 -18.75 17.43
CA ILE C 29 49.93 -19.03 18.05
C ILE C 29 49.98 -18.89 19.56
N THR C 30 51.16 -18.70 20.13
CA THR C 30 51.30 -18.37 21.55
C THR C 30 51.03 -16.90 21.83
N SER C 31 50.50 -16.16 20.86
CA SER C 31 50.04 -14.79 21.06
C SER C 31 48.65 -14.63 20.45
N GLY C 32 47.74 -14.02 21.20
CA GLY C 32 46.42 -13.71 20.69
C GLY C 32 45.41 -14.83 20.87
N TYR C 33 44.41 -14.86 19.98
CA TYR C 33 43.39 -15.88 19.98
C TYR C 33 43.20 -16.39 18.57
N TRP C 34 42.79 -17.65 18.45
CA TRP C 34 42.86 -18.38 17.18
C TRP C 34 41.55 -19.12 16.95
N ASN C 35 40.79 -18.67 15.97
CA ASN C 35 39.37 -18.93 15.87
C ASN C 35 39.06 -19.84 14.68
N TRP C 36 37.94 -20.54 14.80
CA TRP C 36 37.36 -21.29 13.68
C TRP C 36 35.98 -20.73 13.38
N ILE C 37 35.68 -20.57 12.10
CA ILE C 37 34.42 -20.01 11.62
C ILE C 37 33.99 -20.84 10.43
N ARG C 38 32.68 -21.07 10.30
CA ARG C 38 32.15 -21.82 9.17
C ARG C 38 30.98 -21.07 8.55
N LYS C 39 30.83 -21.25 7.25
CA LYS C 39 29.77 -20.62 6.47
C LYS C 39 28.91 -21.71 5.86
N PHE C 40 27.64 -21.75 6.24
CA PHE C 40 26.68 -22.72 5.74
C PHE C 40 26.22 -22.35 4.34
N PRO C 41 25.70 -23.33 3.58
CA PRO C 41 25.07 -22.99 2.31
C PRO C 41 23.89 -22.07 2.60
N GLY C 42 23.73 -21.05 1.76
CA GLY C 42 22.79 -19.99 2.03
C GLY C 42 23.40 -18.78 2.69
N ASN C 43 24.73 -18.76 2.88
CA ASN C 43 25.55 -17.65 3.34
C ASN C 43 25.54 -17.31 4.83
N LYS C 44 24.91 -18.09 5.69
CA LYS C 44 24.95 -17.78 7.12
C LYS C 44 26.29 -18.15 7.73
N LEU C 45 26.78 -17.29 8.63
CA LEU C 45 28.05 -17.47 9.32
C LEU C 45 27.81 -17.91 10.77
N GLU C 46 28.62 -18.86 11.24
CA GLU C 46 28.50 -19.39 12.59
C GLU C 46 29.88 -19.46 13.23
N TYR C 47 30.05 -18.78 14.36
CA TYR C 47 31.27 -18.93 15.13
C TYR C 47 31.31 -20.29 15.80
N MET C 48 32.48 -20.92 15.79
CA MET C 48 32.67 -22.22 16.41
C MET C 48 33.45 -22.17 17.71
N GLY C 49 34.62 -21.54 17.70
CA GLY C 49 35.37 -21.36 18.93
C GLY C 49 36.79 -20.89 18.64
N TYR C 50 37.51 -20.61 19.72
CA TYR C 50 38.92 -20.26 19.63
C TYR C 50 39.75 -21.14 20.54
N ILE C 51 41.06 -21.13 20.30
CA ILE C 51 42.07 -21.50 21.27
C ILE C 51 42.94 -20.28 21.54
N SER C 52 43.21 -20.01 22.82
CA SER C 52 43.91 -18.80 23.20
C SER C 52 45.42 -19.00 23.14
N TYR C 53 46.13 -17.88 23.31
CA TYR C 53 47.59 -17.91 23.37
C TYR C 53 48.12 -18.80 24.49
N SER C 54 47.28 -19.16 25.45
CA SER C 54 47.69 -19.97 26.59
C SER C 54 47.19 -21.41 26.51
N GLY C 55 46.48 -21.77 25.45
CA GLY C 55 45.92 -23.10 25.32
C GLY C 55 44.48 -23.23 25.76
N SER C 56 43.87 -22.16 26.25
CA SER C 56 42.50 -22.22 26.75
C SER C 56 41.50 -22.08 25.62
N THR C 57 40.36 -22.74 25.77
CA THR C 57 39.38 -22.85 24.71
C THR C 57 38.06 -22.19 25.12
N TYR C 58 37.32 -21.76 24.12
CA TYR C 58 35.95 -21.27 24.26
C TYR C 58 35.17 -21.77 23.06
N TYR C 59 34.00 -22.35 23.30
CA TYR C 59 33.23 -22.98 22.25
C TYR C 59 31.83 -22.39 22.20
N ASN C 60 31.28 -22.28 21.00
CA ASN C 60 29.89 -21.91 20.83
C ASN C 60 29.02 -22.89 21.60
N PRO C 61 28.21 -22.43 22.56
CA PRO C 61 27.41 -23.36 23.39
C PRO C 61 26.59 -24.36 22.60
N SER C 62 26.18 -24.02 21.37
CA SER C 62 25.45 -24.96 20.54
C SER C 62 26.35 -26.07 19.96
N LEU C 63 27.67 -25.94 20.09
CA LEU C 63 28.59 -26.97 19.64
C LEU C 63 29.45 -27.56 20.76
N LYS C 64 29.32 -27.04 21.99
CA LYS C 64 30.20 -27.45 23.09
C LYS C 64 30.26 -28.96 23.28
N SER C 65 29.24 -29.70 22.85
CA SER C 65 29.18 -31.13 23.17
C SER C 65 30.17 -31.92 22.33
N ARG C 66 30.31 -31.60 21.05
CA ARG C 66 31.08 -32.43 20.13
C ARG C 66 32.27 -31.72 19.50
N ILE C 67 32.57 -30.48 19.87
CA ILE C 67 33.68 -29.74 19.27
C ILE C 67 34.87 -29.80 20.22
N SER C 68 36.07 -29.71 19.64
CA SER C 68 37.31 -29.68 20.41
C SER C 68 38.36 -28.97 19.58
N ILE C 69 39.09 -28.05 20.22
CA ILE C 69 40.13 -27.27 19.53
C ILE C 69 41.43 -27.42 20.29
N THR C 70 42.47 -27.87 19.60
CA THR C 70 43.78 -28.17 20.17
C THR C 70 44.84 -27.42 19.36
N ARG C 71 46.09 -27.54 19.79
CA ARG C 71 47.17 -26.85 19.09
C ARG C 71 48.48 -27.59 19.30
N ASP C 72 49.45 -27.29 18.44
CA ASP C 72 50.82 -27.76 18.58
C ASP C 72 51.73 -26.53 18.40
N THR C 73 52.28 -26.04 19.51
CA THR C 73 53.03 -24.80 19.46
C THR C 73 54.37 -24.94 18.75
N SER C 74 54.92 -26.14 18.68
CA SER C 74 56.18 -26.36 17.97
C SER C 74 55.97 -26.57 16.47
N LYS C 75 54.73 -26.68 16.03
CA LYS C 75 54.39 -26.67 14.61
C LYS C 75 53.69 -25.39 14.19
N ASN C 76 53.40 -24.49 15.13
CA ASN C 76 52.56 -23.32 14.91
C ASN C 76 51.27 -23.70 14.18
N GLN C 77 50.65 -24.78 14.65
CA GLN C 77 49.40 -25.27 14.09
C GLN C 77 48.38 -25.40 15.21
N TYR C 78 47.10 -25.20 14.86
CA TYR C 78 46.01 -25.58 15.73
C TYR C 78 44.95 -26.31 14.92
N TYR C 79 44.06 -27.00 15.63
CA TYR C 79 43.28 -28.08 15.05
C TYR C 79 41.84 -28.01 15.52
N LEU C 80 40.92 -28.31 14.61
CA LEU C 80 39.50 -28.39 14.90
C LEU C 80 39.04 -29.85 14.86
N GLN C 81 38.15 -30.22 15.78
CA GLN C 81 37.55 -31.54 15.81
C GLN C 81 36.05 -31.39 16.02
N LEU C 82 35.26 -32.00 15.13
CA LEU C 82 33.80 -31.96 15.21
C LEU C 82 33.27 -33.38 15.03
N ASN C 83 32.82 -34.00 16.11
CA ASN C 83 32.36 -35.38 16.07
C ASN C 83 30.94 -35.46 15.54
N SER C 84 30.52 -36.69 15.23
CA SER C 84 29.13 -37.06 14.93
C SER C 84 28.49 -36.09 13.93
N VAL C 85 29.19 -35.81 12.84
CA VAL C 85 28.72 -34.81 11.89
C VAL C 85 27.42 -35.29 11.23
N THR C 86 26.70 -34.32 10.66
CA THR C 86 25.51 -34.58 9.86
C THR C 86 25.54 -33.66 8.66
N THR C 87 24.58 -33.86 7.75
CA THR C 87 24.54 -33.06 6.52
C THR C 87 24.47 -31.56 6.83
N GLU C 88 23.93 -31.19 7.98
CA GLU C 88 23.89 -29.78 8.37
C GLU C 88 25.26 -29.23 8.74
N ASP C 89 26.28 -30.07 8.86
CA ASP C 89 27.64 -29.60 9.08
C ASP C 89 28.39 -29.34 7.78
N THR C 90 27.75 -29.56 6.63
CA THR C 90 28.36 -29.21 5.36
C THR C 90 28.47 -27.70 5.25
N ALA C 91 29.69 -27.20 5.04
CA ALA C 91 29.94 -25.77 5.13
C ALA C 91 31.32 -25.49 4.57
N THR C 92 31.67 -24.21 4.51
CA THR C 92 33.04 -23.77 4.27
C THR C 92 33.63 -23.29 5.59
N TYR C 93 34.79 -23.84 5.94
CA TYR C 93 35.38 -23.64 7.26
C TYR C 93 36.60 -22.73 7.18
N TYR C 94 36.62 -21.69 8.02
CA TYR C 94 37.68 -20.71 8.06
C TYR C 94 38.37 -20.74 9.41
N CYS C 95 39.68 -20.50 9.42
CA CYS C 95 40.37 -20.11 10.64
C CYS C 95 40.79 -18.64 10.54
N ALA C 96 40.76 -17.95 11.67
CA ALA C 96 41.04 -16.52 11.72
C ALA C 96 41.73 -16.16 13.03
N ARG C 97 42.44 -15.05 13.00
CA ARG C 97 43.16 -14.54 14.16
C ARG C 97 42.44 -13.34 14.78
N ILE C 98 42.41 -13.30 16.10
CA ILE C 98 42.06 -12.09 16.85
C ILE C 98 43.27 -11.67 17.68
N THR C 99 43.59 -10.39 17.64
CA THR C 99 44.52 -9.77 18.59
C THR C 99 43.78 -8.71 19.39
N THR C 100 44.44 -8.21 20.43
CA THR C 100 43.89 -7.17 21.28
C THR C 100 44.09 -5.77 20.70
N ALA C 101 44.78 -5.65 19.56
CA ALA C 101 44.85 -4.37 18.88
C ALA C 101 43.54 -4.03 18.18
N TYR C 102 42.74 -5.05 17.84
CA TYR C 102 41.49 -4.88 17.11
C TYR C 102 40.31 -5.51 17.82
N TYR C 103 40.53 -6.59 18.57
CA TYR C 103 39.49 -7.39 19.20
C TYR C 103 38.51 -7.98 18.19
N ALA C 104 38.89 -7.98 16.91
CA ALA C 104 38.10 -8.55 15.82
C ALA C 104 39.00 -9.48 15.00
N MET C 105 38.39 -10.14 14.02
CA MET C 105 39.06 -11.16 13.22
C MET C 105 39.66 -10.48 12.00
N ASP C 106 40.96 -10.18 12.08
CA ASP C 106 41.62 -9.36 11.07
C ASP C 106 42.14 -10.20 9.90
N TYR C 107 42.89 -11.25 10.20
CA TYR C 107 43.46 -12.13 9.19
C TYR C 107 42.66 -13.42 9.11
N TRP C 108 42.23 -13.77 7.92
CA TRP C 108 41.50 -15.01 7.68
C TRP C 108 42.31 -15.86 6.70
N GLY C 109 41.96 -17.13 6.64
CA GLY C 109 42.40 -17.97 5.56
C GLY C 109 41.38 -18.01 4.44
N GLN C 110 41.84 -18.36 3.24
CA GLN C 110 40.94 -18.95 2.27
C GLN C 110 40.19 -20.10 2.93
N GLY C 111 39.00 -20.39 2.46
CA GLY C 111 38.22 -21.39 3.14
C GLY C 111 38.46 -22.78 2.62
N THR C 112 38.02 -23.76 3.40
CA THR C 112 38.03 -25.16 2.99
C THR C 112 36.59 -25.65 2.95
N SER C 113 36.22 -26.29 1.85
CA SER C 113 34.87 -26.82 1.67
C SER C 113 34.81 -28.23 2.24
N VAL C 114 33.90 -28.45 3.18
CA VAL C 114 33.65 -29.75 3.77
C VAL C 114 32.23 -30.16 3.39
N THR C 115 32.07 -31.39 2.92
CA THR C 115 30.77 -31.91 2.53
C THR C 115 30.52 -33.22 3.26
N VAL C 116 29.36 -33.30 3.91
CA VAL C 116 28.94 -34.51 4.61
C VAL C 116 27.92 -35.20 3.72
N SER C 117 28.29 -36.37 3.17
CA SER C 117 27.40 -37.08 2.26
C SER C 117 27.85 -38.52 2.14
N SER C 118 26.88 -39.39 1.82
CA SER C 118 27.17 -40.79 1.56
C SER C 118 27.84 -41.00 0.21
N ALA C 119 27.54 -40.13 -0.76
CA ALA C 119 28.00 -40.34 -2.13
C ALA C 119 29.53 -40.34 -2.22
N SER C 120 30.04 -41.11 -3.18
CA SER C 120 31.46 -41.24 -3.43
C SER C 120 31.99 -40.09 -4.29
N THR C 121 33.24 -39.72 -4.05
CA THR C 121 33.89 -38.65 -4.81
C THR C 121 33.99 -39.03 -6.29
N LYS C 122 33.73 -38.04 -7.16
CA LYS C 122 33.75 -38.24 -8.61
C LYS C 122 34.39 -37.03 -9.27
N GLY C 123 35.32 -37.29 -10.19
CA GLY C 123 35.97 -36.23 -10.93
C GLY C 123 35.13 -35.79 -12.12
N PRO C 124 35.30 -34.54 -12.53
CA PRO C 124 34.43 -33.98 -13.56
C PRO C 124 34.83 -34.40 -14.97
N SER C 125 33.85 -34.28 -15.87
CA SER C 125 34.10 -34.30 -17.30
C SER C 125 34.13 -32.87 -17.82
N VAL C 126 35.10 -32.58 -18.68
CA VAL C 126 35.31 -31.22 -19.19
C VAL C 126 35.07 -31.24 -20.70
N PHE C 127 34.07 -30.49 -21.14
CA PHE C 127 33.70 -30.38 -22.54
C PHE C 127 33.85 -28.94 -22.99
N PRO C 128 34.32 -28.71 -24.22
CA PRO C 128 34.48 -27.34 -24.70
C PRO C 128 33.14 -26.73 -25.10
N LEU C 129 33.03 -25.42 -24.85
CA LEU C 129 31.96 -24.60 -25.39
C LEU C 129 32.60 -23.78 -26.50
N ALA C 130 32.63 -24.36 -27.70
CA ALA C 130 33.36 -23.75 -28.80
C ALA C 130 32.69 -22.46 -29.24
N PRO C 131 33.45 -21.39 -29.47
CA PRO C 131 32.88 -20.18 -30.06
C PRO C 131 32.54 -20.41 -31.52
N SER C 132 31.43 -19.84 -31.96
CA SER C 132 30.99 -19.93 -33.34
C SER C 132 30.23 -18.66 -33.69
N SER C 133 29.55 -18.69 -34.85
CA SER C 133 28.70 -17.57 -35.25
C SER C 133 27.45 -17.46 -34.40
N LYS C 134 27.21 -18.42 -33.50
CA LYS C 134 26.08 -18.39 -32.59
C LYS C 134 26.46 -17.87 -31.22
N SER C 135 27.74 -17.54 -31.01
CA SER C 135 28.21 -16.95 -29.75
C SER C 135 29.06 -15.71 -30.03
N THR C 136 28.87 -15.08 -31.19
CA THR C 136 29.55 -13.85 -31.54
C THR C 136 28.56 -12.69 -31.63
N SER C 137 29.08 -11.49 -31.38
CA SER C 137 28.35 -10.24 -31.56
C SER C 137 29.37 -9.12 -31.58
N GLY C 138 29.13 -8.11 -32.39
CA GLY C 138 30.17 -7.13 -32.61
C GLY C 138 31.45 -7.81 -33.05
N GLY C 139 32.58 -7.35 -32.51
CA GLY C 139 33.83 -8.04 -32.76
C GLY C 139 34.22 -8.97 -31.62
N THR C 140 33.25 -9.44 -30.86
CA THR C 140 33.49 -10.17 -29.61
C THR C 140 32.88 -11.56 -29.70
N ALA C 141 33.66 -12.57 -29.33
CA ALA C 141 33.22 -13.96 -29.27
C ALA C 141 33.18 -14.43 -27.83
N ALA C 142 32.13 -15.17 -27.49
CA ALA C 142 32.05 -15.86 -26.20
C ALA C 142 32.44 -17.32 -26.35
N LEU C 143 33.07 -17.87 -25.32
CA LEU C 143 33.63 -19.20 -25.36
C LEU C 143 33.94 -19.65 -23.93
N GLY C 144 33.96 -20.96 -23.73
CA GLY C 144 34.00 -21.45 -22.37
C GLY C 144 34.20 -22.94 -22.29
N CYS C 145 34.03 -23.46 -21.07
CA CYS C 145 34.16 -24.88 -20.76
C CYS C 145 32.97 -25.32 -19.93
N LEU C 146 32.49 -26.53 -20.21
CA LEU C 146 31.48 -27.18 -19.39
C LEU C 146 32.14 -28.20 -18.48
N VAL C 147 31.96 -28.03 -17.17
CA VAL C 147 32.56 -28.89 -16.16
C VAL C 147 31.41 -29.67 -15.53
N LYS C 148 31.28 -30.93 -15.90
CA LYS C 148 30.04 -31.67 -15.73
C LYS C 148 30.27 -32.95 -14.92
N ASP C 149 29.30 -33.29 -14.09
CA ASP C 149 29.29 -34.52 -13.29
C ASP C 149 30.55 -34.68 -12.45
N TYR C 150 30.64 -33.86 -11.40
CA TYR C 150 31.66 -34.02 -10.38
C TYR C 150 30.98 -34.05 -9.01
N PHE C 151 31.75 -34.48 -8.01
CA PHE C 151 31.30 -34.50 -6.62
C PHE C 151 32.48 -34.72 -5.69
N PRO C 152 32.56 -34.00 -4.56
CA PRO C 152 31.66 -32.91 -4.20
C PRO C 152 32.13 -31.56 -4.73
N GLU C 153 31.61 -30.49 -4.17
CA GLU C 153 32.18 -29.17 -4.40
C GLU C 153 33.47 -29.01 -3.62
N PRO C 154 34.40 -28.15 -4.09
CA PRO C 154 34.20 -27.25 -5.24
C PRO C 154 35.17 -27.47 -6.39
N VAL C 155 34.86 -26.82 -7.51
CA VAL C 155 35.74 -26.74 -8.66
C VAL C 155 36.08 -25.28 -8.89
N THR C 156 37.36 -25.01 -9.16
CA THR C 156 37.83 -23.68 -9.50
C THR C 156 38.37 -23.69 -10.92
N VAL C 157 38.09 -22.63 -11.67
CA VAL C 157 38.50 -22.52 -13.06
C VAL C 157 39.31 -21.25 -13.24
N SER C 158 40.43 -21.37 -13.93
CA SER C 158 41.16 -20.23 -14.46
C SER C 158 41.28 -20.39 -15.97
N TRP C 159 41.78 -19.34 -16.63
CA TRP C 159 42.00 -19.37 -18.07
C TRP C 159 43.44 -18.97 -18.36
N ASN C 160 44.10 -19.77 -19.20
CA ASN C 160 45.49 -19.53 -19.60
C ASN C 160 46.40 -19.39 -18.38
N SER C 161 46.16 -20.23 -17.37
CA SER C 161 46.95 -20.26 -16.15
C SER C 161 46.92 -18.92 -15.42
N GLY C 162 45.77 -18.28 -15.40
CA GLY C 162 45.59 -17.02 -14.71
C GLY C 162 45.95 -15.78 -15.51
N ALA C 163 46.50 -15.95 -16.71
CA ALA C 163 46.85 -14.79 -17.52
C ALA C 163 45.63 -14.14 -18.18
N LEU C 164 44.52 -14.86 -18.26
CA LEU C 164 43.26 -14.33 -18.80
C LEU C 164 42.28 -14.22 -17.64
N THR C 165 41.99 -12.98 -17.23
CA THR C 165 40.99 -12.71 -16.21
C THR C 165 39.86 -11.80 -16.68
N SER C 166 40.13 -10.88 -17.59
CA SER C 166 39.10 -9.96 -18.04
C SER C 166 38.08 -10.68 -18.92
N GLY C 167 36.80 -10.53 -18.59
CA GLY C 167 35.73 -11.17 -19.31
C GLY C 167 35.35 -12.55 -18.80
N VAL C 168 36.11 -13.09 -17.85
CA VAL C 168 35.83 -14.41 -17.32
C VAL C 168 34.58 -14.36 -16.44
N HIS C 169 33.64 -15.24 -16.72
CA HIS C 169 32.54 -15.55 -15.81
C HIS C 169 32.58 -17.04 -15.48
N THR C 170 32.59 -17.36 -14.20
CA THR C 170 32.49 -18.73 -13.72
C THR C 170 31.23 -18.84 -12.86
N PHE C 171 30.24 -19.55 -13.37
CA PHE C 171 28.92 -19.58 -12.77
C PHE C 171 28.87 -20.54 -11.58
N PRO C 172 27.95 -20.31 -10.63
CA PRO C 172 27.75 -21.27 -9.55
C PRO C 172 27.32 -22.64 -10.08
N ALA C 173 27.76 -23.68 -9.39
CA ALA C 173 27.35 -25.03 -9.72
C ALA C 173 25.86 -25.23 -9.46
N VAL C 174 25.27 -26.13 -10.26
CA VAL C 174 23.90 -26.57 -10.06
C VAL C 174 23.92 -28.06 -9.73
N LEU C 175 23.09 -28.46 -8.77
CA LEU C 175 22.99 -29.87 -8.38
C LEU C 175 21.96 -30.55 -9.28
N GLN C 176 22.43 -31.46 -10.11
CA GLN C 176 21.57 -32.21 -11.02
C GLN C 176 20.83 -33.31 -10.27
N SER C 177 19.77 -33.82 -10.89
CA SER C 177 18.96 -34.86 -10.27
C SER C 177 19.73 -36.16 -10.08
N SER C 178 20.90 -36.31 -10.73
CA SER C 178 21.75 -37.47 -10.49
C SER C 178 22.45 -37.41 -9.14
N GLY C 179 22.62 -36.22 -8.58
CA GLY C 179 23.43 -36.02 -7.41
C GLY C 179 24.80 -35.45 -7.68
N LEU C 180 25.12 -35.15 -8.94
CA LEU C 180 26.40 -34.59 -9.34
C LEU C 180 26.22 -33.13 -9.71
N TYR C 181 27.26 -32.33 -9.47
CA TYR C 181 27.23 -30.90 -9.76
C TYR C 181 27.64 -30.64 -11.20
N SER C 182 27.11 -29.55 -11.75
CA SER C 182 27.48 -29.08 -13.07
C SER C 182 27.85 -27.61 -12.99
N LEU C 183 28.87 -27.22 -13.75
CA LEU C 183 29.40 -25.87 -13.70
C LEU C 183 29.80 -25.46 -15.10
N SER C 184 29.66 -24.16 -15.39
CA SER C 184 30.14 -23.59 -16.63
C SER C 184 31.00 -22.37 -16.34
N SER C 185 31.95 -22.12 -17.24
CA SER C 185 32.86 -20.99 -17.12
C SER C 185 33.09 -20.46 -18.52
N VAL C 186 32.98 -19.14 -18.69
CA VAL C 186 33.06 -18.51 -20.01
C VAL C 186 33.98 -17.31 -19.94
N VAL C 187 34.54 -16.96 -21.09
CA VAL C 187 35.27 -15.72 -21.28
C VAL C 187 34.95 -15.18 -22.66
N THR C 188 34.90 -13.86 -22.77
CA THR C 188 34.70 -13.19 -24.05
C THR C 188 36.02 -12.62 -24.55
N VAL C 189 36.31 -12.86 -25.83
CA VAL C 189 37.59 -12.47 -26.44
C VAL C 189 37.31 -11.90 -27.82
N PRO C 190 38.26 -11.17 -28.39
CA PRO C 190 38.08 -10.69 -29.76
C PRO C 190 37.99 -11.86 -30.74
N SER C 191 36.98 -11.79 -31.61
CA SER C 191 36.76 -12.87 -32.57
C SER C 191 37.91 -12.97 -33.57
N SER C 192 38.61 -11.86 -33.83
CA SER C 192 39.76 -11.87 -34.72
C SER C 192 40.96 -12.59 -34.11
N SER C 193 40.96 -12.83 -32.79
CA SER C 193 42.02 -13.56 -32.13
C SER C 193 41.83 -15.07 -32.17
N LEU C 194 40.63 -15.54 -32.54
CA LEU C 194 40.32 -16.96 -32.46
C LEU C 194 41.30 -17.80 -33.28
N GLY C 195 41.75 -17.27 -34.42
CA GLY C 195 42.66 -18.02 -35.27
C GLY C 195 44.10 -18.04 -34.80
N THR C 196 44.48 -17.12 -33.92
CA THR C 196 45.88 -16.98 -33.52
C THR C 196 46.13 -17.15 -32.03
N GLN C 197 45.12 -17.03 -31.18
CA GLN C 197 45.31 -17.07 -29.74
C GLN C 197 44.75 -18.36 -29.17
N THR C 198 45.59 -19.09 -28.44
CA THR C 198 45.16 -20.30 -27.74
C THR C 198 44.40 -19.93 -26.47
N TYR C 199 43.26 -20.58 -26.25
CA TYR C 199 42.48 -20.38 -25.03
C TYR C 199 42.28 -21.73 -24.36
N ILE C 200 42.62 -21.79 -23.08
CA ILE C 200 42.66 -23.06 -22.33
C ILE C 200 42.07 -22.78 -20.96
N CYS C 201 41.03 -23.53 -20.59
CA CYS C 201 40.47 -23.45 -19.25
C CYS C 201 41.15 -24.47 -18.35
N ASN C 202 41.45 -24.06 -17.13
CA ASN C 202 42.17 -24.88 -16.16
C ASN C 202 41.20 -25.24 -15.04
N VAL C 203 40.87 -26.52 -14.95
CA VAL C 203 39.83 -27.02 -14.03
C VAL C 203 40.53 -27.75 -12.90
N ASN C 204 40.30 -27.29 -11.68
CA ASN C 204 40.89 -27.90 -10.48
C ASN C 204 39.77 -28.47 -9.62
N HIS C 205 39.81 -29.78 -9.41
CA HIS C 205 38.87 -30.48 -8.52
C HIS C 205 39.71 -31.18 -7.45
N LYS C 206 40.14 -30.39 -6.46
CA LYS C 206 40.95 -30.93 -5.37
C LYS C 206 40.29 -32.09 -4.62
N PRO C 207 38.97 -32.14 -4.42
CA PRO C 207 38.38 -33.33 -3.79
C PRO C 207 38.75 -34.66 -4.46
N SER C 208 38.84 -34.68 -5.79
CA SER C 208 39.24 -35.89 -6.51
C SER C 208 40.68 -35.84 -7.00
N ASN C 209 41.49 -34.92 -6.47
CA ASN C 209 42.91 -34.81 -6.79
C ASN C 209 43.13 -34.70 -8.30
N THR C 210 42.23 -33.98 -8.97
CA THR C 210 42.22 -33.90 -10.42
C THR C 210 42.40 -32.47 -10.89
N LYS C 211 43.26 -32.29 -11.90
CA LYS C 211 43.35 -31.06 -12.68
C LYS C 211 43.20 -31.41 -14.15
N VAL C 212 42.43 -30.62 -14.88
CA VAL C 212 42.19 -30.84 -16.30
C VAL C 212 42.41 -29.54 -17.06
N ASP C 213 43.23 -29.59 -18.10
CA ASP C 213 43.46 -28.47 -19.01
C ASP C 213 42.83 -28.81 -20.34
N LYS C 214 41.88 -27.98 -20.78
CA LYS C 214 41.17 -28.20 -22.04
C LYS C 214 41.30 -26.97 -22.93
N LYS C 215 41.89 -27.18 -24.11
CA LYS C 215 41.99 -26.13 -25.11
C LYS C 215 40.67 -26.02 -25.86
N VAL C 216 40.13 -24.81 -25.95
CA VAL C 216 38.86 -24.55 -26.61
C VAL C 216 39.16 -23.92 -27.96
N GLU C 217 38.63 -24.50 -29.02
CA GLU C 217 38.90 -24.05 -30.37
C GLU C 217 37.62 -23.63 -31.09
N PRO C 218 37.73 -22.76 -32.10
CA PRO C 218 36.54 -22.33 -32.84
C PRO C 218 35.88 -23.47 -33.60
N LYS C 219 34.58 -23.31 -33.83
CA LYS C 219 33.82 -24.29 -34.59
C LYS C 219 34.17 -24.20 -36.08
N SER C 220 33.67 -25.17 -36.84
CA SER C 220 33.79 -25.15 -38.29
C SER C 220 32.59 -24.45 -38.92
N GLU D 2 22.27 -15.76 24.71
CA GLU D 2 21.10 -15.01 25.14
C GLU D 2 21.01 -13.70 24.34
N LEU D 3 22.08 -13.37 23.64
CA LEU D 3 22.16 -12.17 22.82
C LEU D 3 21.85 -12.52 21.37
N VAL D 4 21.05 -11.67 20.72
CA VAL D 4 20.59 -11.89 19.35
C VAL D 4 20.93 -10.65 18.53
N LEU D 5 21.54 -10.86 17.37
CA LEU D 5 21.91 -9.78 16.45
C LEU D 5 20.95 -9.77 15.27
N THR D 6 20.13 -8.72 15.17
CA THR D 6 19.20 -8.54 14.06
C THR D 6 19.82 -7.59 13.04
N GLN D 7 20.24 -8.13 11.90
CA GLN D 7 20.67 -7.29 10.78
C GLN D 7 19.49 -6.86 9.93
N SER D 8 19.47 -5.58 9.58
CA SER D 8 18.41 -5.02 8.75
C SER D 8 19.02 -3.98 7.83
N PRO D 9 18.55 -3.90 6.57
CA PRO D 9 17.68 -4.90 5.95
C PRO D 9 18.46 -6.11 5.43
N ALA D 10 17.73 -7.13 4.96
CA ALA D 10 18.39 -8.32 4.43
C ALA D 10 19.04 -8.05 3.09
N SER D 11 18.53 -7.08 2.34
CA SER D 11 19.13 -6.69 1.07
C SER D 11 18.86 -5.21 0.83
N LEU D 12 19.57 -4.63 -0.13
CA LEU D 12 19.61 -3.19 -0.27
C LEU D 12 20.18 -2.77 -1.62
N ALA D 13 19.33 -2.19 -2.47
CA ALA D 13 19.75 -1.69 -3.77
C ALA D 13 19.96 -0.19 -3.70
N VAL D 14 21.16 0.26 -4.10
CA VAL D 14 21.54 1.66 -4.05
C VAL D 14 22.20 2.02 -5.37
N SER D 15 22.04 3.28 -5.79
CA SER D 15 22.66 3.76 -7.01
C SER D 15 24.07 4.25 -6.76
N LEU D 16 24.87 4.29 -7.83
CA LEU D 16 26.25 4.73 -7.74
C LEU D 16 26.33 6.14 -7.19
N GLY D 17 27.23 6.34 -6.22
CA GLY D 17 27.44 7.65 -5.62
C GLY D 17 26.52 7.99 -4.47
N GLN D 18 25.50 7.18 -4.22
CA GLN D 18 24.55 7.45 -3.16
C GLN D 18 25.01 6.81 -1.85
N ARG D 19 24.20 6.95 -0.81
CA ARG D 19 24.54 6.47 0.52
C ARG D 19 23.77 5.20 0.85
N ALA D 20 24.47 4.24 1.44
CA ALA D 20 23.89 2.98 1.87
C ALA D 20 24.15 2.80 3.37
N THR D 21 23.08 2.53 4.11
CA THR D 21 23.16 2.33 5.54
C THR D 21 22.65 0.94 5.90
N ILE D 22 23.44 0.20 6.68
CA ILE D 22 23.08 -1.12 7.17
C ILE D 22 23.04 -1.06 8.68
N SER D 23 21.99 -1.63 9.28
CA SER D 23 21.78 -1.55 10.72
C SER D 23 21.94 -2.93 11.34
N CYS D 24 22.33 -2.93 12.62
CA CYS D 24 22.51 -4.16 13.38
C CYS D 24 22.12 -3.87 14.82
N ARG D 25 21.07 -4.55 15.29
CA ARG D 25 20.54 -4.37 16.64
C ARG D 25 20.82 -5.61 17.48
N ALA D 26 21.25 -5.39 18.72
CA ALA D 26 21.46 -6.47 19.67
C ALA D 26 20.36 -6.46 20.72
N SER D 27 20.10 -7.63 21.30
CA SER D 27 19.15 -7.74 22.40
C SER D 27 19.77 -7.40 23.75
N GLU D 28 21.09 -7.27 23.83
CA GLU D 28 21.77 -6.82 25.04
C GLU D 28 22.98 -6.00 24.63
N SER D 29 23.45 -5.17 25.56
CA SER D 29 24.59 -4.30 25.29
C SER D 29 25.83 -5.12 24.96
N VAL D 30 26.55 -4.68 23.94
CA VAL D 30 27.84 -5.27 23.58
C VAL D 30 29.00 -4.39 24.03
N ASP D 31 28.78 -3.51 25.00
CA ASP D 31 29.80 -2.59 25.48
C ASP D 31 30.40 -3.09 26.79
N SER D 32 31.72 -2.97 26.90
CA SER D 32 32.41 -3.17 28.17
C SER D 32 33.75 -2.49 28.11
N TYR D 33 34.26 -2.12 29.30
CA TYR D 33 35.56 -1.46 29.46
C TYR D 33 35.81 -0.37 28.43
N GLY D 34 34.78 0.42 28.14
CA GLY D 34 34.93 1.61 27.31
C GLY D 34 34.99 1.35 25.82
N ASN D 35 34.54 0.18 25.37
CA ASN D 35 34.56 -0.16 23.95
C ASN D 35 33.26 -0.84 23.57
N SER D 36 32.89 -0.72 22.30
CA SER D 36 31.77 -1.45 21.73
C SER D 36 32.33 -2.62 20.93
N PHE D 37 32.05 -3.84 21.40
CA PHE D 37 32.60 -5.03 20.76
C PHE D 37 31.70 -5.46 19.59
N MET D 38 31.56 -4.55 18.63
CA MET D 38 30.76 -4.75 17.43
C MET D 38 31.65 -4.47 16.23
N HIS D 39 31.57 -5.33 15.23
CA HIS D 39 32.49 -5.29 14.11
C HIS D 39 31.74 -5.58 12.81
N TRP D 40 32.21 -5.01 11.71
CA TRP D 40 31.57 -5.14 10.42
C TRP D 40 32.52 -5.79 9.42
N TYR D 41 32.03 -6.79 8.70
CA TYR D 41 32.81 -7.50 7.71
C TYR D 41 32.12 -7.44 6.35
N GLN D 42 32.94 -7.40 5.30
CA GLN D 42 32.48 -7.53 3.93
C GLN D 42 32.97 -8.85 3.37
N GLN D 43 32.07 -9.57 2.69
CA GLN D 43 32.42 -10.82 2.04
C GLN D 43 31.90 -10.84 0.60
N LYS D 44 32.75 -11.25 -0.32
CA LYS D 44 32.42 -11.42 -1.72
C LYS D 44 32.56 -12.89 -2.08
N PRO D 45 31.91 -13.35 -3.17
CA PRO D 45 31.98 -14.76 -3.52
C PRO D 45 33.42 -15.22 -3.75
N GLY D 46 33.73 -16.42 -3.24
CA GLY D 46 35.06 -16.98 -3.39
C GLY D 46 36.14 -16.27 -2.61
N GLN D 47 35.79 -15.59 -1.52
CA GLN D 47 36.76 -14.85 -0.71
C GLN D 47 36.38 -14.94 0.76
N PRO D 48 37.37 -15.04 1.64
CA PRO D 48 37.09 -14.91 3.09
C PRO D 48 36.47 -13.55 3.39
N PRO D 49 35.81 -13.41 4.54
CA PRO D 49 35.35 -12.08 4.94
C PRO D 49 36.51 -11.15 5.24
N LYS D 50 36.24 -9.86 5.11
CA LYS D 50 37.24 -8.82 5.25
C LYS D 50 36.81 -7.86 6.34
N LEU D 51 37.72 -7.52 7.23
CA LEU D 51 37.41 -6.61 8.33
C LEU D 51 37.39 -5.18 7.82
N LEU D 52 36.23 -4.53 7.93
CA LEU D 52 36.08 -3.12 7.56
C LEU D 52 36.11 -2.21 8.77
N ILE D 53 35.30 -2.50 9.79
CA ILE D 53 35.12 -1.62 10.93
C ILE D 53 35.18 -2.48 12.19
N TYR D 54 36.18 -2.23 13.02
CA TYR D 54 36.29 -2.90 14.30
C TYR D 54 35.95 -1.92 15.42
N LEU D 55 35.44 -2.46 16.53
CA LEU D 55 35.08 -1.66 17.70
C LEU D 55 34.12 -0.55 17.32
N ALA D 56 33.19 -0.85 16.41
CA ALA D 56 32.00 -0.06 16.10
C ALA D 56 32.28 1.12 15.17
N SER D 57 33.39 1.83 15.37
CA SER D 57 33.66 3.04 14.59
C SER D 57 35.06 3.13 14.01
N ASN D 58 35.96 2.21 14.32
CA ASN D 58 37.34 2.32 13.88
C ASN D 58 37.52 1.70 12.50
N LEU D 59 38.19 2.43 11.61
CA LEU D 59 38.39 2.01 10.23
C LEU D 59 39.64 1.15 10.15
N GLU D 60 39.49 -0.06 9.61
CA GLU D 60 40.64 -0.92 9.36
C GLU D 60 41.57 -0.29 8.33
N SER D 61 42.87 -0.52 8.49
CA SER D 61 43.86 0.06 7.60
C SER D 61 43.69 -0.49 6.19
N GLY D 62 43.80 0.39 5.20
CA GLY D 62 43.57 0.01 3.83
C GLY D 62 42.12 -0.12 3.44
N VAL D 63 41.21 0.44 4.22
CA VAL D 63 39.79 0.52 3.90
C VAL D 63 39.47 1.96 3.56
N PRO D 64 38.81 2.24 2.43
CA PRO D 64 38.54 3.63 2.06
C PRO D 64 37.55 4.28 3.02
N ALA D 65 37.77 5.56 3.28
CA ALA D 65 36.96 6.28 4.26
C ALA D 65 35.53 6.50 3.79
N ARG D 66 35.16 6.03 2.60
CA ARG D 66 33.75 5.94 2.24
C ARG D 66 32.97 5.11 3.25
N PHE D 67 33.64 4.18 3.92
CA PHE D 67 33.02 3.36 4.94
C PHE D 67 33.14 4.03 6.30
N SER D 68 32.10 3.85 7.12
CA SER D 68 32.11 4.40 8.48
C SER D 68 31.04 3.69 9.29
N GLY D 69 31.28 3.61 10.59
CA GLY D 69 30.36 2.94 11.49
C GLY D 69 30.12 3.80 12.71
N SER D 70 28.92 3.63 13.29
CA SER D 70 28.54 4.41 14.45
C SER D 70 27.54 3.61 15.28
N GLY D 71 27.31 4.08 16.49
CA GLY D 71 26.38 3.47 17.40
C GLY D 71 27.00 3.17 18.73
N SER D 72 26.14 2.78 19.67
CA SER D 72 26.60 2.29 20.97
C SER D 72 25.55 1.34 21.53
N ARG D 73 25.94 0.66 22.60
CA ARG D 73 25.04 -0.23 23.34
C ARG D 73 24.46 -1.32 22.45
N THR D 74 23.17 -1.20 22.12
CA THR D 74 22.48 -2.19 21.29
C THR D 74 22.21 -1.75 19.85
N ASP D 75 22.52 -0.52 19.47
CA ASP D 75 22.18 -0.03 18.13
C ASP D 75 23.41 0.48 17.40
N PHE D 76 23.75 -0.18 16.29
CA PHE D 76 24.90 0.17 15.47
C PHE D 76 24.49 0.23 14.00
N THR D 77 25.20 1.07 13.24
CA THR D 77 25.01 1.13 11.79
C THR D 77 26.35 1.17 11.09
N LEU D 78 26.38 0.63 9.88
CA LEU D 78 27.47 0.81 8.93
C LEU D 78 26.99 1.70 7.79
N THR D 79 27.87 2.58 7.30
CA THR D 79 27.51 3.51 6.24
C THR D 79 28.57 3.49 5.15
N ILE D 80 28.13 3.30 3.91
CA ILE D 80 28.98 3.43 2.72
C ILE D 80 28.50 4.67 1.97
N ASP D 81 29.35 5.69 1.93
CA ASP D 81 28.97 6.95 1.31
C ASP D 81 30.21 7.67 0.77
N PRO D 82 30.38 7.78 -0.55
CA PRO D 82 29.47 7.26 -1.58
C PRO D 82 29.74 5.80 -1.94
N VAL D 83 28.70 5.08 -2.33
CA VAL D 83 28.85 3.66 -2.66
C VAL D 83 29.41 3.54 -4.08
N GLU D 84 30.29 2.57 -4.27
CA GLU D 84 30.96 2.31 -5.54
C GLU D 84 30.63 0.90 -6.01
N ALA D 85 30.90 0.65 -7.30
CA ALA D 85 30.56 -0.63 -7.90
C ALA D 85 31.30 -1.79 -7.23
N ASP D 86 32.50 -1.52 -6.71
CA ASP D 86 33.28 -2.55 -6.03
C ASP D 86 32.69 -2.91 -4.65
N ASP D 87 31.70 -2.16 -4.18
CA ASP D 87 31.09 -2.41 -2.88
C ASP D 87 29.98 -3.45 -2.91
N ALA D 88 29.63 -3.97 -4.10
CA ALA D 88 28.66 -5.04 -4.19
C ALA D 88 29.15 -6.29 -3.46
N ALA D 89 28.45 -6.68 -2.40
CA ALA D 89 28.87 -7.78 -1.54
C ALA D 89 27.84 -8.05 -0.46
N THR D 90 28.09 -9.06 0.37
CA THR D 90 27.33 -9.27 1.60
C THR D 90 28.11 -8.68 2.77
N TYR D 91 27.38 -8.07 3.71
CA TYR D 91 27.97 -7.44 4.88
C TYR D 91 27.43 -8.09 6.15
N TYR D 92 28.29 -8.23 7.15
CA TYR D 92 27.93 -8.87 8.41
C TYR D 92 28.39 -8.03 9.58
N CYS D 93 27.54 -7.92 10.61
CA CYS D 93 28.01 -7.43 11.90
C CYS D 93 28.34 -8.62 12.79
N GLN D 94 29.20 -8.38 13.78
CA GLN D 94 29.66 -9.45 14.64
C GLN D 94 29.98 -8.88 16.01
N GLN D 95 29.58 -9.60 17.06
CA GLN D 95 29.83 -9.18 18.43
C GLN D 95 30.59 -10.27 19.17
N ASN D 96 31.60 -9.86 19.93
CA ASN D 96 32.39 -10.77 20.75
C ASN D 96 32.55 -10.20 22.15
N ASN D 97 31.54 -9.45 22.61
CA ASN D 97 31.53 -8.95 23.99
C ASN D 97 31.18 -10.04 25.00
N GLU D 98 30.41 -11.05 24.60
CA GLU D 98 29.85 -11.98 25.57
C GLU D 98 29.38 -13.24 24.87
N ASP D 99 29.22 -14.28 25.67
CA ASP D 99 28.73 -15.57 25.19
C ASP D 99 27.24 -15.48 24.91
N PRO D 100 26.77 -15.91 23.72
CA PRO D 100 27.47 -16.47 22.57
C PRO D 100 27.92 -15.47 21.51
N TRP D 101 29.19 -15.56 21.08
CA TRP D 101 29.61 -14.79 19.92
C TRP D 101 28.76 -15.20 18.71
N THR D 102 28.31 -14.22 17.95
CA THR D 102 27.36 -14.46 16.87
C THR D 102 27.59 -13.48 15.73
N PHE D 103 27.38 -13.96 14.52
CA PHE D 103 27.32 -13.11 13.33
C PHE D 103 25.88 -12.69 13.09
N GLY D 104 25.72 -11.52 12.48
CA GLY D 104 24.43 -11.15 11.94
C GLY D 104 24.04 -12.01 10.74
N GLY D 105 22.77 -11.88 10.35
CA GLY D 105 22.26 -12.65 9.23
C GLY D 105 22.80 -12.23 7.89
N GLY D 106 23.41 -11.06 7.80
CA GLY D 106 24.00 -10.59 6.57
C GLY D 106 23.08 -9.63 5.82
N THR D 107 23.71 -8.81 4.96
CA THR D 107 22.98 -7.87 4.13
C THR D 107 23.63 -7.82 2.76
N LYS D 108 22.90 -8.24 1.74
CA LYS D 108 23.40 -8.23 0.36
C LYS D 108 23.20 -6.84 -0.22
N LEU D 109 24.31 -6.18 -0.57
CA LEU D 109 24.26 -4.85 -1.16
C LEU D 109 24.29 -4.96 -2.69
N GLU D 110 23.23 -4.49 -3.33
CA GLU D 110 23.17 -4.39 -4.79
C GLU D 110 23.40 -2.95 -5.23
N ILE D 111 24.03 -2.80 -6.39
CA ILE D 111 24.22 -1.50 -7.04
C ILE D 111 23.19 -1.34 -8.15
N LYS D 112 22.46 -0.23 -8.12
CA LYS D 112 21.51 0.09 -9.18
C LYS D 112 22.22 0.89 -10.27
N ARG D 113 22.20 0.37 -11.50
CA ARG D 113 22.75 1.05 -12.66
C ARG D 113 21.67 1.19 -13.72
N ALA D 114 22.05 1.78 -14.86
CA ALA D 114 21.19 1.78 -16.03
C ALA D 114 20.97 0.36 -16.53
N ASP D 115 19.83 0.16 -17.18
CA ASP D 115 19.53 -1.14 -17.77
C ASP D 115 20.55 -1.51 -18.83
N ALA D 116 20.80 -2.82 -18.96
CA ALA D 116 21.66 -3.36 -19.99
C ALA D 116 21.09 -4.68 -20.44
N ALA D 117 20.74 -4.78 -21.72
CA ALA D 117 20.24 -6.03 -22.25
C ALA D 117 21.34 -7.08 -22.30
N PRO D 118 20.99 -8.36 -22.17
CA PRO D 118 22.00 -9.41 -22.24
C PRO D 118 22.38 -9.72 -23.68
N THR D 119 23.67 -9.92 -23.92
CA THR D 119 24.12 -10.56 -25.15
C THR D 119 23.94 -12.07 -25.00
N VAL D 120 23.14 -12.66 -25.87
CA VAL D 120 22.75 -14.06 -25.74
C VAL D 120 23.60 -14.89 -26.69
N SER D 121 24.31 -15.87 -26.13
CA SER D 121 25.01 -16.89 -26.90
C SER D 121 24.37 -18.25 -26.67
N ILE D 122 24.46 -19.11 -27.67
CA ILE D 122 24.02 -20.50 -27.56
C ILE D 122 25.17 -21.39 -28.01
N PHE D 123 25.35 -22.51 -27.29
CA PHE D 123 26.39 -23.47 -27.60
C PHE D 123 25.78 -24.84 -27.82
N PRO D 124 26.09 -25.52 -28.92
CA PRO D 124 25.62 -26.88 -29.11
C PRO D 124 26.51 -27.86 -28.36
N PRO D 125 26.08 -29.11 -28.21
CA PRO D 125 26.93 -30.09 -27.51
C PRO D 125 28.17 -30.40 -28.33
N SER D 126 29.29 -30.55 -27.63
CA SER D 126 30.53 -30.94 -28.29
C SER D 126 30.41 -32.35 -28.85
N SER D 127 31.17 -32.62 -29.92
CA SER D 127 31.22 -33.98 -30.45
C SER D 127 31.83 -34.95 -29.45
N GLU D 128 32.70 -34.47 -28.56
CA GLU D 128 33.27 -35.35 -27.54
C GLU D 128 32.21 -35.81 -26.55
N GLN D 129 31.24 -34.95 -26.23
CA GLN D 129 30.19 -35.33 -25.30
C GLN D 129 29.20 -36.29 -25.94
N LEU D 130 28.90 -36.09 -27.23
CA LEU D 130 27.94 -36.94 -27.92
C LEU D 130 28.34 -38.40 -27.89
N THR D 131 29.65 -38.68 -27.93
CA THR D 131 30.13 -40.06 -27.82
C THR D 131 29.67 -40.75 -26.53
N SER D 132 29.38 -39.97 -25.49
CA SER D 132 28.96 -40.56 -24.22
C SER D 132 27.47 -40.91 -24.19
N GLY D 133 26.67 -40.33 -25.08
CA GLY D 133 25.24 -40.55 -25.08
C GLY D 133 24.42 -39.53 -24.32
N THR D 134 25.01 -38.39 -23.98
CA THR D 134 24.29 -37.27 -23.37
C THR D 134 24.67 -36.01 -24.13
N ALA D 135 23.70 -35.10 -24.25
CA ALA D 135 23.87 -33.87 -25.00
C ALA D 135 23.46 -32.68 -24.14
N SER D 136 24.42 -31.87 -23.73
CA SER D 136 24.17 -30.63 -23.03
C SER D 136 24.17 -29.46 -24.02
N VAL D 137 23.15 -28.61 -23.92
CA VAL D 137 23.05 -27.40 -24.73
C VAL D 137 23.03 -26.21 -23.79
N VAL D 138 23.90 -25.25 -24.02
CA VAL D 138 24.15 -24.15 -23.09
C VAL D 138 23.77 -22.83 -23.74
N CYS D 139 23.06 -22.00 -22.97
CA CYS D 139 22.65 -20.66 -23.39
C CYS D 139 23.25 -19.67 -22.40
N LEU D 140 24.02 -18.71 -22.92
CA LEU D 140 24.69 -17.72 -22.09
C LEU D 140 24.01 -16.36 -22.26
N LEU D 141 23.67 -15.72 -21.15
CA LEU D 141 23.17 -14.35 -21.11
C LEU D 141 24.26 -13.53 -20.43
N ASN D 142 24.93 -12.67 -21.19
CA ASN D 142 26.15 -12.02 -20.74
C ASN D 142 25.90 -10.57 -20.37
N ASN D 143 26.37 -10.18 -19.18
CA ASN D 143 26.43 -8.79 -18.75
C ASN D 143 25.11 -8.05 -18.90
N PHE D 144 24.17 -8.29 -17.98
CA PHE D 144 22.84 -7.70 -18.09
C PHE D 144 22.41 -7.16 -16.72
N TYR D 145 21.53 -6.16 -16.77
CA TYR D 145 20.96 -5.54 -15.59
C TYR D 145 19.58 -5.03 -16.01
N PRO D 146 18.56 -5.17 -15.15
CA PRO D 146 18.59 -5.80 -13.83
C PRO D 146 18.63 -7.32 -13.84
N ARG D 147 18.78 -7.90 -12.65
CA ARG D 147 19.07 -9.33 -12.52
C ARG D 147 17.92 -10.19 -13.06
N GLU D 148 16.70 -9.66 -13.07
CA GLU D 148 15.54 -10.46 -13.45
C GLU D 148 15.61 -10.80 -14.94
N ALA D 149 15.59 -12.09 -15.25
CA ALA D 149 15.61 -12.56 -16.64
C ALA D 149 14.91 -13.90 -16.70
N LYS D 150 14.13 -14.11 -17.77
CA LYS D 150 13.43 -15.36 -18.00
C LYS D 150 14.03 -16.05 -19.22
N VAL D 151 14.29 -17.35 -19.09
CA VAL D 151 14.89 -18.16 -20.15
C VAL D 151 14.01 -19.39 -20.36
N GLN D 152 13.50 -19.56 -21.57
CA GLN D 152 12.72 -20.72 -21.93
C GLN D 152 13.40 -21.47 -23.07
N TRP D 153 13.46 -22.78 -22.96
CA TRP D 153 14.06 -23.64 -23.98
C TRP D 153 12.97 -24.19 -24.90
N LYS D 154 13.21 -24.11 -26.19
CA LYS D 154 12.35 -24.75 -27.19
C LYS D 154 13.18 -25.70 -28.03
N VAL D 155 12.59 -26.83 -28.39
CA VAL D 155 13.20 -27.82 -29.27
C VAL D 155 12.21 -28.08 -30.39
N ASP D 156 12.58 -27.70 -31.62
CA ASP D 156 11.65 -27.66 -32.75
C ASP D 156 10.37 -26.93 -32.38
N ASN D 157 10.52 -25.80 -31.71
CA ASN D 157 9.47 -24.87 -31.31
C ASN D 157 8.60 -25.38 -30.17
N ALA D 158 8.89 -26.54 -29.61
CA ALA D 158 8.11 -27.08 -28.50
C ALA D 158 8.79 -26.75 -27.17
N LEU D 159 7.98 -26.34 -26.20
CA LEU D 159 8.50 -25.82 -24.94
C LEU D 159 8.96 -26.96 -24.04
N GLN D 160 10.07 -26.73 -23.34
CA GLN D 160 10.69 -27.76 -22.52
C GLN D 160 10.52 -27.41 -21.05
N SER D 161 10.19 -28.43 -20.25
CA SER D 161 10.04 -28.28 -18.81
C SER D 161 10.74 -29.43 -18.09
N GLY D 162 11.42 -29.11 -16.99
CA GLY D 162 11.98 -30.12 -16.13
C GLY D 162 13.28 -30.74 -16.60
N ASN D 163 13.85 -30.26 -17.70
CA ASN D 163 15.09 -30.81 -18.24
C ASN D 163 16.17 -29.75 -18.39
N SER D 164 16.10 -28.66 -17.64
CA SER D 164 17.10 -27.60 -17.72
C SER D 164 17.34 -27.02 -16.34
N GLN D 165 18.48 -26.36 -16.20
CA GLN D 165 18.88 -25.68 -14.97
C GLN D 165 19.68 -24.45 -15.34
N GLU D 166 19.70 -23.48 -14.43
CA GLU D 166 20.41 -22.23 -14.67
C GLU D 166 21.05 -21.74 -13.38
N SER D 167 22.12 -20.97 -13.53
CA SER D 167 22.73 -20.27 -12.42
C SER D 167 23.09 -18.85 -12.86
N VAL D 168 23.18 -17.96 -11.89
CA VAL D 168 23.51 -16.55 -12.12
C VAL D 168 24.80 -16.23 -11.38
N THR D 169 25.65 -15.42 -12.01
CA THR D 169 26.83 -14.92 -11.33
C THR D 169 26.45 -13.87 -10.30
N GLU D 170 27.42 -13.50 -9.47
CA GLU D 170 27.24 -12.35 -8.60
C GLU D 170 27.30 -11.07 -9.42
N GLN D 171 27.10 -9.93 -8.76
CA GLN D 171 27.15 -8.66 -9.46
C GLN D 171 28.61 -8.31 -9.75
N ASP D 172 28.89 -7.92 -10.98
CA ASP D 172 30.26 -7.63 -11.38
C ASP D 172 30.79 -6.41 -10.63
N SER D 173 32.04 -6.50 -10.18
CA SER D 173 32.62 -5.46 -9.35
C SER D 173 32.99 -4.20 -10.13
N LYS D 174 32.86 -4.21 -11.45
CA LYS D 174 33.28 -3.10 -12.28
C LYS D 174 32.12 -2.41 -12.99
N ASP D 175 31.27 -3.16 -13.69
CA ASP D 175 30.13 -2.59 -14.40
C ASP D 175 28.79 -2.92 -13.77
N SER D 176 28.77 -3.66 -12.65
CA SER D 176 27.57 -3.91 -11.86
C SER D 176 26.51 -4.68 -12.65
N THR D 177 26.94 -5.50 -13.61
CA THR D 177 26.04 -6.36 -14.36
C THR D 177 26.05 -7.78 -13.81
N TYR D 178 25.04 -8.55 -14.22
CA TYR D 178 24.97 -9.98 -13.97
C TYR D 178 25.10 -10.76 -15.27
N SER D 179 25.51 -12.01 -15.14
CA SER D 179 25.49 -12.96 -16.25
C SER D 179 24.72 -14.20 -15.81
N LEU D 180 24.23 -14.95 -16.80
CA LEU D 180 23.39 -16.11 -16.54
C LEU D 180 23.74 -17.21 -17.52
N SER D 181 23.85 -18.43 -17.00
CA SER D 181 24.15 -19.61 -17.80
C SER D 181 23.03 -20.62 -17.61
N SER D 182 22.53 -21.16 -18.72
CA SER D 182 21.43 -22.11 -18.72
C SER D 182 21.86 -23.35 -19.50
N THR D 183 21.49 -24.52 -18.99
CA THR D 183 21.91 -25.79 -19.58
C THR D 183 20.68 -26.66 -19.80
N LEU D 184 20.43 -27.04 -21.04
CA LEU D 184 19.38 -27.98 -21.41
C LEU D 184 19.99 -29.36 -21.57
N THR D 185 19.35 -30.38 -20.98
CA THR D 185 19.90 -31.72 -20.95
C THR D 185 18.96 -32.68 -21.67
N LEU D 186 19.53 -33.41 -22.63
CA LEU D 186 18.79 -34.39 -23.43
C LEU D 186 19.65 -35.64 -23.55
N SER D 187 19.01 -36.74 -23.95
CA SER D 187 19.76 -37.90 -24.39
C SER D 187 20.29 -37.65 -25.79
N LYS D 188 21.40 -38.32 -26.12
CA LYS D 188 21.91 -38.21 -27.49
C LYS D 188 20.86 -38.64 -28.51
N ALA D 189 20.01 -39.61 -28.15
CA ALA D 189 18.99 -40.08 -29.08
C ALA D 189 17.93 -39.00 -29.29
N ASP D 190 17.47 -38.38 -28.21
CA ASP D 190 16.51 -37.29 -28.32
C ASP D 190 17.09 -36.13 -29.12
N TYR D 191 18.35 -35.75 -28.82
CA TYR D 191 18.96 -34.62 -29.49
C TYR D 191 19.08 -34.83 -31.00
N GLU D 192 19.27 -36.07 -31.44
CA GLU D 192 19.40 -36.35 -32.87
C GLU D 192 18.07 -36.42 -33.60
N LYS D 193 16.94 -36.45 -32.90
CA LYS D 193 15.64 -36.51 -33.55
C LYS D 193 15.05 -35.14 -33.83
N HIS D 194 15.77 -34.07 -33.48
CA HIS D 194 15.26 -32.71 -33.61
C HIS D 194 16.34 -31.81 -34.17
N LYS D 195 15.92 -30.72 -34.82
CA LYS D 195 16.83 -29.88 -35.57
C LYS D 195 16.96 -28.47 -35.03
N VAL D 196 15.86 -27.82 -34.66
CA VAL D 196 15.88 -26.43 -34.18
C VAL D 196 15.94 -26.44 -32.66
N TYR D 197 17.03 -25.90 -32.12
CA TYR D 197 17.23 -25.77 -30.68
C TYR D 197 17.32 -24.29 -30.35
N ALA D 198 16.40 -23.82 -29.52
CA ALA D 198 16.15 -22.39 -29.37
C ALA D 198 16.12 -22.01 -27.88
N CYS D 199 16.51 -20.77 -27.61
CA CYS D 199 16.62 -20.27 -26.25
C CYS D 199 16.07 -18.85 -26.25
N GLU D 200 14.92 -18.66 -25.62
CA GLU D 200 14.16 -17.42 -25.69
C GLU D 200 14.29 -16.68 -24.38
N VAL D 201 14.79 -15.45 -24.44
CA VAL D 201 15.11 -14.66 -23.25
C VAL D 201 14.15 -13.49 -23.17
N THR D 202 13.48 -13.37 -22.01
CA THR D 202 12.71 -12.18 -21.67
C THR D 202 13.49 -11.38 -20.65
N HIS D 203 13.82 -10.13 -21.01
CA HIS D 203 14.53 -9.24 -20.09
C HIS D 203 13.98 -7.83 -20.26
N GLN D 204 13.98 -7.09 -19.13
CA GLN D 204 13.41 -5.75 -19.12
C GLN D 204 14.11 -4.82 -20.10
N GLY D 205 15.42 -4.98 -20.26
CA GLY D 205 16.21 -4.16 -21.16
C GLY D 205 16.06 -4.47 -22.63
N LEU D 206 15.24 -5.45 -22.98
CA LEU D 206 15.02 -5.82 -24.38
C LEU D 206 13.79 -5.13 -24.93
N SER D 208 11.63 -6.80 -26.96
CA SER D 208 10.79 -7.99 -26.99
C SER D 208 11.62 -9.23 -26.66
N PRO D 209 10.96 -10.39 -26.48
CA PRO D 209 11.71 -11.64 -26.34
C PRO D 209 12.68 -11.86 -27.49
N VAL D 210 13.82 -12.49 -27.18
CA VAL D 210 14.90 -12.70 -28.13
C VAL D 210 15.22 -14.19 -28.15
N THR D 211 14.90 -14.85 -29.26
CA THR D 211 15.20 -16.27 -29.42
C THR D 211 16.59 -16.42 -30.05
N LYS D 212 17.49 -17.09 -29.33
CA LYS D 212 18.79 -17.47 -29.86
C LYS D 212 18.77 -18.96 -30.16
N SER D 213 18.93 -19.32 -31.43
CA SER D 213 18.82 -20.71 -31.85
C SER D 213 20.00 -21.11 -32.72
N PHE D 214 20.17 -22.43 -32.84
CA PHE D 214 20.98 -23.04 -33.88
C PHE D 214 20.20 -24.19 -34.48
N ASN D 215 20.59 -24.59 -35.70
CA ASN D 215 19.99 -25.73 -36.37
C ASN D 215 21.03 -26.85 -36.46
N ARG D 216 20.62 -28.06 -36.09
CA ARG D 216 21.52 -29.20 -36.11
C ARG D 216 21.94 -29.53 -37.54
N GLY D 217 23.22 -29.84 -37.72
CA GLY D 217 23.75 -30.15 -39.03
C GLY D 217 23.96 -28.96 -39.93
N GLU D 218 23.75 -27.75 -39.44
CA GLU D 218 23.89 -26.53 -40.23
C GLU D 218 24.70 -25.50 -39.46
N CYS D 219 25.29 -24.57 -40.20
CA CYS D 219 26.16 -23.56 -39.61
C CYS D 219 25.49 -22.19 -39.59
N VAL E 2 -3.74 13.50 22.23
CA VAL E 2 -2.32 13.49 22.55
C VAL E 2 -1.85 14.88 22.96
N GLN E 3 -1.16 14.96 24.10
CA GLN E 3 -0.72 16.24 24.63
C GLN E 3 0.65 16.05 25.28
N LEU E 4 1.57 16.94 24.96
CA LEU E 4 2.93 16.90 25.50
C LEU E 4 3.17 18.18 26.28
N LEU E 5 3.64 18.03 27.53
CA LEU E 5 3.90 19.16 28.42
C LEU E 5 5.34 19.11 28.89
N GLU E 6 6.10 20.15 28.59
CA GLU E 6 7.46 20.22 29.10
C GLU E 6 7.43 20.73 30.53
N SER E 7 8.50 20.43 31.28
CA SER E 7 8.70 21.03 32.58
C SER E 7 10.18 21.01 32.91
N GLY E 8 10.57 21.96 33.76
CA GLY E 8 11.97 22.12 34.14
C GLY E 8 12.25 23.53 34.56
N PRO E 9 13.51 23.82 34.88
CA PRO E 9 13.86 25.15 35.40
C PRO E 9 14.09 26.17 34.30
N SER E 10 13.68 27.40 34.58
CA SER E 10 13.84 28.49 33.63
C SER E 10 15.25 29.03 33.58
N LEU E 11 16.01 28.86 34.66
CA LEU E 11 17.30 29.53 34.85
C LEU E 11 18.29 28.54 35.40
N VAL E 12 19.32 28.23 34.62
CA VAL E 12 20.38 27.30 35.01
C VAL E 12 21.70 28.05 34.99
N LYS E 13 22.58 27.73 35.95
CA LYS E 13 23.84 28.44 35.94
C LYS E 13 24.85 27.75 35.01
N PRO E 14 25.74 28.53 34.41
CA PRO E 14 26.73 27.95 33.50
C PRO E 14 27.50 26.79 34.12
N SER E 15 27.93 25.87 33.26
CA SER E 15 28.71 24.68 33.59
C SER E 15 27.94 23.68 34.45
N GLN E 16 26.65 23.89 34.67
CA GLN E 16 25.80 22.95 35.39
C GLN E 16 24.95 22.14 34.41
N THR E 17 24.21 21.18 34.95
CA THR E 17 23.46 20.23 34.14
C THR E 17 22.01 20.68 34.02
N LEU E 18 21.53 20.72 32.78
CA LEU E 18 20.12 21.03 32.50
C LEU E 18 19.31 19.75 32.47
N SER E 19 18.17 19.75 33.17
CA SER E 19 17.30 18.59 33.26
C SER E 19 15.88 19.04 32.97
N LEU E 20 15.29 18.52 31.90
CA LEU E 20 13.92 18.84 31.52
C LEU E 20 13.09 17.56 31.45
N THR E 21 11.79 17.71 31.70
CA THR E 21 10.85 16.60 31.65
C THR E 21 9.78 16.89 30.60
N CYS E 22 9.35 15.85 29.89
CA CYS E 22 8.21 15.91 28.98
C CYS E 22 7.21 14.85 29.43
N SER E 23 6.01 15.27 29.80
CA SER E 23 4.94 14.37 30.19
C SER E 23 3.97 14.18 29.03
N VAL E 24 3.62 12.93 28.76
CA VAL E 24 2.78 12.57 27.62
C VAL E 24 1.44 12.05 28.16
N THR E 25 0.36 12.43 27.50
CA THR E 25 -0.97 11.92 27.80
C THR E 25 -1.74 11.75 26.49
N GLY E 26 -2.65 10.78 26.48
CA GLY E 26 -3.38 10.45 25.27
C GLY E 26 -2.66 9.52 24.33
N ASP E 27 -1.54 8.95 24.76
CA ASP E 27 -0.69 8.11 23.92
C ASP E 27 0.44 7.54 24.78
N SER E 28 0.93 6.35 24.43
CA SER E 28 1.98 5.70 25.19
C SER E 28 3.32 5.89 24.51
N ILE E 29 4.37 6.15 25.31
CA ILE E 29 5.70 6.37 24.78
C ILE E 29 6.40 5.08 24.39
N THR E 30 5.77 3.93 24.62
CA THR E 30 6.29 2.66 24.13
C THR E 30 5.87 2.38 22.69
N SER E 31 5.29 3.37 22.01
CA SER E 31 5.07 3.32 20.57
C SER E 31 5.58 4.62 19.94
N GLY E 32 6.20 4.50 18.78
CA GLY E 32 6.68 5.66 18.05
C GLY E 32 8.02 6.16 18.55
N TYR E 33 8.29 7.44 18.29
CA TYR E 33 9.53 8.08 18.69
C TYR E 33 9.22 9.42 19.35
N TRP E 34 10.14 9.85 20.21
CA TRP E 34 9.87 10.93 21.17
C TRP E 34 11.11 11.82 21.23
N ASN E 35 10.96 13.03 20.73
CA ASN E 35 12.08 13.86 20.30
C ASN E 35 12.25 15.07 21.22
N TRP E 36 13.45 15.62 21.21
CA TRP E 36 13.73 16.91 21.83
C TRP E 36 14.28 17.85 20.77
N ILE E 37 13.75 19.08 20.75
CA ILE E 37 14.12 20.10 19.79
C ILE E 37 14.22 21.41 20.55
N ARG E 38 15.18 22.25 20.17
CA ARG E 38 15.31 23.56 20.79
C ARG E 38 15.36 24.64 19.73
N LYS E 39 14.99 25.84 20.14
CA LYS E 39 14.93 27.01 19.25
C LYS E 39 15.76 28.11 19.90
N PHE E 40 16.92 28.40 19.30
CA PHE E 40 17.79 29.44 19.81
C PHE E 40 17.16 30.80 19.55
N PRO E 41 17.58 31.83 20.30
CA PRO E 41 17.08 33.17 20.00
C PRO E 41 17.50 33.56 18.59
N GLY E 42 16.61 34.25 17.89
CA GLY E 42 16.79 34.52 16.49
C GLY E 42 16.13 33.51 15.57
N ASN E 43 15.33 32.59 16.11
CA ASN E 43 14.47 31.64 15.41
C ASN E 43 15.16 30.45 14.74
N LYS E 44 16.42 30.15 15.02
CA LYS E 44 17.04 28.97 14.43
C LYS E 44 16.70 27.74 15.24
N LEU E 45 16.29 26.67 14.56
CA LEU E 45 15.90 25.41 15.18
C LEU E 45 17.02 24.38 15.08
N GLU E 46 17.20 23.61 16.16
CA GLU E 46 18.21 22.56 16.23
C GLU E 46 17.55 21.29 16.74
N TYR E 47 17.59 20.23 15.94
CA TYR E 47 17.20 18.91 16.42
C TYR E 47 18.23 18.40 17.42
N MET E 48 17.75 17.87 18.56
CA MET E 48 18.62 17.34 19.60
C MET E 48 18.68 15.82 19.60
N GLY E 49 17.55 15.14 19.63
CA GLY E 49 17.54 13.70 19.54
C GLY E 49 16.22 13.13 20.00
N TYR E 50 16.10 11.80 19.84
CA TYR E 50 14.92 11.08 20.30
C TYR E 50 15.33 9.94 21.23
N ILE E 51 14.33 9.43 21.94
CA ILE E 51 14.35 8.08 22.51
C ILE E 51 13.23 7.29 21.85
N SER E 52 13.54 6.08 21.38
CA SER E 52 12.60 5.31 20.60
C SER E 52 11.60 4.59 21.49
N TYR E 53 10.63 3.93 20.86
CA TYR E 53 9.65 3.12 21.58
C TYR E 53 10.26 1.94 22.30
N SER E 54 11.48 1.54 21.94
CA SER E 54 12.14 0.37 22.53
C SER E 54 13.26 0.75 23.48
N GLY E 55 13.47 2.04 23.73
CA GLY E 55 14.50 2.52 24.63
C GLY E 55 15.80 2.91 23.97
N SER E 56 15.92 2.75 22.65
CA SER E 56 17.14 3.13 21.96
C SER E 56 17.11 4.61 21.61
N THR E 57 18.28 5.23 21.60
CA THR E 57 18.41 6.67 21.47
C THR E 57 19.18 7.02 20.20
N TYR E 58 18.97 8.24 19.72
CA TYR E 58 19.77 8.83 18.65
C TYR E 58 20.01 10.29 18.99
N TYR E 59 21.26 10.73 18.91
CA TYR E 59 21.66 12.06 19.34
C TYR E 59 22.25 12.85 18.19
N ASN E 60 22.01 14.15 18.21
CA ASN E 60 22.65 15.08 17.29
C ASN E 60 24.16 15.02 17.49
N PRO E 61 24.94 14.69 16.46
CA PRO E 61 26.39 14.53 16.63
C PRO E 61 27.08 15.71 17.29
N SER E 62 26.58 16.94 17.11
CA SER E 62 27.17 18.09 17.76
C SER E 62 26.74 18.23 19.21
N LEU E 63 25.90 17.33 19.70
CA LEU E 63 25.53 17.28 21.11
C LEU E 63 25.78 15.91 21.73
N LYS E 64 26.19 14.93 20.92
CA LYS E 64 26.31 13.54 21.37
C LYS E 64 27.18 13.39 22.61
N SER E 65 28.10 14.33 22.83
CA SER E 65 29.04 14.19 23.95
C SER E 65 28.37 14.49 25.29
N ARG E 66 27.49 15.48 25.34
CA ARG E 66 26.95 15.98 26.60
C ARG E 66 25.43 15.94 26.66
N ILE E 67 24.80 14.99 25.97
CA ILE E 67 23.35 14.84 25.99
C ILE E 67 23.01 13.41 26.38
N SER E 68 21.94 13.27 27.16
CA SER E 68 21.38 11.96 27.50
C SER E 68 19.86 12.08 27.50
N ILE E 69 19.19 11.11 26.89
CA ILE E 69 17.73 11.05 26.87
C ILE E 69 17.30 9.72 27.49
N THR E 70 16.44 9.81 28.50
CA THR E 70 15.98 8.66 29.27
C THR E 70 14.46 8.70 29.32
N ARG E 71 13.86 7.66 29.91
CA ARG E 71 12.41 7.56 29.93
C ARG E 71 11.96 6.77 31.15
N ASP E 72 10.65 6.84 31.40
CA ASP E 72 10.00 6.09 32.48
C ASP E 72 8.65 5.64 31.94
N THR E 73 8.54 4.35 31.62
CA THR E 73 7.35 3.85 30.92
C THR E 73 6.11 3.91 31.79
N SER E 74 6.25 3.75 33.11
CA SER E 74 5.09 3.80 33.99
C SER E 74 4.66 5.21 34.36
N LYS E 75 5.35 6.23 33.86
CA LYS E 75 4.90 7.61 34.00
C LYS E 75 4.58 8.27 32.67
N ASN E 76 4.75 7.58 31.55
CA ASN E 76 4.65 8.16 30.21
C ASN E 76 5.45 9.46 30.13
N GLN E 77 6.67 9.42 30.66
CA GLN E 77 7.57 10.56 30.67
C GLN E 77 8.90 10.17 30.04
N TYR E 78 9.54 11.14 29.39
CA TYR E 78 10.95 11.03 29.02
C TYR E 78 11.64 12.35 29.35
N TYR E 79 12.98 12.30 29.35
CA TYR E 79 13.77 13.31 30.03
C TYR E 79 14.96 13.71 29.16
N LEU E 80 15.27 14.99 29.16
CA LEU E 80 16.47 15.53 28.52
C LEU E 80 17.48 15.92 29.58
N GLN E 81 18.73 15.54 29.37
CA GLN E 81 19.84 15.98 30.21
C GLN E 81 20.94 16.53 29.32
N LEU E 82 21.35 17.77 29.58
CA LEU E 82 22.41 18.42 28.83
C LEU E 82 23.44 18.93 29.83
N ASN E 83 24.65 18.38 29.77
CA ASN E 83 25.68 18.73 30.74
C ASN E 83 26.44 19.98 30.30
N SER E 84 27.24 20.51 31.22
CA SER E 84 28.15 21.63 30.98
C SER E 84 27.53 22.71 30.10
N VAL E 85 26.33 23.16 30.48
CA VAL E 85 25.65 24.18 29.70
C VAL E 85 26.49 25.46 29.68
N THR E 86 26.26 26.26 28.63
CA THR E 86 26.83 27.60 28.51
C THR E 86 25.76 28.51 27.96
N THR E 87 26.07 29.81 27.89
CA THR E 87 25.13 30.79 27.35
C THR E 87 24.63 30.39 25.97
N GLU E 88 25.44 29.63 25.22
CA GLU E 88 25.02 29.15 23.90
C GLU E 88 23.86 28.18 23.96
N ASP E 89 23.55 27.63 25.15
CA ASP E 89 22.43 26.73 25.30
C ASP E 89 21.14 27.44 25.70
N THR E 90 21.11 28.77 25.68
CA THR E 90 19.86 29.48 25.87
C THR E 90 18.97 29.27 24.64
N ALA E 91 17.70 28.95 24.87
CA ALA E 91 16.80 28.53 23.81
C ALA E 91 15.44 28.18 24.42
N THR E 92 14.48 27.93 23.54
CA THR E 92 13.20 27.34 23.92
C THR E 92 13.24 25.87 23.54
N TYR E 93 12.87 25.00 24.49
CA TYR E 93 13.05 23.56 24.34
C TYR E 93 11.70 22.88 24.13
N TYR E 94 11.59 22.11 23.06
CA TYR E 94 10.36 21.45 22.68
C TYR E 94 10.55 19.94 22.72
N CYS E 95 9.55 19.23 23.23
CA CYS E 95 9.40 17.80 22.94
C CYS E 95 8.35 17.59 21.84
N ALA E 96 8.44 16.46 21.16
CA ALA E 96 7.58 16.19 20.02
C ALA E 96 7.55 14.69 19.75
N ARG E 97 6.50 14.27 19.03
CA ARG E 97 6.24 12.85 18.76
C ARG E 97 6.39 12.56 17.27
N ILE E 98 6.95 11.38 16.96
CA ILE E 98 6.98 10.85 15.60
C ILE E 98 6.31 9.49 15.60
N THR E 99 5.35 9.30 14.71
CA THR E 99 4.77 8.00 14.45
C THR E 99 5.13 7.56 13.03
N THR E 100 5.10 6.24 12.81
CA THR E 100 5.35 5.69 11.48
C THR E 100 4.24 6.04 10.49
N ALA E 101 3.11 6.55 10.96
CA ALA E 101 2.07 7.02 10.05
C ALA E 101 2.53 8.23 9.25
N TYR E 102 3.37 9.08 9.84
CA TYR E 102 3.78 10.34 9.23
C TYR E 102 5.28 10.47 9.01
N TYR E 103 6.09 9.85 9.86
CA TYR E 103 7.54 10.02 9.86
C TYR E 103 7.96 11.48 10.06
N ALA E 104 7.07 12.28 10.64
CA ALA E 104 7.34 13.67 10.94
C ALA E 104 6.84 13.99 12.34
N MET E 105 7.22 15.16 12.84
CA MET E 105 6.91 15.58 14.21
C MET E 105 5.58 16.33 14.18
N ASP E 106 4.49 15.61 14.48
CA ASP E 106 3.14 16.14 14.34
C ASP E 106 2.64 16.85 15.59
N TYR E 107 2.81 16.25 16.77
CA TYR E 107 2.38 16.85 18.02
C TYR E 107 3.58 17.42 18.77
N TRP E 108 3.51 18.71 19.09
CA TRP E 108 4.53 19.42 19.83
C TRP E 108 3.99 19.90 21.17
N GLY E 109 4.92 20.29 22.05
CA GLY E 109 4.59 21.04 23.24
C GLY E 109 4.78 22.53 23.02
N GLN E 110 4.06 23.33 23.80
CA GLN E 110 4.33 24.76 23.90
C GLN E 110 5.81 25.07 24.13
N GLY E 111 6.56 24.11 24.67
CA GLY E 111 7.96 24.31 25.00
C GLY E 111 8.17 24.98 26.35
N THR E 112 9.42 24.92 26.79
CA THR E 112 9.90 25.64 27.98
C THR E 112 11.10 26.48 27.62
N SER E 113 11.09 27.75 28.02
CA SER E 113 12.19 28.66 27.76
C SER E 113 13.22 28.51 28.87
N VAL E 114 14.48 28.29 28.50
CA VAL E 114 15.57 28.07 29.45
C VAL E 114 16.68 29.05 29.15
N THR E 115 17.06 29.84 30.15
CA THR E 115 18.14 30.81 30.04
C THR E 115 19.31 30.35 30.90
N VAL E 116 20.50 30.31 30.31
CA VAL E 116 21.73 29.97 31.02
C VAL E 116 22.46 31.28 31.33
N SER E 117 22.66 31.55 32.62
CA SER E 117 23.19 32.84 33.05
C SER E 117 23.55 32.75 34.53
N SER E 118 24.39 33.70 34.95
CA SER E 118 24.81 33.81 36.35
C SER E 118 23.89 34.69 37.19
N ALA E 119 23.02 35.46 36.56
CA ALA E 119 22.20 36.42 37.27
C ALA E 119 21.07 35.74 38.03
N SER E 120 20.64 36.37 39.12
CA SER E 120 19.58 35.84 39.97
C SER E 120 18.20 36.18 39.43
N THR E 121 17.23 35.33 39.74
CA THR E 121 15.86 35.51 39.29
C THR E 121 15.21 36.68 40.02
N LYS E 122 14.47 37.50 39.28
CA LYS E 122 13.83 38.69 39.82
C LYS E 122 12.43 38.83 39.23
N GLY E 123 11.45 39.10 40.09
CA GLY E 123 10.08 39.21 39.66
C GLY E 123 9.76 40.61 39.15
N PRO E 124 8.75 40.71 38.29
CA PRO E 124 8.49 41.98 37.61
C PRO E 124 7.70 42.97 38.43
N SER E 125 7.97 44.25 38.17
CA SER E 125 7.08 45.33 38.57
C SER E 125 6.08 45.60 37.44
N VAL E 126 4.82 45.81 37.80
CA VAL E 126 3.75 46.00 36.83
C VAL E 126 3.11 47.36 37.07
N PHE E 127 3.18 48.24 36.08
CA PHE E 127 2.62 49.57 36.17
C PHE E 127 1.53 49.75 35.12
N PRO E 128 0.48 50.52 35.42
CA PRO E 128 -0.58 50.73 34.44
C PRO E 128 -0.21 51.79 33.41
N LEU E 129 -0.64 51.54 32.17
CA LEU E 129 -0.63 52.54 31.10
C LEU E 129 -2.06 53.04 30.98
N ALA E 130 -2.37 54.09 31.73
CA ALA E 130 -3.76 54.52 31.86
C ALA E 130 -4.28 55.11 30.55
N PRO E 131 -5.46 54.72 30.10
CA PRO E 131 -6.08 55.39 28.95
C PRO E 131 -6.41 56.84 29.29
N SER E 132 -6.23 57.72 28.31
CA SER E 132 -6.55 59.13 28.48
C SER E 132 -6.82 59.73 27.10
N SER E 133 -7.19 61.02 27.09
CA SER E 133 -7.35 61.74 25.84
C SER E 133 -6.07 61.77 25.00
N LYS E 134 -4.97 61.25 25.53
CA LYS E 134 -3.70 61.17 24.84
C LYS E 134 -3.44 59.79 24.24
N SER E 135 -4.35 58.84 24.44
CA SER E 135 -4.27 57.55 23.78
C SER E 135 -5.59 57.14 23.12
N THR E 136 -6.49 58.09 22.88
CA THR E 136 -7.77 57.77 22.23
C THR E 136 -7.93 58.56 20.95
N SER E 137 -8.60 57.95 19.96
CA SER E 137 -8.78 58.59 18.66
C SER E 137 -9.91 57.91 17.89
N GLY E 138 -10.80 58.70 17.31
CA GLY E 138 -12.02 58.20 16.69
C GLY E 138 -12.92 57.34 17.54
N GLY E 139 -12.65 57.31 18.84
CA GLY E 139 -13.48 56.62 19.79
C GLY E 139 -12.92 55.29 20.24
N THR E 140 -11.61 55.11 20.14
CA THR E 140 -10.91 53.90 20.49
C THR E 140 -9.85 54.32 21.51
N ALA E 141 -9.81 53.65 22.65
CA ALA E 141 -8.83 53.99 23.68
C ALA E 141 -7.79 52.89 23.79
N ALA E 142 -6.52 53.30 23.83
CA ALA E 142 -5.41 52.40 24.07
C ALA E 142 -5.01 52.44 25.53
N LEU E 143 -4.61 51.29 26.05
CA LEU E 143 -4.32 51.14 27.47
C LEU E 143 -3.54 49.84 27.63
N GLY E 144 -2.76 49.77 28.70
CA GLY E 144 -1.93 48.59 28.85
C GLY E 144 -1.24 48.54 30.20
N CYS E 145 -0.30 47.62 30.30
CA CYS E 145 0.50 47.41 31.49
C CYS E 145 1.97 47.40 31.10
N LEU E 146 2.80 48.06 31.90
CA LEU E 146 4.24 48.00 31.77
C LEU E 146 4.78 46.94 32.73
N VAL E 147 5.48 45.95 32.18
CA VAL E 147 6.06 44.86 32.97
C VAL E 147 7.57 45.07 32.96
N LYS E 148 8.10 45.56 34.07
CA LYS E 148 9.43 46.16 34.10
C LYS E 148 10.33 45.40 35.07
N ASP E 149 11.57 45.16 34.62
CA ASP E 149 12.66 44.73 35.48
C ASP E 149 12.46 43.34 36.06
N TYR E 150 12.36 42.32 35.21
CA TYR E 150 12.28 40.94 35.65
C TYR E 150 13.42 40.14 35.03
N PHE E 151 13.63 38.94 35.57
CA PHE E 151 14.63 38.03 35.04
C PHE E 151 14.38 36.63 35.57
N PRO E 152 14.51 35.59 34.75
CA PRO E 152 14.74 35.73 33.31
C PRO E 152 13.44 35.82 32.51
N GLU E 153 13.53 35.51 31.22
CA GLU E 153 12.37 35.29 30.38
C GLU E 153 11.79 33.91 30.65
N PRO E 154 10.49 33.71 30.37
CA PRO E 154 9.54 34.64 29.77
C PRO E 154 8.47 35.19 30.72
N VAL E 155 7.78 36.24 30.27
CA VAL E 155 6.54 36.71 30.88
C VAL E 155 5.42 36.50 29.88
N THR E 156 4.26 36.11 30.37
CA THR E 156 3.06 36.06 29.55
C THR E 156 1.99 36.97 30.16
N VAL E 157 1.19 37.57 29.28
CA VAL E 157 0.17 38.53 29.67
C VAL E 157 -1.14 38.15 29.00
N SER E 158 -2.21 38.12 29.78
CA SER E 158 -3.57 38.08 29.27
C SER E 158 -4.32 39.30 29.77
N TRP E 159 -5.54 39.47 29.27
CA TRP E 159 -6.40 40.56 29.71
C TRP E 159 -7.76 40.00 30.11
N ASN E 160 -8.24 40.41 31.27
CA ASN E 160 -9.50 39.92 31.84
C ASN E 160 -9.54 38.39 31.85
N SER E 161 -8.44 37.79 32.30
CA SER E 161 -8.31 36.33 32.41
C SER E 161 -8.54 35.64 31.07
N GLY E 162 -8.30 36.34 29.97
CA GLY E 162 -8.48 35.78 28.64
C GLY E 162 -9.79 36.14 27.97
N ALA E 163 -10.70 36.80 28.68
CA ALA E 163 -11.96 37.21 28.06
C ALA E 163 -11.75 38.28 27.00
N LEU E 164 -10.70 39.09 27.14
CA LEU E 164 -10.39 40.16 26.20
C LEU E 164 -9.20 39.75 25.36
N THR E 165 -9.45 39.41 24.08
CA THR E 165 -8.40 39.10 23.14
C THR E 165 -8.34 40.02 21.92
N SER E 166 -9.45 40.66 21.56
CA SER E 166 -9.48 41.51 20.38
C SER E 166 -8.80 42.84 20.68
N GLY E 167 -7.77 43.18 19.90
CA GLY E 167 -7.05 44.42 20.08
C GLY E 167 -5.77 44.31 20.88
N VAL E 168 -5.48 43.15 21.43
CA VAL E 168 -4.32 42.98 22.31
C VAL E 168 -3.05 42.94 21.47
N HIS E 169 -2.02 43.65 21.92
CA HIS E 169 -0.68 43.55 21.35
C HIS E 169 0.31 43.47 22.51
N THR E 170 0.92 42.31 22.68
CA THR E 170 1.98 42.10 23.67
C THR E 170 3.33 42.12 22.94
N PHE E 171 4.10 43.18 23.15
CA PHE E 171 5.32 43.38 22.40
C PHE E 171 6.44 42.50 22.92
N PRO E 172 7.44 42.19 22.09
CA PRO E 172 8.63 41.50 22.59
C PRO E 172 9.35 42.31 23.65
N ALA E 173 9.94 41.59 24.60
CA ALA E 173 10.68 42.25 25.68
C ALA E 173 12.00 42.80 25.17
N VAL E 174 12.43 43.90 25.77
CA VAL E 174 13.74 44.48 25.49
C VAL E 174 14.64 44.25 26.70
N LEU E 175 15.93 44.07 26.44
CA LEU E 175 16.91 43.92 27.50
C LEU E 175 17.50 45.29 27.80
N GLN E 176 17.22 45.80 29.00
CA GLN E 176 17.75 47.10 29.41
C GLN E 176 19.22 46.97 29.80
N SER E 177 19.90 48.11 29.84
CA SER E 177 21.31 48.14 30.21
C SER E 177 21.57 47.59 31.60
N SER E 178 20.54 47.41 32.42
CA SER E 178 20.68 46.86 33.76
C SER E 178 20.78 45.35 33.78
N GLY E 179 20.47 44.68 32.67
CA GLY E 179 20.38 43.24 32.63
C GLY E 179 18.98 42.68 32.82
N LEU E 180 18.01 43.53 33.15
CA LEU E 180 16.64 43.10 33.38
C LEU E 180 15.76 43.43 32.18
N TYR E 181 14.82 42.54 31.88
CA TYR E 181 13.95 42.74 30.74
C TYR E 181 12.77 43.64 31.11
N SER E 182 12.21 44.28 30.09
CA SER E 182 11.02 45.09 30.24
C SER E 182 10.08 44.83 29.07
N LEU E 183 8.79 44.79 29.36
CA LEU E 183 7.78 44.37 28.39
C LEU E 183 6.56 45.25 28.57
N SER E 184 5.82 45.45 27.48
CA SER E 184 4.53 46.11 27.55
C SER E 184 3.49 45.30 26.78
N SER E 185 2.27 45.30 27.30
CA SER E 185 1.11 44.75 26.62
C SER E 185 0.06 45.84 26.53
N VAL E 186 -0.68 45.88 25.42
CA VAL E 186 -1.68 46.91 25.20
C VAL E 186 -2.91 46.26 24.57
N VAL E 187 -4.06 46.91 24.77
CA VAL E 187 -5.29 46.55 24.08
C VAL E 187 -6.00 47.84 23.70
N THR E 188 -6.81 47.77 22.65
CA THR E 188 -7.66 48.87 22.23
C THR E 188 -9.10 48.53 22.57
N VAL E 189 -9.81 49.48 23.17
CA VAL E 189 -11.19 49.28 23.62
C VAL E 189 -11.99 50.53 23.27
N PRO E 190 -13.32 50.42 23.28
CA PRO E 190 -14.14 51.63 23.07
C PRO E 190 -13.91 52.63 24.19
N SER E 191 -13.78 53.90 23.81
CA SER E 191 -13.53 54.95 24.80
C SER E 191 -14.75 55.19 25.68
N SER E 192 -15.95 54.88 25.18
CA SER E 192 -17.16 55.00 26.00
C SER E 192 -17.27 53.89 27.03
N SER E 193 -16.42 52.87 26.96
CA SER E 193 -16.41 51.79 27.93
C SER E 193 -15.46 52.03 29.09
N LEU E 194 -14.60 53.07 29.00
CA LEU E 194 -13.55 53.24 30.00
C LEU E 194 -14.13 53.47 31.39
N GLY E 195 -15.30 54.10 31.48
CA GLY E 195 -15.92 54.38 32.76
C GLY E 195 -16.74 53.25 33.34
N THR E 196 -17.03 52.22 32.55
CA THR E 196 -17.93 51.16 32.97
C THR E 196 -17.29 49.77 32.98
N GLN E 197 -16.47 49.45 31.98
CA GLN E 197 -15.87 48.13 31.88
C GLN E 197 -14.53 48.09 32.59
N THR E 198 -14.32 47.06 33.41
CA THR E 198 -13.04 46.84 34.06
C THR E 198 -12.07 46.15 33.12
N TYR E 199 -10.84 46.62 33.11
CA TYR E 199 -9.76 45.99 32.34
C TYR E 199 -8.61 45.66 33.27
N ILE E 200 -8.18 44.40 33.25
CA ILE E 200 -7.13 43.89 34.13
C ILE E 200 -6.14 43.10 33.28
N CYS E 201 -4.86 43.42 33.42
CA CYS E 201 -3.81 42.61 32.81
C CYS E 201 -3.35 41.55 33.81
N ASN E 202 -3.08 40.35 33.31
CA ASN E 202 -2.74 39.20 34.13
C ASN E 202 -1.34 38.76 33.75
N VAL E 203 -0.36 39.11 34.59
CA VAL E 203 1.05 38.97 34.27
C VAL E 203 1.59 37.75 35.01
N ASN E 204 2.04 36.75 34.26
CA ASN E 204 2.57 35.51 34.82
C ASN E 204 4.07 35.47 34.59
N HIS E 205 4.84 35.35 35.68
CA HIS E 205 6.29 35.21 35.62
C HIS E 205 6.66 33.95 36.39
N LYS E 206 6.52 32.80 35.75
CA LYS E 206 6.84 31.53 36.40
C LYS E 206 8.28 31.44 36.88
N PRO E 207 9.29 31.95 36.16
CA PRO E 207 10.67 31.89 36.70
C PRO E 207 10.82 32.40 38.13
N SER E 208 10.02 33.39 38.54
CA SER E 208 10.05 33.88 39.91
C SER E 208 8.85 33.44 40.72
N ASN E 209 8.02 32.54 40.17
CA ASN E 209 6.81 32.06 40.82
C ASN E 209 5.88 33.22 41.17
N THR E 210 5.77 34.19 40.27
CA THR E 210 4.99 35.39 40.49
C THR E 210 3.85 35.48 39.48
N LYS E 211 2.67 35.84 39.98
CA LYS E 211 1.55 36.25 39.15
C LYS E 211 1.03 37.57 39.69
N VAL E 212 0.86 38.55 38.81
CA VAL E 212 0.43 39.89 39.19
C VAL E 212 -0.79 40.26 38.36
N ASP E 213 -1.86 40.66 39.04
CA ASP E 213 -3.07 41.15 38.40
C ASP E 213 -3.18 42.64 38.68
N LYS E 214 -3.17 43.45 37.63
CA LYS E 214 -3.17 44.90 37.74
C LYS E 214 -4.39 45.44 37.02
N LYS E 215 -5.24 46.16 37.74
CA LYS E 215 -6.37 46.85 37.12
C LYS E 215 -5.91 48.20 36.58
N VAL E 216 -6.26 48.48 35.33
CA VAL E 216 -5.89 49.72 34.66
C VAL E 216 -7.14 50.58 34.57
N GLU E 217 -7.04 51.81 35.06
CA GLU E 217 -8.16 52.73 35.09
C GLU E 217 -7.80 54.01 34.35
N PRO E 218 -8.78 54.74 33.84
CA PRO E 218 -8.48 55.95 33.06
C PRO E 218 -7.91 57.06 33.91
N LYS E 219 -7.17 57.95 33.25
CA LYS E 219 -6.60 59.12 33.90
C LYS E 219 -7.69 60.16 34.18
N SER E 220 -7.32 61.18 34.95
CA SER E 220 -8.22 62.29 35.23
C SER E 220 -8.25 63.28 34.08
N GLU F 2 26.65 15.89 7.87
CA GLU F 2 27.23 16.04 6.55
C GLU F 2 26.23 16.70 5.60
N LEU F 3 24.94 16.48 5.85
CA LEU F 3 23.89 16.99 4.98
C LEU F 3 23.49 18.40 5.41
N VAL F 4 23.30 19.28 4.43
CA VAL F 4 22.99 20.68 4.67
C VAL F 4 21.72 21.02 3.89
N LEU F 5 20.77 21.66 4.57
CA LEU F 5 19.51 22.10 3.97
C LEU F 5 19.58 23.61 3.77
N THR F 6 19.60 24.03 2.51
CA THR F 6 19.59 25.45 2.15
C THR F 6 18.16 25.87 1.82
N GLN F 7 17.56 26.65 2.72
CA GLN F 7 16.27 27.27 2.44
C GLN F 7 16.44 28.57 1.69
N SER F 8 15.61 28.78 0.68
CA SER F 8 15.64 29.99 -0.12
C SER F 8 14.23 30.38 -0.50
N PRO F 9 13.91 31.69 -0.48
CA PRO F 9 14.78 32.72 0.10
C PRO F 9 14.64 32.81 1.62
N ALA F 10 15.47 33.66 2.25
CA ALA F 10 15.38 33.83 3.70
C ALA F 10 14.12 34.56 4.11
N SER F 11 13.58 35.41 3.24
CA SER F 11 12.33 36.09 3.50
C SER F 11 11.64 36.35 2.17
N LEU F 12 10.35 36.69 2.26
CA LEU F 12 9.51 36.69 1.07
C LEU F 12 8.21 37.45 1.32
N ALA F 13 8.04 38.59 0.66
CA ALA F 13 6.82 39.38 0.78
C ALA F 13 5.92 39.13 -0.42
N VAL F 14 4.68 38.74 -0.14
CA VAL F 14 3.69 38.42 -1.17
C VAL F 14 2.38 39.11 -0.80
N SER F 15 1.62 39.52 -1.80
CA SER F 15 0.34 40.16 -1.59
C SER F 15 -0.77 39.13 -1.48
N LEU F 16 -1.88 39.55 -0.87
CA LEU F 16 -3.04 38.68 -0.68
C LEU F 16 -3.55 38.14 -2.01
N GLY F 17 -3.81 36.83 -2.05
CA GLY F 17 -4.33 36.19 -3.24
C GLY F 17 -3.28 35.72 -4.22
N GLN F 18 -2.02 36.08 -4.03
CA GLN F 18 -0.95 35.67 -4.94
C GLN F 18 -0.34 34.35 -4.48
N ARG F 19 0.66 33.88 -5.21
CA ARG F 19 1.29 32.60 -4.95
C ARG F 19 2.65 32.81 -4.29
N ALA F 20 2.94 32.01 -3.27
CA ALA F 20 4.20 32.03 -2.57
C ALA F 20 4.84 30.66 -2.65
N THR F 21 6.09 30.61 -3.12
CA THR F 21 6.83 29.37 -3.25
C THR F 21 8.12 29.47 -2.43
N ILE F 22 8.35 28.47 -1.59
CA ILE F 22 9.56 28.39 -0.76
C ILE F 22 10.32 27.14 -1.16
N SER F 23 11.63 27.26 -1.32
CA SER F 23 12.47 26.18 -1.81
C SER F 23 13.38 25.68 -0.69
N CYS F 24 13.74 24.40 -0.79
CA CYS F 24 14.64 23.77 0.18
C CYS F 24 15.47 22.74 -0.56
N ARG F 25 16.79 22.97 -0.59
CA ARG F 25 17.72 22.10 -1.29
C ARG F 25 18.63 21.39 -0.29
N ALA F 26 18.85 20.10 -0.52
CA ALA F 26 19.75 19.30 0.29
C ALA F 26 21.04 19.03 -0.47
N SER F 27 22.12 18.80 0.29
CA SER F 27 23.40 18.43 -0.30
C SER F 27 23.51 16.96 -0.62
N GLU F 28 22.56 16.14 -0.15
CA GLU F 28 22.48 14.73 -0.51
C GLU F 28 21.01 14.33 -0.53
N SER F 29 20.72 13.25 -1.25
CA SER F 29 19.34 12.79 -1.39
C SER F 29 18.76 12.43 -0.02
N VAL F 30 17.52 12.85 0.20
CA VAL F 30 16.77 12.45 1.39
C VAL F 30 15.73 11.39 1.06
N ASP F 31 15.91 10.66 -0.03
CA ASP F 31 14.95 9.66 -0.48
C ASP F 31 15.43 8.27 -0.07
N SER F 32 14.51 7.45 0.42
CA SER F 32 14.78 6.04 0.64
C SER F 32 13.44 5.30 0.70
N TYR F 33 13.51 4.01 0.38
CA TYR F 33 12.36 3.09 0.39
C TYR F 33 11.11 3.72 -0.22
N GLY F 34 11.30 4.45 -1.33
CA GLY F 34 10.18 4.97 -2.08
C GLY F 34 9.51 6.20 -1.50
N ASN F 35 10.19 6.92 -0.61
CA ASN F 35 9.62 8.08 0.05
C ASN F 35 10.66 9.20 0.09
N SER F 36 10.17 10.44 0.12
CA SER F 36 11.01 11.61 0.33
C SER F 36 10.82 12.07 1.77
N PHE F 37 11.88 11.95 2.56
CA PHE F 37 11.81 12.30 3.99
C PHE F 37 12.05 13.79 4.19
N MET F 38 11.15 14.58 3.60
CA MET F 38 11.19 16.03 3.66
C MET F 38 9.86 16.52 4.20
N HIS F 39 9.91 17.46 5.15
CA HIS F 39 8.72 17.91 5.87
C HIS F 39 8.78 19.41 6.04
N TRP F 40 7.62 20.04 6.05
CA TRP F 40 7.49 21.49 6.13
C TRP F 40 6.71 21.88 7.36
N TYR F 41 7.23 22.84 8.12
CA TYR F 41 6.59 23.33 9.33
C TYR F 41 6.35 24.83 9.24
N GLN F 42 5.26 25.27 9.86
CA GLN F 42 4.96 26.68 10.06
C GLN F 42 5.08 27.01 11.54
N GLN F 43 5.75 28.11 11.86
CA GLN F 43 5.87 28.56 13.24
C GLN F 43 5.57 30.06 13.32
N LYS F 44 4.76 30.44 14.31
CA LYS F 44 4.44 31.81 14.63
C LYS F 44 4.93 32.12 16.03
N PRO F 45 5.12 33.40 16.37
CA PRO F 45 5.62 33.74 17.70
C PRO F 45 4.70 33.22 18.79
N GLY F 46 5.32 32.70 19.86
CA GLY F 46 4.56 32.17 20.97
C GLY F 46 3.82 30.89 20.68
N GLN F 47 4.28 30.12 19.69
CA GLN F 47 3.64 28.87 19.32
C GLN F 47 4.71 27.87 18.88
N PRO F 48 4.55 26.60 19.22
CA PRO F 48 5.42 25.56 18.63
C PRO F 48 5.28 25.53 17.12
N PRO F 49 6.23 24.93 16.41
CA PRO F 49 6.04 24.72 14.97
C PRO F 49 4.91 23.75 14.73
N LYS F 50 4.30 23.86 13.56
CA LYS F 50 3.13 23.05 13.21
C LYS F 50 3.43 22.31 11.92
N LEU F 51 3.10 21.02 11.89
CA LEU F 51 3.35 20.19 10.72
C LEU F 51 2.32 20.50 9.66
N LEU F 52 2.77 20.96 8.49
CA LEU F 52 1.91 21.23 7.36
C LEU F 52 1.96 20.11 6.33
N ILE F 53 3.16 19.71 5.91
CA ILE F 53 3.35 18.76 4.83
C ILE F 53 4.42 17.77 5.26
N TYR F 54 4.05 16.49 5.38
CA TYR F 54 4.99 15.44 5.69
C TYR F 54 5.26 14.61 4.45
N LEU F 55 6.46 14.03 4.38
CA LEU F 55 6.88 13.20 3.24
C LEU F 55 6.74 13.95 1.92
N ALA F 56 7.09 15.24 1.94
CA ALA F 56 7.30 16.08 0.77
C ALA F 56 6.01 16.60 0.16
N SER F 57 4.98 15.76 0.06
CA SER F 57 3.75 16.15 -0.62
C SER F 57 2.46 15.85 0.13
N ASN F 58 2.52 15.17 1.28
CA ASN F 58 1.31 14.74 1.97
C ASN F 58 0.85 15.84 2.92
N LEU F 59 -0.43 16.18 2.85
CA LEU F 59 -1.01 17.26 3.64
C LEU F 59 -1.48 16.74 4.99
N GLU F 60 -1.00 17.35 6.07
CA GLU F 60 -1.49 17.03 7.40
C GLU F 60 -2.96 17.41 7.53
N SER F 61 -3.70 16.63 8.31
CA SER F 61 -5.13 16.87 8.46
C SER F 61 -5.37 18.22 9.14
N GLY F 62 -6.38 18.93 8.65
CA GLY F 62 -6.65 20.27 9.15
C GLY F 62 -5.74 21.35 8.62
N VAL F 63 -5.04 21.10 7.52
CA VAL F 63 -4.23 22.09 6.82
C VAL F 63 -4.95 22.47 5.53
N PRO F 64 -5.13 23.75 5.24
CA PRO F 64 -5.89 24.13 4.04
C PRO F 64 -5.15 23.76 2.77
N ALA F 65 -5.92 23.36 1.75
CA ALA F 65 -5.36 22.89 0.49
C ALA F 65 -4.70 23.98 -0.34
N ARG F 66 -4.76 25.25 0.06
CA ARG F 66 -3.84 26.23 -0.51
C ARG F 66 -2.38 25.82 -0.35
N PHE F 67 -2.07 24.95 0.61
CA PHE F 67 -0.72 24.47 0.80
C PHE F 67 -0.48 23.21 -0.02
N SER F 68 0.74 23.09 -0.54
CA SER F 68 1.12 21.91 -1.30
C SER F 68 2.64 21.87 -1.39
N GLY F 69 3.17 20.66 -1.50
CA GLY F 69 4.60 20.46 -1.59
C GLY F 69 4.94 19.49 -2.70
N SER F 70 6.13 19.65 -3.26
CA SER F 70 6.56 18.80 -4.36
C SER F 70 8.07 18.70 -4.36
N GLY F 71 8.58 17.74 -5.12
CA GLY F 71 10.00 17.52 -5.27
C GLY F 71 10.38 16.09 -4.95
N SER F 72 11.64 15.79 -5.23
CA SER F 72 12.25 14.53 -4.81
C SER F 72 13.75 14.73 -4.68
N ARG F 73 14.41 13.75 -4.09
CA ARG F 73 15.86 13.72 -3.96
C ARG F 73 16.41 14.96 -3.24
N THR F 74 17.03 15.88 -3.97
CA THR F 74 17.61 17.07 -3.37
C THR F 74 16.83 18.37 -3.61
N ASP F 75 15.72 18.36 -4.34
CA ASP F 75 15.00 19.60 -4.66
C ASP F 75 13.54 19.51 -4.23
N PHE F 76 13.15 20.33 -3.26
CA PHE F 76 11.79 20.36 -2.74
C PHE F 76 11.29 21.80 -2.67
N THR F 77 9.98 21.97 -2.84
CA THR F 77 9.35 23.28 -2.72
C THR F 77 8.06 23.17 -1.91
N LEU F 78 7.75 24.26 -1.20
CA LEU F 78 6.44 24.48 -0.60
C LEU F 78 5.75 25.61 -1.37
N THR F 79 4.45 25.49 -1.58
CA THR F 79 3.68 26.48 -2.33
C THR F 79 2.40 26.84 -1.59
N ILE F 80 2.20 28.14 -1.38
CA ILE F 80 0.94 28.68 -0.85
C ILE F 80 0.27 29.45 -1.98
N ASP F 81 -0.87 28.96 -2.44
CA ASP F 81 -1.55 29.59 -3.56
C ASP F 81 -3.05 29.31 -3.47
N PRO F 82 -3.88 30.33 -3.17
CA PRO F 82 -3.48 31.72 -2.92
C PRO F 82 -3.07 31.96 -1.48
N VAL F 83 -2.15 32.89 -1.24
CA VAL F 83 -1.69 33.16 0.11
C VAL F 83 -2.72 34.03 0.83
N GLU F 84 -2.91 33.75 2.11
CA GLU F 84 -3.90 34.42 2.94
C GLU F 84 -3.20 35.10 4.11
N ALA F 85 -3.93 36.02 4.75
CA ALA F 85 -3.35 36.80 5.85
C ALA F 85 -2.92 35.90 7.00
N ASP F 86 -3.58 34.75 7.17
CA ASP F 86 -3.23 33.80 8.22
C ASP F 86 -1.92 33.08 7.94
N ASP F 87 -1.35 33.23 6.75
CA ASP F 87 -0.10 32.55 6.39
C ASP F 87 1.14 33.34 6.77
N ALA F 88 1.01 34.55 7.29
CA ALA F 88 2.16 35.29 7.78
C ALA F 88 2.83 34.54 8.92
N ALA F 89 4.05 34.06 8.69
CA ALA F 89 4.76 33.23 9.66
C ALA F 89 6.16 32.90 9.15
N THR F 90 6.94 32.17 9.96
CA THR F 90 8.19 31.57 9.51
C THR F 90 7.94 30.10 9.16
N TYR F 91 8.58 29.65 8.08
CA TYR F 91 8.44 28.28 7.60
C TYR F 91 9.80 27.60 7.59
N TYR F 92 9.80 26.30 7.92
CA TYR F 92 11.02 25.50 7.98
C TYR F 92 10.80 24.18 7.24
N CYS F 93 11.81 23.78 6.48
CA CYS F 93 11.84 22.41 5.98
C CYS F 93 12.69 21.56 6.92
N GLN F 94 12.44 20.25 6.87
CA GLN F 94 13.12 19.33 7.77
C GLN F 94 13.28 17.99 7.10
N GLN F 95 14.47 17.40 7.26
CA GLN F 95 14.77 16.09 6.70
C GLN F 95 15.19 15.16 7.83
N ASN F 96 14.66 13.94 7.79
CA ASN F 96 15.01 12.91 8.77
C ASN F 96 15.29 11.59 8.07
N ASN F 97 15.84 11.65 6.86
CA ASN F 97 16.24 10.45 6.14
C ASN F 97 17.54 9.87 6.69
N GLU F 98 18.40 10.70 7.28
CA GLU F 98 19.74 10.26 7.62
C GLU F 98 20.33 11.20 8.67
N ASP F 99 21.32 10.68 9.39
CA ASP F 99 22.03 11.50 10.36
C ASP F 99 22.95 12.48 9.63
N PRO F 100 23.01 13.74 10.05
CA PRO F 100 22.23 14.39 11.13
C PRO F 100 20.89 14.96 10.68
N TRP F 101 19.83 14.66 11.41
CA TRP F 101 18.56 15.35 11.19
C TRP F 101 18.75 16.84 11.38
N THR F 102 18.18 17.63 10.48
CA THR F 102 18.45 19.06 10.47
C THR F 102 17.24 19.83 9.95
N PHE F 103 17.02 21.01 10.51
CA PHE F 103 16.06 21.97 9.99
C PHE F 103 16.72 22.93 9.01
N GLY F 104 15.93 23.44 8.08
CA GLY F 104 16.35 24.56 7.28
C GLY F 104 16.46 25.85 8.10
N GLY F 105 17.08 26.86 7.49
CA GLY F 105 17.28 28.12 8.17
C GLY F 105 16.02 28.93 8.39
N GLY F 106 14.93 28.59 7.70
CA GLY F 106 13.67 29.29 7.87
C GLY F 106 13.43 30.31 6.78
N THR F 107 12.15 30.65 6.59
CA THR F 107 11.73 31.64 5.60
C THR F 107 10.60 32.47 6.19
N LYS F 108 10.85 33.76 6.39
CA LYS F 108 9.84 34.67 6.92
C LYS F 108 8.91 35.13 5.79
N LEU F 109 7.63 34.78 5.89
CA LEU F 109 6.64 35.21 4.90
C LEU F 109 5.96 36.47 5.38
N GLU F 110 6.10 37.55 4.62
CA GLU F 110 5.36 38.79 4.85
C GLU F 110 4.22 38.92 3.86
N ILE F 111 3.13 39.54 4.31
CA ILE F 111 2.00 39.88 3.45
C ILE F 111 2.10 41.35 3.07
N LYS F 112 2.07 41.63 1.78
CA LYS F 112 2.05 43.00 1.28
C LYS F 112 0.60 43.47 1.16
N ARG F 113 0.27 44.53 1.88
CA ARG F 113 -1.03 45.18 1.82
C ARG F 113 -0.86 46.65 1.46
N ALA F 114 -1.99 47.36 1.41
CA ALA F 114 -1.96 48.81 1.28
C ALA F 114 -1.30 49.42 2.51
N ASP F 115 -0.71 50.59 2.32
CA ASP F 115 -0.10 51.32 3.43
C ASP F 115 -1.15 51.67 4.48
N ALA F 116 -0.71 51.72 5.73
CA ALA F 116 -1.55 52.11 6.85
C ALA F 116 -0.72 52.94 7.81
N ALA F 117 -1.11 54.20 8.02
CA ALA F 117 -0.42 55.02 8.99
C ALA F 117 -0.69 54.54 10.41
N PRO F 118 0.25 54.72 11.32
CA PRO F 118 0.02 54.33 12.72
C PRO F 118 -0.78 55.39 13.45
N THR F 119 -1.73 54.93 14.26
CA THR F 119 -2.31 55.79 15.28
C THR F 119 -1.35 55.82 16.47
N VAL F 120 -0.86 57.01 16.80
CA VAL F 120 0.19 57.18 17.79
C VAL F 120 -0.44 57.60 19.11
N SER F 121 -0.20 56.81 20.15
CA SER F 121 -0.55 57.16 21.51
C SER F 121 0.72 57.42 22.31
N ILE F 122 0.61 58.26 23.33
CA ILE F 122 1.70 58.49 24.26
C ILE F 122 1.17 58.29 25.68
N PHE F 123 1.99 57.69 26.53
CA PHE F 123 1.63 57.43 27.91
C PHE F 123 2.66 58.05 28.84
N PRO F 124 2.25 58.86 29.80
CA PRO F 124 3.21 59.40 30.78
C PRO F 124 3.47 58.38 31.87
N PRO F 125 4.49 58.58 32.69
CA PRO F 125 4.75 57.62 33.77
C PRO F 125 3.64 57.66 34.81
N SER F 126 3.28 56.48 35.30
CA SER F 126 2.29 56.39 36.36
C SER F 126 2.83 57.01 37.65
N SER F 127 1.90 57.49 38.49
CA SER F 127 2.29 57.97 39.81
C SER F 127 2.88 56.85 40.66
N GLU F 128 2.47 55.60 40.39
CA GLU F 128 3.02 54.47 41.13
C GLU F 128 4.49 54.27 40.82
N GLN F 129 4.90 54.49 39.57
CA GLN F 129 6.31 54.34 39.21
C GLN F 129 7.16 55.50 39.73
N LEU F 130 6.62 56.72 39.69
CA LEU F 130 7.39 57.88 40.12
C LEU F 130 7.86 57.73 41.57
N THR F 131 6.98 57.24 42.45
CA THR F 131 7.32 56.82 43.80
C THR F 131 8.67 56.11 43.89
N SER F 132 8.97 55.26 42.91
CA SER F 132 10.21 54.49 42.93
C SER F 132 11.44 55.32 42.57
N GLY F 133 11.26 56.46 41.91
CA GLY F 133 12.37 57.27 41.46
C GLY F 133 12.82 57.02 40.04
N THR F 134 12.03 56.32 39.24
CA THR F 134 12.28 56.14 37.82
C THR F 134 11.00 56.45 37.06
N ALA F 135 11.16 57.01 35.86
CA ALA F 135 10.00 57.43 35.05
C ALA F 135 10.16 56.86 33.65
N SER F 136 9.31 55.90 33.31
CA SER F 136 9.22 55.36 31.95
C SER F 136 8.10 56.05 31.19
N VAL F 137 8.38 56.48 29.97
CA VAL F 137 7.40 57.12 29.10
C VAL F 137 7.26 56.24 27.86
N VAL F 138 6.02 55.89 27.52
CA VAL F 138 5.74 54.88 26.51
C VAL F 138 4.98 55.53 25.35
N CYS F 139 5.41 55.21 24.13
CA CYS F 139 4.78 55.68 22.90
C CYS F 139 4.35 54.46 22.10
N LEU F 140 3.07 54.39 21.76
CA LEU F 140 2.51 53.27 21.03
C LEU F 140 2.18 53.68 19.60
N LEU F 141 2.66 52.89 18.64
CA LEU F 141 2.30 53.03 17.23
C LEU F 141 1.50 51.78 16.86
N ASN F 142 0.20 51.94 16.64
CA ASN F 142 -0.72 50.83 16.56
C ASN F 142 -1.15 50.59 15.12
N ASN F 143 -1.06 49.32 14.69
CA ASN F 143 -1.62 48.85 13.42
C ASN F 143 -1.17 49.65 12.21
N PHE F 144 0.06 49.44 11.76
CA PHE F 144 0.61 50.20 10.65
C PHE F 144 1.35 49.28 9.69
N TYR F 145 1.43 49.72 8.43
CA TYR F 145 2.13 49.02 7.37
C TYR F 145 2.60 50.09 6.40
N PRO F 146 3.83 49.98 5.86
CA PRO F 146 4.84 48.94 6.06
C PRO F 146 5.60 49.00 7.38
N ARG F 147 6.41 47.99 7.62
CA ARG F 147 7.05 47.80 8.92
C ARG F 147 7.99 48.95 9.27
N GLU F 148 8.56 49.62 8.26
CA GLU F 148 9.57 50.64 8.52
C GLU F 148 8.93 51.86 9.17
N ALA F 149 9.43 52.22 10.34
CA ALA F 149 8.95 53.37 11.08
C ALA F 149 10.09 53.91 11.93
N LYS F 150 10.20 55.24 12.02
CA LYS F 150 11.20 55.89 12.84
C LYS F 150 10.51 56.63 13.98
N VAL F 151 11.02 56.45 15.19
CA VAL F 151 10.47 57.06 16.39
C VAL F 151 11.60 57.77 17.12
N GLN F 152 11.46 59.08 17.31
CA GLN F 152 12.43 59.89 18.04
C GLN F 152 11.78 60.52 19.25
N TRP F 153 12.47 60.50 20.37
CA TRP F 153 12.00 61.12 21.61
C TRP F 153 12.61 62.49 21.76
N LYS F 154 11.78 63.48 22.05
CA LYS F 154 12.23 64.82 22.40
C LYS F 154 11.69 65.19 23.78
N VAL F 155 12.51 65.88 24.55
CA VAL F 155 12.11 66.41 25.85
C VAL F 155 12.42 67.89 25.84
N ASP F 156 11.37 68.71 25.89
CA ASP F 156 11.48 70.16 25.68
C ASP F 156 12.29 70.47 24.42
N ASN F 157 12.02 69.73 23.34
CA ASN F 157 12.61 69.86 22.01
C ASN F 157 14.03 69.31 21.91
N ALA F 158 14.56 68.68 22.97
CA ALA F 158 15.90 68.12 22.93
C ALA F 158 15.85 66.64 22.57
N LEU F 159 16.65 66.25 21.59
CA LEU F 159 16.68 64.86 21.16
C LEU F 159 17.30 63.98 22.24
N GLN F 160 16.78 62.76 22.36
CA GLN F 160 17.22 61.83 23.39
C GLN F 160 17.99 60.69 22.72
N SER F 161 19.11 60.31 23.32
CA SER F 161 19.92 59.20 22.83
C SER F 161 20.33 58.31 24.00
N GLY F 162 20.26 57.00 23.78
CA GLY F 162 20.79 56.04 24.73
C GLY F 162 19.92 55.77 25.94
N ASN F 163 18.73 56.37 26.01
CA ASN F 163 17.85 56.20 27.16
C ASN F 163 16.47 55.69 26.75
N SER F 164 16.35 55.09 25.57
CA SER F 164 15.08 54.52 25.13
C SER F 164 15.34 53.24 24.36
N GLN F 165 14.30 52.41 24.27
CA GLN F 165 14.35 51.16 23.53
C GLN F 165 12.95 50.88 22.97
N GLU F 166 12.91 50.11 21.90
CA GLU F 166 11.64 49.77 21.27
C GLU F 166 11.68 48.33 20.78
N SER F 167 10.49 47.74 20.66
CA SER F 167 10.33 46.44 20.02
C SER F 167 9.11 46.51 19.10
N VAL F 168 9.10 45.62 18.11
CA VAL F 168 8.01 45.53 17.15
C VAL F 168 7.37 44.15 17.27
N THR F 169 6.05 44.11 17.15
CA THR F 169 5.34 42.83 17.10
C THR F 169 5.57 42.16 15.74
N GLU F 170 5.18 40.90 15.67
CA GLU F 170 5.13 40.21 14.39
C GLU F 170 3.94 40.75 13.58
N GLN F 171 3.81 40.25 12.35
CA GLN F 171 2.72 40.72 11.49
C GLN F 171 1.41 40.11 11.97
N ASP F 172 0.39 40.95 12.10
CA ASP F 172 -0.89 40.49 12.61
C ASP F 172 -1.54 39.51 11.64
N SER F 173 -2.10 38.44 12.19
CA SER F 173 -2.67 37.36 11.39
C SER F 173 -4.01 37.73 10.76
N LYS F 174 -4.55 38.91 11.06
CA LYS F 174 -5.88 39.31 10.61
C LYS F 174 -5.85 40.47 9.63
N ASP F 175 -5.19 41.57 9.98
CA ASP F 175 -5.11 42.74 9.11
C ASP F 175 -3.73 42.99 8.54
N SER F 176 -2.75 42.13 8.83
CA SER F 176 -1.42 42.18 8.22
C SER F 176 -0.68 43.47 8.55
N THR F 177 -0.99 44.08 9.69
CA THR F 177 -0.28 45.25 10.17
C THR F 177 0.75 44.88 11.24
N TYR F 178 1.64 45.82 11.53
CA TYR F 178 2.56 45.75 12.64
C TYR F 178 2.22 46.82 13.68
N SER F 179 2.66 46.58 14.91
CA SER F 179 2.62 47.58 15.96
C SER F 179 4.00 47.75 16.56
N LEU F 180 4.22 48.90 17.20
CA LEU F 180 5.53 49.25 17.72
C LEU F 180 5.35 49.97 19.05
N SER F 181 6.13 49.56 20.05
CA SER F 181 6.09 50.17 21.37
C SER F 181 7.48 50.68 21.72
N SER F 182 7.55 51.92 22.18
CA SER F 182 8.80 52.57 22.52
C SER F 182 8.72 53.10 23.94
N THR F 183 9.80 52.94 24.69
CA THR F 183 9.84 53.30 26.10
C THR F 183 11.04 54.20 26.34
N LEU F 184 10.78 55.43 26.79
CA LEU F 184 11.82 56.36 27.20
C LEU F 184 11.97 56.29 28.72
N THR F 185 13.21 56.17 29.18
CA THR F 185 13.51 55.98 30.60
C THR F 185 14.32 57.16 31.12
N LEU F 186 13.84 57.76 32.20
CA LEU F 186 14.48 58.90 32.82
C LEU F 186 14.48 58.70 34.33
N SER F 187 15.30 59.47 35.01
CA SER F 187 15.20 59.55 36.46
C SER F 187 14.00 60.40 36.85
N LYS F 188 13.44 60.12 38.02
CA LYS F 188 12.33 60.94 38.51
C LYS F 188 12.76 62.40 38.63
N ALA F 189 14.03 62.66 38.94
CA ALA F 189 14.49 64.04 39.08
C ALA F 189 14.50 64.74 37.72
N ASP F 190 14.98 64.05 36.69
CA ASP F 190 14.97 64.62 35.34
C ASP F 190 13.55 64.86 34.86
N TYR F 191 12.66 63.88 35.09
CA TYR F 191 11.29 64.01 34.63
C TYR F 191 10.57 65.19 35.27
N GLU F 192 10.90 65.53 36.52
CA GLU F 192 10.26 66.65 37.18
C GLU F 192 10.80 68.00 36.75
N LYS F 193 11.95 68.03 36.07
CA LYS F 193 12.55 69.27 35.60
C LYS F 193 12.14 69.64 34.18
N HIS F 194 11.27 68.86 33.55
CA HIS F 194 10.89 69.09 32.17
C HIS F 194 9.39 68.95 32.02
N LYS F 195 8.83 69.65 31.05
CA LYS F 195 7.38 69.71 30.86
C LYS F 195 6.88 69.07 29.58
N VAL F 196 7.52 69.34 28.45
CA VAL F 196 7.05 68.85 27.15
C VAL F 196 7.73 67.54 26.83
N TYR F 197 6.93 66.47 26.73
CA TYR F 197 7.41 65.15 26.36
C TYR F 197 6.76 64.74 25.05
N ALA F 198 7.57 64.49 24.03
CA ALA F 198 7.11 64.39 22.67
C ALA F 198 7.67 63.14 22.01
N CYS F 199 6.91 62.60 21.07
CA CYS F 199 7.25 61.35 20.39
C CYS F 199 6.96 61.55 18.91
N GLU F 200 8.01 61.60 18.11
CA GLU F 200 7.93 61.99 16.71
C GLU F 200 8.09 60.76 15.83
N VAL F 201 7.09 60.48 15.01
CA VAL F 201 7.04 59.27 14.19
C VAL F 201 7.16 59.65 12.72
N THR F 202 8.14 59.06 12.05
CA THR F 202 8.24 59.10 10.59
C THR F 202 7.80 57.76 10.05
N HIS F 203 6.76 57.77 9.21
CA HIS F 203 6.28 56.55 8.56
C HIS F 203 5.86 56.86 7.13
N GLN F 204 6.03 55.87 6.26
CA GLN F 204 5.76 56.05 4.84
C GLN F 204 4.31 56.44 4.59
N GLY F 205 3.38 55.92 5.40
CA GLY F 205 1.98 56.24 5.28
C GLY F 205 1.56 57.57 5.83
N LEU F 206 2.53 58.39 6.27
CA LEU F 206 2.28 59.72 6.80
C LEU F 206 2.78 60.77 5.82
N SER F 207 2.00 61.83 5.64
CA SER F 207 2.41 62.91 4.75
C SER F 207 3.68 63.58 5.24
N SER F 208 3.80 63.75 6.55
CA SER F 208 4.97 64.38 7.15
C SER F 208 5.11 63.83 8.55
N PRO F 209 6.26 64.09 9.21
CA PRO F 209 6.42 63.63 10.60
C PRO F 209 5.26 64.06 11.48
N VAL F 210 4.94 63.21 12.45
CA VAL F 210 3.78 63.41 13.34
C VAL F 210 4.29 63.37 14.77
N THR F 211 4.29 64.52 15.43
CA THR F 211 4.69 64.61 16.83
C THR F 211 3.47 64.41 17.73
N LYS F 212 3.52 63.37 18.57
CA LYS F 212 2.53 63.14 19.62
C LYS F 212 3.17 63.50 20.95
N SER F 213 2.61 64.48 21.63
CA SER F 213 3.20 64.99 22.86
C SER F 213 2.16 65.11 23.97
N PHE F 214 2.68 65.19 25.19
CA PHE F 214 1.93 65.65 26.34
C PHE F 214 2.79 66.64 27.12
N ASN F 215 2.13 67.47 27.91
CA ASN F 215 2.82 68.43 28.78
C ASN F 215 2.64 68.00 30.23
N ARG F 216 3.74 68.00 30.98
CA ARG F 216 3.67 67.60 32.38
C ARG F 216 2.84 68.60 33.18
N GLY F 217 2.03 68.08 34.10
CA GLY F 217 1.17 68.92 34.89
C GLY F 217 -0.04 69.46 34.16
N GLU F 218 -0.24 69.09 32.90
CA GLU F 218 -1.37 69.56 32.11
C GLU F 218 -2.12 68.41 31.47
N VAL G 2 -42.61 -3.00 5.98
CA VAL G 2 -41.18 -3.02 6.26
C VAL G 2 -40.71 -1.64 6.71
N GLN G 3 -40.00 -1.59 7.84
CA GLN G 3 -39.51 -0.33 8.40
C GLN G 3 -38.15 -0.55 9.04
N LEU G 4 -37.23 0.36 8.76
CA LEU G 4 -35.87 0.32 9.27
C LEU G 4 -35.61 1.58 10.06
N LEU G 5 -35.11 1.43 11.29
CA LEU G 5 -34.86 2.56 12.18
C LEU G 5 -33.42 2.49 12.69
N GLU G 6 -32.66 3.55 12.43
CA GLU G 6 -31.29 3.65 12.90
C GLU G 6 -31.24 4.34 14.26
N SER G 7 -30.31 3.89 15.09
CA SER G 7 -30.10 4.50 16.40
C SER G 7 -28.61 4.49 16.72
N GLY G 8 -28.24 5.30 17.70
CA GLY G 8 -26.85 5.47 18.06
C GLY G 8 -26.50 6.91 18.39
N PRO G 9 -25.23 7.17 18.62
CA PRO G 9 -24.83 8.51 19.07
C PRO G 9 -24.73 9.51 17.94
N SER G 10 -24.92 10.78 18.29
CA SER G 10 -24.84 11.88 17.36
C SER G 10 -23.42 12.41 17.20
N LEU G 11 -22.62 12.32 18.26
CA LEU G 11 -21.31 12.95 18.32
C LEU G 11 -20.30 11.96 18.89
N VAL G 12 -19.31 11.59 18.08
CA VAL G 12 -18.22 10.73 18.50
C VAL G 12 -16.92 11.50 18.37
N LYS G 13 -16.01 11.29 19.32
CA LYS G 13 -14.74 11.98 19.32
C LYS G 13 -13.75 11.30 18.36
N PRO G 14 -12.80 12.06 17.80
CA PRO G 14 -11.77 11.44 16.96
C PRO G 14 -11.06 10.31 17.67
N SER G 15 -10.59 9.34 16.87
CA SER G 15 -9.85 8.15 17.29
C SER G 15 -10.73 7.13 18.02
N GLN G 16 -12.00 7.42 18.23
CA GLN G 16 -12.89 6.47 18.89
C GLN G 16 -13.63 5.64 17.84
N THR G 17 -14.52 4.77 18.31
CA THR G 17 -15.20 3.80 17.48
C THR G 17 -16.69 4.11 17.43
N LEU G 18 -17.24 4.19 16.23
CA LEU G 18 -18.66 4.41 16.05
C LEU G 18 -19.39 3.08 16.09
N SER G 19 -20.66 3.11 16.52
CA SER G 19 -21.41 1.90 16.79
C SER G 19 -22.89 2.22 16.65
N LEU G 20 -23.48 1.80 15.53
CA LEU G 20 -24.84 2.15 15.16
C LEU G 20 -25.68 0.87 15.09
N THR G 21 -26.98 1.04 15.28
CA THR G 21 -27.93 -0.07 15.26
C THR G 21 -29.06 0.24 14.30
N CYS G 22 -29.50 -0.79 13.57
CA CYS G 22 -30.70 -0.73 12.73
C CYS G 22 -31.64 -1.82 13.21
N SER G 23 -32.85 -1.42 13.59
CA SER G 23 -33.88 -2.36 14.00
C SER G 23 -34.92 -2.51 12.88
N VAL G 24 -35.30 -3.75 12.60
CA VAL G 24 -36.15 -4.08 11.47
C VAL G 24 -37.50 -4.57 11.98
N THR G 25 -38.57 -4.16 11.30
CA THR G 25 -39.92 -4.64 11.57
C THR G 25 -40.63 -4.87 10.25
N GLY G 26 -41.58 -5.79 10.26
CA GLY G 26 -42.31 -6.12 9.05
C GLY G 26 -41.55 -6.99 8.09
N ASP G 27 -40.46 -7.62 8.53
CA ASP G 27 -39.60 -8.50 7.74
C ASP G 27 -38.51 -8.98 8.67
N SER G 28 -37.91 -10.12 8.32
CA SER G 28 -36.91 -10.76 9.15
C SER G 28 -35.55 -10.68 8.45
N ILE G 29 -34.50 -10.42 9.24
CA ILE G 29 -33.15 -10.27 8.68
C ILE G 29 -32.54 -11.61 8.31
N THR G 30 -33.20 -12.73 8.59
CA THR G 30 -32.76 -14.03 8.12
C THR G 30 -33.15 -14.29 6.68
N SER G 31 -33.67 -13.28 5.98
CA SER G 31 -33.88 -13.34 4.54
C SER G 31 -33.34 -12.06 3.91
N GLY G 32 -32.57 -12.21 2.84
CA GLY G 32 -32.10 -11.07 2.08
C GLY G 32 -30.74 -10.55 2.50
N TYR G 33 -30.52 -9.27 2.19
CA TYR G 33 -29.26 -8.59 2.44
C TYR G 33 -29.53 -7.24 3.08
N TRP G 34 -28.72 -6.88 4.07
CA TRP G 34 -28.99 -5.75 4.96
C TRP G 34 -27.77 -4.85 4.99
N ASN G 35 -27.91 -3.65 4.41
CA ASN G 35 -26.79 -2.81 4.03
C ASN G 35 -26.68 -1.60 4.95
N TRP G 36 -25.46 -1.07 5.03
CA TRP G 36 -25.21 0.25 5.61
C TRP G 36 -24.66 1.17 4.52
N ILE G 37 -25.08 2.43 4.57
CA ILE G 37 -24.71 3.45 3.59
C ILE G 37 -24.58 4.78 4.33
N ARG G 38 -23.64 5.61 3.90
CA ARG G 38 -23.47 6.93 4.49
C ARG G 38 -23.39 7.98 3.40
N LYS G 39 -23.70 9.22 3.80
CA LYS G 39 -23.82 10.35 2.88
C LYS G 39 -23.01 11.52 3.46
N PHE G 40 -21.92 11.86 2.78
CA PHE G 40 -21.05 12.95 3.21
C PHE G 40 -21.68 14.32 2.96
N PRO G 41 -21.21 15.36 3.65
CA PRO G 41 -21.64 16.71 3.32
C PRO G 41 -21.16 17.03 1.92
N GLY G 42 -21.90 17.89 1.22
CA GLY G 42 -21.59 18.04 -0.19
C GLY G 42 -21.94 16.69 -0.78
N ASN G 43 -23.20 16.33 -0.53
CA ASN G 43 -23.84 15.04 -0.77
C ASN G 43 -23.23 14.11 -1.81
N LYS G 44 -22.46 13.14 -1.31
CA LYS G 44 -21.86 12.06 -2.08
C LYS G 44 -22.21 10.79 -1.32
N LEU G 45 -22.68 9.76 -2.02
CA LEU G 45 -23.09 8.53 -1.38
C LEU G 45 -21.99 7.48 -1.48
N GLU G 46 -21.71 6.81 -0.36
CA GLU G 46 -20.72 5.75 -0.29
C GLU G 46 -21.35 4.51 0.31
N TYR G 47 -21.29 3.39 -0.41
CA TYR G 47 -21.77 2.13 0.12
C TYR G 47 -20.74 1.55 1.08
N MET G 48 -21.20 1.07 2.23
CA MET G 48 -20.30 0.52 3.25
C MET G 48 -20.24 -1.01 3.23
N GLY G 49 -21.39 -1.67 3.34
CA GLY G 49 -21.41 -3.11 3.26
C GLY G 49 -22.73 -3.66 3.74
N TYR G 50 -22.83 -4.98 3.68
CA TYR G 50 -24.01 -5.69 4.17
C TYR G 50 -23.61 -6.84 5.10
N ILE G 51 -24.62 -7.36 5.80
CA ILE G 51 -24.60 -8.71 6.35
C ILE G 51 -25.76 -9.47 5.72
N SER G 52 -25.49 -10.67 5.22
CA SER G 52 -26.48 -11.42 4.48
C SER G 52 -27.46 -12.11 5.43
N TYR G 53 -28.46 -12.75 4.83
CA TYR G 53 -29.40 -13.60 5.57
C TYR G 53 -28.70 -14.72 6.33
N SER G 54 -27.49 -15.10 5.92
CA SER G 54 -26.80 -16.25 6.49
C SER G 54 -25.73 -15.85 7.49
N GLY G 55 -25.58 -14.57 7.79
CA GLY G 55 -24.52 -14.10 8.66
C GLY G 55 -23.26 -13.68 7.96
N SER G 56 -23.19 -13.82 6.64
CA SER G 56 -22.00 -13.50 5.88
C SER G 56 -21.99 -12.03 5.49
N THR G 57 -20.80 -11.46 5.43
CA THR G 57 -20.62 -10.02 5.27
C THR G 57 -19.86 -9.72 3.99
N TYR G 58 -19.99 -8.47 3.54
CA TYR G 58 -19.22 -7.92 2.45
C TYR G 58 -18.96 -6.46 2.77
N TYR G 59 -17.71 -6.02 2.66
CA TYR G 59 -17.33 -4.68 3.06
C TYR G 59 -16.73 -3.92 1.90
N ASN G 60 -16.95 -2.60 1.89
CA ASN G 60 -16.28 -1.73 0.95
C ASN G 60 -14.77 -1.86 1.12
N PRO G 61 -14.02 -2.16 0.05
CA PRO G 61 -12.56 -2.33 0.20
C PRO G 61 -11.86 -1.13 0.81
N SER G 62 -12.38 0.08 0.60
CA SER G 62 -11.78 1.27 1.22
C SER G 62 -12.08 1.37 2.70
N LEU G 63 -12.99 0.55 3.22
CA LEU G 63 -13.31 0.51 4.64
C LEU G 63 -13.08 -0.86 5.27
N LYS G 64 -12.74 -1.87 4.45
CA LYS G 64 -12.56 -3.24 4.94
C LYS G 64 -11.68 -3.31 6.18
N SER G 65 -10.71 -2.41 6.31
CA SER G 65 -9.74 -2.51 7.39
C SER G 65 -10.36 -2.23 8.75
N ARG G 66 -11.27 -1.25 8.81
CA ARG G 66 -11.79 -0.75 10.09
C ARG G 66 -13.32 -0.74 10.09
N ILE G 67 -13.95 -1.82 9.62
CA ILE G 67 -15.41 -1.91 9.64
C ILE G 67 -15.81 -3.32 10.03
N SER G 68 -16.90 -3.43 10.78
CA SER G 68 -17.49 -4.71 11.14
C SER G 68 -19.00 -4.56 11.15
N ILE G 69 -19.69 -5.55 10.59
CA ILE G 69 -21.15 -5.58 10.56
C ILE G 69 -21.61 -6.89 11.20
N THR G 70 -22.38 -6.77 12.28
CA THR G 70 -22.86 -7.90 13.07
C THR G 70 -24.38 -7.87 13.05
N ARG G 71 -25.00 -8.83 13.76
CA ARG G 71 -26.44 -8.92 13.78
C ARG G 71 -26.90 -9.69 15.01
N ASP G 72 -28.21 -9.64 15.25
CA ASP G 72 -28.82 -10.34 16.38
C ASP G 72 -30.20 -10.79 15.90
N THR G 73 -30.33 -12.10 15.60
CA THR G 73 -31.55 -12.58 14.96
C THR G 73 -32.73 -12.60 15.93
N SER G 74 -32.47 -12.76 17.22
CA SER G 74 -33.56 -12.76 18.20
C SER G 74 -34.03 -11.36 18.56
N LYS G 75 -33.39 -10.33 18.01
CA LYS G 75 -33.84 -8.96 18.13
C LYS G 75 -34.24 -8.33 16.80
N ASN G 76 -34.02 -9.04 15.69
CA ASN G 76 -34.17 -8.49 14.34
C ASN G 76 -33.42 -7.17 14.20
N GLN G 77 -32.20 -7.14 14.71
CA GLN G 77 -31.31 -5.99 14.63
C GLN G 77 -29.99 -6.40 13.99
N TYR G 78 -29.38 -5.47 13.26
CA TYR G 78 -27.99 -5.59 12.87
C TYR G 78 -27.28 -4.27 13.14
N TYR G 79 -25.96 -4.31 13.09
CA TYR G 79 -25.13 -3.28 13.69
C TYR G 79 -24.01 -2.88 12.76
N LEU G 80 -23.63 -1.61 12.82
CA LEU G 80 -22.47 -1.09 12.13
C LEU G 80 -21.44 -0.65 13.16
N GLN G 81 -20.20 -1.04 12.96
CA GLN G 81 -19.09 -0.58 13.80
C GLN G 81 -17.96 -0.10 12.91
N LEU G 82 -17.39 1.06 13.28
CA LEU G 82 -16.36 1.70 12.48
C LEU G 82 -15.30 2.24 13.43
N ASN G 83 -14.08 1.73 13.31
CA ASN G 83 -13.02 2.07 14.24
C ASN G 83 -12.32 3.36 13.83
N SER G 84 -11.65 3.96 14.80
CA SER G 84 -10.74 5.10 14.61
C SER G 84 -11.35 6.15 13.68
N VAL G 85 -12.52 6.65 14.06
CA VAL G 85 -13.19 7.65 13.25
C VAL G 85 -12.35 8.92 13.17
N THR G 86 -12.48 9.64 12.05
CA THR G 86 -11.93 10.97 11.89
C THR G 86 -13.03 11.90 11.40
N THR G 87 -12.74 13.21 11.43
CA THR G 87 -13.71 14.19 10.96
C THR G 87 -14.20 13.91 9.55
N GLU G 88 -13.42 13.17 8.75
CA GLU G 88 -13.83 12.77 7.41
C GLU G 88 -14.93 11.71 7.43
N ASP G 89 -15.24 11.13 8.58
CA ASP G 89 -16.31 10.15 8.71
C ASP G 89 -17.65 10.79 9.08
N THR G 90 -17.72 12.11 9.16
CA THR G 90 -18.99 12.78 9.42
C THR G 90 -19.92 12.61 8.23
N ALA G 91 -21.16 12.20 8.49
CA ALA G 91 -22.11 11.84 7.45
C ALA G 91 -23.43 11.46 8.09
N THR G 92 -24.47 11.41 7.27
CA THR G 92 -25.71 10.73 7.59
C THR G 92 -25.58 9.26 7.23
N TYR G 93 -25.96 8.37 8.16
CA TYR G 93 -25.81 6.94 8.00
C TYR G 93 -27.17 6.30 7.77
N TYR G 94 -27.25 5.41 6.78
CA TYR G 94 -28.49 4.75 6.41
C TYR G 94 -28.33 3.23 6.50
N CYS G 95 -29.39 2.56 6.93
CA CYS G 95 -29.53 1.14 6.66
C CYS G 95 -30.57 0.92 5.56
N ALA G 96 -30.43 -0.21 4.86
CA ALA G 96 -31.25 -0.47 3.68
C ALA G 96 -31.31 -1.98 3.44
N ARG G 97 -32.43 -2.42 2.88
CA ARG G 97 -32.67 -3.83 2.59
C ARG G 97 -32.54 -4.10 1.09
N ILE G 98 -31.88 -5.21 0.76
CA ILE G 98 -31.88 -5.77 -0.58
C ILE G 98 -32.58 -7.12 -0.53
N THR G 99 -33.51 -7.35 -1.45
CA THR G 99 -34.08 -8.66 -1.69
C THR G 99 -33.77 -9.11 -3.12
N THR G 100 -33.71 -10.43 -3.31
CA THR G 100 -33.55 -10.99 -4.65
C THR G 100 -34.73 -10.69 -5.56
N ALA G 101 -35.83 -10.17 -5.02
CA ALA G 101 -36.92 -9.70 -5.88
C ALA G 101 -36.48 -8.51 -6.73
N TYR G 102 -35.59 -7.68 -6.20
CA TYR G 102 -35.17 -6.45 -6.87
C TYR G 102 -33.67 -6.35 -7.09
N TYR G 103 -32.87 -6.93 -6.20
CA TYR G 103 -31.40 -6.80 -6.21
C TYR G 103 -30.96 -5.35 -6.04
N ALA G 104 -31.85 -4.49 -5.54
CA ALA G 104 -31.54 -3.09 -5.26
C ALA G 104 -32.07 -2.72 -3.88
N MET G 105 -31.60 -1.59 -3.37
CA MET G 105 -31.98 -1.11 -2.05
C MET G 105 -33.29 -0.35 -2.16
N ASP G 106 -34.38 -0.95 -1.68
CA ASP G 106 -35.73 -0.43 -1.91
C ASP G 106 -36.36 0.18 -0.66
N TYR G 107 -36.13 -0.40 0.51
CA TYR G 107 -36.61 0.17 1.76
C TYR G 107 -35.41 0.67 2.55
N TRP G 108 -35.37 1.97 2.80
CA TRP G 108 -34.34 2.61 3.59
C TRP G 108 -34.89 3.10 4.92
N GLY G 109 -33.97 3.51 5.78
CA GLY G 109 -34.30 4.15 7.03
C GLY G 109 -34.09 5.64 6.86
N GLN G 110 -34.70 6.44 7.74
CA GLN G 110 -34.58 7.88 7.62
C GLN G 110 -33.12 8.32 7.69
N GLY G 111 -32.33 7.65 8.51
CA GLY G 111 -30.93 7.99 8.59
C GLY G 111 -30.59 8.70 9.88
N THR G 112 -29.36 8.49 10.35
CA THR G 112 -28.86 9.12 11.56
C THR G 112 -27.64 9.97 11.20
N SER G 113 -27.68 11.24 11.58
CA SER G 113 -26.54 12.12 11.35
C SER G 113 -25.52 11.92 12.46
N VAL G 114 -24.25 11.79 12.08
CA VAL G 114 -23.17 11.51 13.01
C VAL G 114 -22.02 12.43 12.69
N THR G 115 -21.63 13.27 13.66
CA THR G 115 -20.52 14.20 13.50
C THR G 115 -19.35 13.73 14.35
N VAL G 116 -18.15 13.89 13.83
CA VAL G 116 -16.91 13.54 14.52
C VAL G 116 -16.18 14.83 14.88
N SER G 117 -15.99 15.06 16.17
CA SER G 117 -15.49 16.34 16.64
C SER G 117 -15.11 16.23 18.10
N SER G 118 -14.10 17.00 18.50
CA SER G 118 -13.72 17.13 19.89
C SER G 118 -14.61 18.11 20.66
N ALA G 119 -15.50 18.82 19.98
CA ALA G 119 -16.32 19.82 20.62
C ALA G 119 -17.41 19.17 21.46
N SER G 120 -17.93 19.94 22.43
CA SER G 120 -19.01 19.47 23.30
C SER G 120 -20.37 19.82 22.71
N THR G 121 -21.35 18.96 23.03
CA THR G 121 -22.72 19.18 22.59
C THR G 121 -23.30 20.42 23.27
N LYS G 122 -24.07 21.20 22.50
CA LYS G 122 -24.70 22.41 23.02
C LYS G 122 -26.12 22.52 22.48
N GLY G 123 -27.07 22.78 23.38
CA GLY G 123 -28.45 22.96 22.99
C GLY G 123 -28.72 24.35 22.43
N PRO G 124 -29.75 24.47 21.59
CA PRO G 124 -29.98 25.72 20.88
C PRO G 124 -30.78 26.74 21.67
N SER G 125 -30.48 28.01 21.41
CA SER G 125 -31.32 29.13 21.84
C SER G 125 -32.28 29.47 20.70
N VAL G 126 -33.55 29.62 21.03
CA VAL G 126 -34.60 29.83 20.03
C VAL G 126 -35.20 31.22 20.26
N PHE G 127 -35.14 32.06 19.23
CA PHE G 127 -35.64 33.41 19.27
C PHE G 127 -36.72 33.60 18.21
N PRO G 128 -37.82 34.28 18.53
CA PRO G 128 -38.85 34.51 17.53
C PRO G 128 -38.42 35.52 16.48
N LEU G 129 -38.97 35.36 15.28
CA LEU G 129 -38.95 36.38 14.24
C LEU G 129 -40.38 36.91 14.14
N ALA G 130 -40.66 37.98 14.86
CA ALA G 130 -42.03 38.46 14.99
C ALA G 130 -42.51 39.07 13.67
N PRO G 131 -43.71 38.70 13.20
CA PRO G 131 -44.28 39.40 12.04
C PRO G 131 -44.62 40.83 12.38
N SER G 132 -44.40 41.72 11.42
CA SER G 132 -44.67 43.14 11.59
C SER G 132 -44.88 43.75 10.21
N SER G 133 -45.13 45.06 10.17
CA SER G 133 -45.34 45.74 8.90
C SER G 133 -44.07 45.81 8.06
N LYS G 134 -42.96 45.32 8.59
CA LYS G 134 -41.71 45.18 7.87
C LYS G 134 -41.50 43.77 7.34
N SER G 135 -42.45 42.86 7.61
CA SER G 135 -42.41 41.50 7.08
C SER G 135 -43.74 41.09 6.46
N THR G 136 -44.54 42.05 6.03
CA THR G 136 -45.87 41.79 5.49
C THR G 136 -45.99 42.39 4.09
N SER G 137 -46.83 41.78 3.28
CA SER G 137 -46.92 42.12 1.86
C SER G 137 -48.23 41.59 1.33
N GLY G 138 -49.07 42.48 0.81
CA GLY G 138 -50.41 42.10 0.42
C GLY G 138 -51.14 41.47 1.58
N GLY G 139 -51.78 40.33 1.32
CA GLY G 139 -52.46 39.58 2.36
C GLY G 139 -51.59 38.69 3.22
N THR G 140 -50.27 38.73 3.05
CA THR G 140 -49.39 37.72 3.63
C THR G 140 -48.39 38.35 4.60
N ALA G 141 -48.25 37.74 5.77
CA ALA G 141 -47.25 38.12 6.77
C ALA G 141 -46.28 36.96 6.93
N ALA G 142 -44.98 37.27 6.90
CA ALA G 142 -43.96 36.27 7.20
C ALA G 142 -43.52 36.35 8.66
N LEU G 143 -43.36 35.18 9.28
CA LEU G 143 -42.90 35.06 10.65
C LEU G 143 -41.97 33.84 10.74
N GLY G 144 -41.26 33.73 11.86
CA GLY G 144 -40.33 32.61 11.96
C GLY G 144 -39.67 32.54 13.32
N CYS G 145 -38.76 31.57 13.44
CA CYS G 145 -37.93 31.37 14.61
C CYS G 145 -36.46 31.37 14.22
N LEU G 146 -35.65 32.07 15.00
CA LEU G 146 -34.20 31.97 14.88
C LEU G 146 -33.68 30.93 15.87
N VAL G 147 -32.93 29.95 15.36
CA VAL G 147 -32.34 28.89 16.16
C VAL G 147 -30.84 29.05 16.12
N LYS G 148 -30.23 29.37 17.26
CA LYS G 148 -28.90 29.96 17.30
C LYS G 148 -27.98 29.21 18.24
N ASP G 149 -26.75 28.98 17.79
CA ASP G 149 -25.63 28.52 18.62
C ASP G 149 -25.91 27.16 19.27
N TYR G 150 -25.98 26.14 18.42
CA TYR G 150 -26.10 24.77 18.89
C TYR G 150 -24.98 23.92 18.29
N PHE G 151 -24.78 22.73 18.86
CA PHE G 151 -23.80 21.79 18.34
C PHE G 151 -24.09 20.42 18.93
N PRO G 152 -24.03 19.34 18.13
CA PRO G 152 -23.82 19.39 16.68
C PRO G 152 -25.14 19.44 15.90
N GLU G 153 -25.05 19.21 14.60
CA GLU G 153 -26.23 19.01 13.77
C GLU G 153 -26.83 17.63 14.04
N PRO G 154 -28.13 17.43 13.73
CA PRO G 154 -29.06 18.37 13.11
C PRO G 154 -30.12 18.96 14.04
N VAL G 155 -30.82 19.98 13.53
CA VAL G 155 -32.04 20.50 14.12
C VAL G 155 -33.18 20.28 13.12
N THR G 156 -34.35 19.90 13.64
CA THR G 156 -35.56 19.83 12.84
C THR G 156 -36.62 20.74 13.45
N VAL G 157 -37.36 21.42 12.59
CA VAL G 157 -38.34 22.43 13.00
C VAL G 157 -39.68 22.09 12.37
N SER G 158 -40.73 22.12 13.17
CA SER G 158 -42.10 22.13 12.67
C SER G 158 -42.83 23.35 13.20
N TRP G 159 -43.99 23.64 12.61
CA TRP G 159 -44.83 24.74 13.04
C TRP G 159 -46.19 24.20 13.47
N ASN G 160 -46.67 24.67 14.62
CA ASN G 160 -47.95 24.23 15.19
C ASN G 160 -48.04 22.71 15.24
N SER G 161 -46.94 22.07 15.65
CA SER G 161 -46.86 20.62 15.81
C SER G 161 -47.09 19.88 14.48
N GLY G 162 -46.79 20.55 13.37
CA GLY G 162 -46.99 19.97 12.06
C GLY G 162 -48.29 20.38 11.40
N ALA G 163 -49.18 21.09 12.11
CA ALA G 163 -50.42 21.54 11.53
C ALA G 163 -50.22 22.55 10.41
N LEU G 164 -49.10 23.26 10.41
CA LEU G 164 -48.80 24.31 9.43
C LEU G 164 -47.59 23.85 8.64
N THR G 165 -47.81 23.38 7.41
CA THR G 165 -46.73 23.03 6.51
C THR G 165 -46.66 23.89 5.26
N SER G 166 -47.78 24.42 4.78
CA SER G 166 -47.75 25.27 3.60
C SER G 166 -47.15 26.63 3.96
N GLY G 167 -46.15 27.04 3.19
CA GLY G 167 -45.49 28.31 3.40
C GLY G 167 -44.22 28.24 4.23
N VAL G 168 -43.87 27.07 4.74
CA VAL G 168 -42.72 26.91 5.62
C VAL G 168 -41.45 26.78 4.80
N HIS G 169 -40.41 27.49 5.22
CA HIS G 169 -39.06 27.33 4.67
C HIS G 169 -38.08 27.23 5.82
N THR G 170 -37.54 26.04 6.04
CA THR G 170 -36.48 25.82 7.02
C THR G 170 -35.15 25.77 6.28
N PHE G 171 -34.31 26.76 6.51
CA PHE G 171 -33.08 26.93 5.75
C PHE G 171 -31.98 26.01 6.26
N PRO G 172 -31.00 25.69 5.41
CA PRO G 172 -29.79 25.00 5.91
C PRO G 172 -29.09 25.82 6.98
N ALA G 173 -28.52 25.12 7.95
CA ALA G 173 -27.80 25.78 9.03
C ALA G 173 -26.45 26.32 8.53
N VAL G 174 -26.11 27.51 8.99
CA VAL G 174 -24.80 28.10 8.73
C VAL G 174 -23.88 27.79 9.90
N LEU G 175 -22.61 27.57 9.60
CA LEU G 175 -21.59 27.37 10.64
C LEU G 175 -20.95 28.70 10.95
N GLN G 176 -21.22 29.23 12.15
CA GLN G 176 -20.63 30.49 12.57
C GLN G 176 -19.13 30.32 12.84
N SER G 177 -18.45 31.46 12.98
CA SER G 177 -17.01 31.44 13.23
C SER G 177 -16.66 30.95 14.63
N SER G 178 -17.64 30.79 15.51
CA SER G 178 -17.39 30.25 16.85
C SER G 178 -17.41 28.73 16.89
N GLY G 179 -17.79 28.07 15.80
CA GLY G 179 -17.95 26.63 15.79
C GLY G 179 -19.37 26.15 15.97
N LEU G 180 -20.31 27.05 16.27
CA LEU G 180 -21.68 26.68 16.57
C LEU G 180 -22.58 27.01 15.39
N TYR G 181 -23.51 26.11 15.09
CA TYR G 181 -24.43 26.31 13.98
C TYR G 181 -25.57 27.24 14.36
N SER G 182 -26.17 27.84 13.33
CA SER G 182 -27.36 28.66 13.49
C SER G 182 -28.31 28.38 12.33
N LEU G 183 -29.61 28.41 12.60
CA LEU G 183 -30.61 28.05 11.62
C LEU G 183 -31.81 28.96 11.78
N SER G 184 -32.49 29.23 10.67
CA SER G 184 -33.75 29.95 10.70
C SER G 184 -34.84 29.14 10.00
N SER G 185 -36.06 29.25 10.51
CA SER G 185 -37.25 28.69 9.91
C SER G 185 -38.30 29.79 9.81
N VAL G 186 -39.01 29.83 8.68
CA VAL G 186 -40.00 30.86 8.44
C VAL G 186 -41.27 30.22 7.90
N VAL G 187 -42.37 30.97 7.99
CA VAL G 187 -43.64 30.56 7.40
C VAL G 187 -44.40 31.82 7.00
N THR G 188 -45.14 31.73 5.89
CA THR G 188 -46.01 32.81 5.44
C THR G 188 -47.45 32.49 5.81
N VAL G 189 -48.14 33.47 6.39
CA VAL G 189 -49.50 33.28 6.89
C VAL G 189 -50.31 34.53 6.56
N PRO G 190 -51.64 34.42 6.56
CA PRO G 190 -52.47 35.60 6.33
C PRO G 190 -52.25 36.65 7.41
N SER G 191 -52.22 37.92 6.98
CA SER G 191 -52.03 39.01 7.93
C SER G 191 -53.23 39.17 8.85
N SER G 192 -54.44 38.87 8.36
CA SER G 192 -55.63 38.97 9.19
C SER G 192 -55.64 37.96 10.33
N SER G 193 -54.85 36.90 10.25
CA SER G 193 -54.82 35.84 11.26
C SER G 193 -53.89 36.14 12.42
N LEU G 194 -53.05 37.18 12.33
CA LEU G 194 -52.03 37.41 13.34
C LEU G 194 -52.63 37.67 14.71
N GLY G 195 -53.77 38.36 14.77
CA GLY G 195 -54.37 38.69 16.05
C GLY G 195 -55.04 37.53 16.76
N THR G 196 -55.31 36.43 16.05
CA THR G 196 -56.13 35.35 16.60
C THR G 196 -55.42 34.01 16.60
N GLN G 197 -54.78 33.63 15.50
CA GLN G 197 -54.12 32.34 15.40
C GLN G 197 -52.78 32.36 16.11
N THR G 198 -52.53 31.35 16.93
CA THR G 198 -51.23 31.17 17.57
C THR G 198 -50.30 30.41 16.63
N TYR G 199 -49.05 30.85 16.57
CA TYR G 199 -48.02 30.18 15.77
C TYR G 199 -46.87 29.79 16.67
N ILE G 200 -46.53 28.51 16.67
CA ILE G 200 -45.51 27.95 17.55
C ILE G 200 -44.55 27.12 16.70
N CYS G 201 -43.25 27.41 16.82
CA CYS G 201 -42.23 26.60 16.18
C CYS G 201 -41.71 25.57 17.18
N ASN G 202 -41.67 24.31 16.74
CA ASN G 202 -41.17 23.20 17.55
C ASN G 202 -39.75 22.87 17.10
N VAL G 203 -38.78 23.14 17.97
CA VAL G 203 -37.36 22.99 17.63
C VAL G 203 -36.85 21.74 18.33
N ASN G 204 -36.42 20.76 17.54
CA ASN G 204 -35.94 19.49 18.05
C ASN G 204 -34.44 19.39 17.81
N HIS G 205 -33.68 19.22 18.90
CA HIS G 205 -32.23 19.02 18.83
C HIS G 205 -31.92 17.71 19.55
N LYS G 206 -32.03 16.60 18.83
CA LYS G 206 -31.75 15.29 19.43
C LYS G 206 -30.32 15.15 19.96
N PRO G 207 -29.27 15.65 19.30
CA PRO G 207 -27.91 15.54 19.88
C PRO G 207 -27.80 16.02 21.31
N SER G 208 -28.63 16.97 21.73
CA SER G 208 -28.65 17.41 23.13
C SER G 208 -29.94 17.00 23.84
N ASN G 209 -30.70 16.07 23.26
CA ASN G 209 -32.00 15.64 23.77
C ASN G 209 -32.84 16.82 24.27
N THR G 210 -32.87 17.88 23.46
CA THR G 210 -33.60 19.08 23.77
C THR G 210 -34.73 19.29 22.75
N LYS G 211 -35.92 19.62 23.24
CA LYS G 211 -36.98 20.17 22.40
C LYS G 211 -37.45 21.48 23.00
N VAL G 212 -37.75 22.44 22.13
CA VAL G 212 -38.12 23.79 22.54
C VAL G 212 -39.30 24.25 21.68
N ASP G 213 -40.41 24.59 22.33
CA ASP G 213 -41.57 25.14 21.64
C ASP G 213 -41.61 26.65 21.91
N LYS G 214 -41.62 27.43 20.84
CA LYS G 214 -41.57 28.89 20.94
C LYS G 214 -42.79 29.47 20.25
N LYS G 215 -43.55 30.30 20.97
CA LYS G 215 -44.70 30.99 20.41
C LYS G 215 -44.27 32.35 19.88
N VAL G 216 -44.59 32.61 18.61
CA VAL G 216 -44.15 33.82 17.92
C VAL G 216 -45.35 34.75 17.77
N GLU G 217 -45.32 35.87 18.49
CA GLU G 217 -46.41 36.83 18.41
C GLU G 217 -45.95 38.06 17.62
N PRO G 218 -46.88 38.79 16.99
CA PRO G 218 -46.49 39.97 16.23
C PRO G 218 -45.93 41.08 17.12
N LYS G 219 -45.11 41.93 16.50
CA LYS G 219 -44.60 43.12 17.17
C LYS G 219 -45.65 44.21 17.20
N SER G 220 -45.70 44.95 18.29
CA SER G 220 -46.66 46.04 18.46
C SER G 220 -46.57 47.07 17.33
N GLU H 2 -12.24 -1.29 -8.91
CA GLU H 2 -11.67 -1.07 -10.23
C GLU H 2 -12.75 -0.52 -11.17
N LEU H 3 -14.01 -0.70 -10.81
CA LEU H 3 -15.12 -0.21 -11.61
C LEU H 3 -15.46 1.21 -11.17
N VAL H 4 -15.58 2.11 -12.14
CA VAL H 4 -15.88 3.51 -11.89
C VAL H 4 -17.18 3.86 -12.60
N LEU H 5 -18.11 4.46 -11.86
CA LEU H 5 -19.33 5.01 -12.42
C LEU H 5 -19.16 6.51 -12.63
N THR H 6 -19.28 6.96 -13.86
CA THR H 6 -19.24 8.38 -14.20
C THR H 6 -20.65 8.83 -14.54
N GLN H 7 -21.24 9.66 -13.69
CA GLN H 7 -22.56 10.21 -13.93
C GLN H 7 -22.45 11.57 -14.62
N SER H 8 -23.35 11.83 -15.57
CA SER H 8 -23.27 13.02 -16.39
C SER H 8 -24.67 13.39 -16.86
N PRO H 9 -25.04 14.68 -16.79
CA PRO H 9 -24.17 15.74 -16.29
C PRO H 9 -24.20 15.89 -14.76
N ALA H 10 -23.39 16.81 -14.24
CA ALA H 10 -23.39 17.06 -12.80
C ALA H 10 -24.64 17.83 -12.37
N SER H 11 -25.21 18.62 -13.27
CA SER H 11 -26.43 19.36 -13.00
C SER H 11 -27.19 19.54 -14.31
N LEU H 12 -28.46 19.91 -14.20
CA LEU H 12 -29.35 19.85 -15.35
C LEU H 12 -30.59 20.69 -15.06
N ALA H 13 -30.83 21.68 -15.91
CA ALA H 13 -32.00 22.55 -15.79
C ALA H 13 -32.94 22.25 -16.95
N VAL H 14 -34.18 21.90 -16.63
CA VAL H 14 -35.19 21.53 -17.62
C VAL H 14 -36.50 22.23 -17.26
N SER H 15 -37.16 22.78 -18.27
CA SER H 15 -38.45 23.43 -18.06
C SER H 15 -39.57 22.39 -17.92
N LEU H 16 -40.66 22.82 -17.29
CA LEU H 16 -41.82 21.95 -17.10
C LEU H 16 -42.29 21.39 -18.44
N GLY H 17 -42.57 20.09 -18.45
CA GLY H 17 -43.08 19.43 -19.62
C GLY H 17 -42.05 18.98 -20.64
N GLN H 18 -40.77 19.26 -20.42
CA GLN H 18 -39.72 18.86 -21.33
C GLN H 18 -39.05 17.58 -20.82
N ARG H 19 -38.05 17.11 -21.56
CA ARG H 19 -37.40 15.83 -21.27
C ARG H 19 -36.06 16.08 -20.57
N ALA H 20 -35.80 15.29 -19.54
CA ALA H 20 -34.51 15.28 -18.86
C ALA H 20 -33.93 13.88 -18.98
N THR H 21 -32.64 13.81 -19.33
CA THR H 21 -31.94 12.54 -19.45
C THR H 21 -30.61 12.62 -18.72
N ILE H 22 -30.32 11.60 -17.91
CA ILE H 22 -29.09 11.53 -17.12
C ILE H 22 -28.39 10.23 -17.46
N SER H 23 -27.08 10.28 -17.57
CA SER H 23 -26.29 9.15 -18.06
C SER H 23 -25.34 8.66 -16.98
N CYS H 24 -25.06 7.36 -17.02
CA CYS H 24 -24.19 6.71 -16.05
C CYS H 24 -23.32 5.71 -16.82
N ARG H 25 -22.02 6.00 -16.89
CA ARG H 25 -21.07 5.17 -17.62
C ARG H 25 -20.18 4.42 -16.63
N ALA H 26 -20.07 3.11 -16.82
CA ALA H 26 -19.19 2.27 -16.02
C ALA H 26 -17.93 1.92 -16.80
N SER H 27 -16.83 1.71 -16.07
CA SER H 27 -15.58 1.32 -16.72
C SER H 27 -15.61 -0.13 -17.18
N GLU H 28 -16.52 -0.95 -16.65
CA GLU H 28 -16.72 -2.31 -17.13
C GLU H 28 -18.20 -2.66 -17.06
N SER H 29 -18.57 -3.70 -17.80
CA SER H 29 -19.96 -4.11 -17.87
C SER H 29 -20.47 -4.53 -16.50
N VAL H 30 -21.72 -4.16 -16.22
CA VAL H 30 -22.41 -4.61 -15.02
C VAL H 30 -23.42 -5.72 -15.33
N ASP H 31 -23.29 -6.36 -16.50
CA ASP H 31 -24.21 -7.38 -16.94
C ASP H 31 -23.69 -8.75 -16.52
N SER H 32 -24.52 -9.52 -15.81
CA SER H 32 -24.23 -10.92 -15.55
C SER H 32 -25.53 -11.68 -15.37
N TYR H 33 -25.53 -12.93 -15.81
CA TYR H 33 -26.68 -13.84 -15.68
C TYR H 33 -27.95 -13.22 -16.25
N GLY H 34 -27.81 -12.52 -17.36
CA GLY H 34 -28.97 -11.98 -18.04
C GLY H 34 -29.57 -10.77 -17.38
N ASN H 35 -28.77 -9.98 -16.67
CA ASN H 35 -29.28 -8.90 -15.84
C ASN H 35 -28.29 -7.74 -15.87
N SER H 36 -28.82 -6.52 -15.95
CA SER H 36 -28.03 -5.30 -15.82
C SER H 36 -28.17 -4.80 -14.39
N PHE H 37 -27.12 -4.99 -13.59
CA PHE H 37 -27.14 -4.62 -12.18
C PHE H 37 -26.88 -3.12 -12.02
N MET H 38 -27.74 -2.34 -12.65
CA MET H 38 -27.72 -0.87 -12.59
C MET H 38 -29.04 -0.38 -12.03
N HIS H 39 -28.96 0.60 -11.12
CA HIS H 39 -30.15 1.10 -10.44
C HIS H 39 -30.05 2.60 -10.29
N TRP H 40 -31.20 3.26 -10.21
CA TRP H 40 -31.30 4.70 -10.13
C TRP H 40 -32.08 5.11 -8.88
N TYR H 41 -31.56 6.10 -8.17
CA TYR H 41 -32.15 6.55 -6.92
C TYR H 41 -32.50 8.03 -6.99
N GLN H 42 -33.52 8.42 -6.23
CA GLN H 42 -33.93 9.80 -6.06
C GLN H 42 -33.80 10.18 -4.59
N GLN H 43 -33.15 11.30 -4.31
CA GLN H 43 -33.03 11.81 -2.95
C GLN H 43 -33.36 13.29 -2.92
N LYS H 44 -34.25 13.67 -2.00
CA LYS H 44 -34.59 15.05 -1.71
C LYS H 44 -34.10 15.41 -0.32
N PRO H 45 -33.95 16.71 -0.01
CA PRO H 45 -33.42 17.10 1.29
C PRO H 45 -34.26 16.57 2.44
N GLY H 46 -33.58 16.16 3.51
CA GLY H 46 -34.25 15.65 4.69
C GLY H 46 -34.88 14.29 4.52
N GLN H 47 -34.50 13.53 3.49
CA GLN H 47 -35.09 12.24 3.19
C GLN H 47 -34.00 11.29 2.73
N PRO H 48 -34.15 9.99 3.01
CA PRO H 48 -33.23 9.01 2.44
C PRO H 48 -33.48 8.86 0.94
N PRO H 49 -32.57 8.21 0.22
CA PRO H 49 -32.81 7.98 -1.21
C PRO H 49 -33.98 7.03 -1.42
N LYS H 50 -34.56 7.12 -2.62
CA LYS H 50 -35.75 6.36 -2.99
C LYS H 50 -35.45 5.61 -4.28
N LEU H 51 -35.80 4.33 -4.31
CA LEU H 51 -35.56 3.52 -5.50
C LEU H 51 -36.60 3.86 -6.56
N LEU H 52 -36.13 4.26 -7.73
CA LEU H 52 -37.00 4.52 -8.88
C LEU H 52 -36.92 3.40 -9.91
N ILE H 53 -35.70 3.07 -10.36
CA ILE H 53 -35.50 2.14 -11.46
C ILE H 53 -34.44 1.14 -11.02
N TYR H 54 -34.82 -0.14 -10.97
CA TYR H 54 -33.92 -1.23 -10.62
C TYR H 54 -33.68 -2.11 -11.84
N LEU H 55 -32.50 -2.72 -11.88
CA LEU H 55 -32.06 -3.51 -13.02
C LEU H 55 -32.20 -2.73 -14.32
N ALA H 56 -31.67 -1.50 -14.30
CA ALA H 56 -31.47 -0.66 -15.47
C ALA H 56 -32.77 -0.14 -16.09
N SER H 57 -33.81 -0.97 -16.17
CA SER H 57 -35.00 -0.57 -16.91
C SER H 57 -36.32 -0.88 -16.21
N ASN H 58 -36.33 -1.48 -15.03
CA ASN H 58 -37.57 -1.85 -14.38
C ASN H 58 -38.06 -0.73 -13.48
N LEU H 59 -39.36 -0.47 -13.54
CA LEU H 59 -39.99 0.59 -12.75
C LEU H 59 -40.40 0.06 -11.39
N GLU H 60 -39.96 0.74 -10.33
CA GLU H 60 -40.40 0.42 -8.98
C GLU H 60 -41.88 0.75 -8.84
N SER H 61 -42.56 0.01 -7.96
CA SER H 61 -44.00 0.16 -7.83
C SER H 61 -44.34 1.51 -7.22
N GLY H 62 -45.39 2.14 -7.75
CA GLY H 62 -45.74 3.49 -7.36
C GLY H 62 -44.85 4.57 -7.90
N VAL H 63 -44.07 4.28 -8.94
CA VAL H 63 -43.25 5.27 -9.62
C VAL H 63 -43.91 5.63 -10.95
N PRO H 64 -44.16 6.91 -11.22
CA PRO H 64 -44.91 7.28 -12.43
C PRO H 64 -44.17 6.90 -13.70
N ALA H 65 -44.95 6.65 -14.76
CA ALA H 65 -44.38 6.22 -16.03
C ALA H 65 -43.67 7.34 -16.78
N ARG H 66 -43.60 8.55 -16.24
CA ARG H 66 -42.70 9.55 -16.80
C ARG H 66 -41.24 9.20 -16.59
N PHE H 67 -40.94 8.31 -15.64
CA PHE H 67 -39.59 7.78 -15.47
C PHE H 67 -39.41 6.55 -16.35
N SER H 68 -38.19 6.38 -16.84
CA SER H 68 -37.84 5.18 -17.59
C SER H 68 -36.33 5.08 -17.66
N GLY H 69 -35.84 3.84 -17.76
CA GLY H 69 -34.42 3.59 -17.87
C GLY H 69 -34.13 2.68 -19.05
N SER H 70 -32.91 2.78 -19.54
CA SER H 70 -32.49 1.99 -20.69
C SER H 70 -30.98 1.91 -20.70
N GLY H 71 -30.47 0.97 -21.49
CA GLY H 71 -29.04 0.75 -21.61
C GLY H 71 -28.65 -0.66 -21.22
N SER H 72 -27.38 -0.97 -21.46
CA SER H 72 -26.84 -2.27 -21.11
C SER H 72 -25.32 -2.16 -21.04
N ARG H 73 -24.71 -3.14 -20.37
CA ARG H 73 -23.27 -3.22 -20.24
C ARG H 73 -22.69 -1.99 -19.55
N THR H 74 -22.24 -0.99 -20.32
CA THR H 74 -21.61 0.18 -19.73
C THR H 74 -22.32 1.51 -19.98
N ASP H 75 -23.27 1.58 -20.90
CA ASP H 75 -24.06 2.79 -21.10
C ASP H 75 -25.46 2.65 -20.52
N PHE H 76 -25.81 3.50 -19.55
CA PHE H 76 -27.13 3.52 -18.95
C PHE H 76 -27.63 4.95 -18.86
N THR H 77 -28.94 5.13 -19.07
CA THR H 77 -29.57 6.44 -18.96
C THR H 77 -30.86 6.34 -18.17
N LEU H 78 -31.16 7.41 -17.43
CA LEU H 78 -32.48 7.64 -16.87
C LEU H 78 -33.13 8.79 -17.63
N THR H 79 -34.42 8.65 -17.94
CA THR H 79 -35.16 9.66 -18.67
C THR H 79 -36.43 10.03 -17.90
N ILE H 80 -36.63 11.33 -17.68
CA ILE H 80 -37.89 11.87 -17.19
C ILE H 80 -38.55 12.64 -18.33
N ASP H 81 -39.73 12.19 -18.74
CA ASP H 81 -40.46 12.84 -19.82
C ASP H 81 -41.94 12.54 -19.71
N PRO H 82 -42.79 13.55 -19.46
CA PRO H 82 -42.39 14.94 -19.20
C PRO H 82 -41.98 15.19 -17.75
N VAL H 83 -41.08 16.14 -17.54
CA VAL H 83 -40.57 16.45 -16.20
C VAL H 83 -41.60 17.35 -15.54
N GLU H 84 -41.51 17.53 -14.22
CA GLU H 84 -42.55 18.13 -13.41
C GLU H 84 -41.94 18.54 -12.09
N ALA H 85 -42.55 19.55 -11.46
CA ALA H 85 -41.93 20.22 -10.31
C ALA H 85 -41.56 19.23 -9.20
N ASP H 86 -42.38 18.19 -9.00
CA ASP H 86 -42.08 17.18 -7.99
C ASP H 86 -40.75 16.48 -8.23
N ASP H 87 -40.19 16.58 -9.44
CA ASP H 87 -38.97 15.86 -9.81
C ASP H 87 -37.70 16.64 -9.52
N ALA H 88 -37.79 17.82 -8.90
CA ALA H 88 -36.60 18.56 -8.52
C ALA H 88 -35.91 17.88 -7.36
N ALA H 89 -34.69 17.38 -7.59
CA ALA H 89 -33.96 16.55 -6.63
C ALA H 89 -32.59 16.18 -7.17
N THR H 90 -31.80 15.47 -6.37
CA THR H 90 -30.56 14.87 -6.83
C THR H 90 -30.80 13.40 -7.14
N TYR H 91 -30.17 12.92 -8.21
CA TYR H 91 -30.33 11.55 -8.66
C TYR H 91 -28.97 10.85 -8.72
N TYR H 92 -28.94 9.59 -8.33
CA TYR H 92 -27.72 8.79 -8.33
C TYR H 92 -27.97 7.48 -9.08
N CYS H 93 -26.94 6.99 -9.75
CA CYS H 93 -26.92 5.62 -10.21
C CYS H 93 -26.10 4.76 -9.26
N GLN H 94 -26.35 3.45 -9.31
CA GLN H 94 -25.69 2.51 -8.42
C GLN H 94 -25.53 1.18 -9.15
N GLN H 95 -24.37 0.54 -8.96
CA GLN H 95 -24.11 -0.76 -9.54
C GLN H 95 -23.66 -1.71 -8.42
N ASN H 96 -24.21 -2.91 -8.44
CA ASN H 96 -23.87 -3.96 -7.48
C ASN H 96 -23.64 -5.28 -8.21
N ASN H 97 -23.06 -5.20 -9.40
CA ASN H 97 -22.71 -6.40 -10.15
C ASN H 97 -21.42 -7.03 -9.66
N GLU H 98 -20.49 -6.24 -9.13
CA GLU H 98 -19.21 -6.77 -8.71
C GLU H 98 -18.61 -5.89 -7.62
N ASP H 99 -17.63 -6.45 -6.93
CA ASP H 99 -16.81 -5.69 -6.00
C ASP H 99 -15.93 -4.72 -6.77
N PRO H 100 -15.89 -3.43 -6.40
CA PRO H 100 -16.65 -2.74 -5.36
C PRO H 100 -18.01 -2.17 -5.80
N TRP H 101 -19.06 -2.45 -5.04
CA TRP H 101 -20.30 -1.70 -5.21
C TRP H 101 -20.05 -0.21 -5.02
N THR H 102 -20.65 0.60 -5.88
CA THR H 102 -20.37 2.03 -5.87
C THR H 102 -21.57 2.81 -6.38
N PHE H 103 -21.79 3.98 -5.78
CA PHE H 103 -22.74 4.97 -6.28
C PHE H 103 -22.07 5.90 -7.28
N GLY H 104 -22.88 6.47 -8.16
CA GLY H 104 -22.44 7.59 -8.96
C GLY H 104 -22.36 8.88 -8.14
N GLY H 105 -21.74 9.89 -8.74
CA GLY H 105 -21.51 11.15 -8.06
C GLY H 105 -22.73 12.05 -7.91
N GLY H 106 -23.80 11.78 -8.64
CA GLY H 106 -25.04 12.51 -8.45
C GLY H 106 -25.27 13.54 -9.54
N THR H 107 -26.55 13.86 -9.77
CA THR H 107 -26.95 14.83 -10.77
C THR H 107 -28.09 15.66 -10.22
N LYS H 108 -27.85 16.94 -10.00
CA LYS H 108 -28.90 17.85 -9.53
C LYS H 108 -29.78 18.27 -10.70
N LEU H 109 -31.09 18.09 -10.55
CA LEU H 109 -32.06 18.49 -11.55
C LEU H 109 -32.78 19.75 -11.08
N GLU H 110 -32.73 20.79 -11.89
CA GLU H 110 -33.45 22.03 -11.63
C GLU H 110 -34.62 22.17 -12.60
N ILE H 111 -35.79 22.50 -12.08
CA ILE H 111 -36.94 22.85 -12.90
C ILE H 111 -36.85 24.32 -13.27
N LYS H 112 -36.81 24.62 -14.56
CA LYS H 112 -36.84 26.00 -15.01
C LYS H 112 -38.28 26.52 -15.06
N ARG H 113 -38.42 27.81 -14.78
CA ARG H 113 -39.71 28.47 -14.79
C ARG H 113 -39.50 29.95 -15.07
N ALA H 114 -40.60 30.66 -15.29
CA ALA H 114 -40.53 32.09 -15.50
C ALA H 114 -39.97 32.79 -14.27
N ASP H 115 -39.27 33.89 -14.50
CA ASP H 115 -38.63 34.62 -13.41
C ASP H 115 -39.65 35.11 -12.40
N ALA H 116 -39.26 35.09 -11.12
CA ALA H 116 -40.08 35.57 -10.04
C ALA H 116 -39.23 36.45 -9.13
N ALA H 117 -39.67 37.68 -8.92
CA ALA H 117 -38.96 38.57 -8.01
C ALA H 117 -39.18 38.13 -6.57
N PRO H 118 -38.21 38.36 -5.69
CA PRO H 118 -38.36 37.96 -4.29
C PRO H 118 -39.21 38.96 -3.51
N THR H 119 -40.07 38.42 -2.66
CA THR H 119 -40.72 39.23 -1.63
C THR H 119 -39.77 39.35 -0.44
N VAL H 120 -39.42 40.59 -0.08
CA VAL H 120 -38.35 40.86 0.86
C VAL H 120 -38.95 41.25 2.19
N SER H 121 -38.61 40.50 3.24
CA SER H 121 -38.96 40.84 4.61
C SER H 121 -37.69 41.13 5.40
N ILE H 122 -37.83 41.91 6.47
CA ILE H 122 -36.73 42.17 7.39
C ILE H 122 -37.24 42.00 8.82
N PHE H 123 -36.43 41.37 9.65
CA PHE H 123 -36.79 41.10 11.04
C PHE H 123 -35.71 41.67 11.96
N PRO H 124 -36.03 42.66 12.79
CA PRO H 124 -35.03 43.15 13.75
C PRO H 124 -34.83 42.13 14.86
N PRO H 125 -33.76 42.28 15.65
CA PRO H 125 -33.55 41.32 16.75
C PRO H 125 -34.66 41.42 17.78
N SER H 126 -34.95 40.28 18.40
CA SER H 126 -35.91 40.26 19.49
C SER H 126 -35.33 40.90 20.74
N SER H 127 -36.22 41.42 21.59
CA SER H 127 -35.78 41.90 22.90
C SER H 127 -35.29 40.77 23.78
N GLU H 128 -35.77 39.55 23.52
CA GLU H 128 -35.29 38.38 24.25
C GLU H 128 -33.82 38.09 23.94
N GLN H 129 -33.43 38.25 22.67
CA GLN H 129 -32.02 38.04 22.31
C GLN H 129 -31.14 39.17 22.82
N LEU H 130 -31.62 40.41 22.73
CA LEU H 130 -30.81 41.56 23.13
C LEU H 130 -30.33 41.46 24.57
N THR H 131 -31.18 40.92 25.46
CA THR H 131 -30.82 40.59 26.83
C THR H 131 -29.44 39.92 26.93
N SER H 132 -29.07 39.14 25.93
CA SER H 132 -27.82 38.38 25.95
C SER H 132 -26.62 39.18 25.49
N GLY H 133 -26.83 40.33 24.86
CA GLY H 133 -25.72 41.13 24.35
C GLY H 133 -25.40 40.93 22.89
N THR H 134 -26.21 40.17 22.15
CA THR H 134 -26.02 39.95 20.73
C THR H 134 -27.30 40.37 20.01
N ALA H 135 -27.15 40.89 18.79
CA ALA H 135 -28.27 41.33 17.97
C ALA H 135 -28.12 40.73 16.59
N SER H 136 -28.99 39.77 16.27
CA SER H 136 -29.04 39.16 14.94
C SER H 136 -30.19 39.78 14.15
N VAL H 137 -29.87 40.31 12.97
CA VAL H 137 -30.85 40.88 12.05
C VAL H 137 -31.00 39.94 10.87
N VAL H 138 -32.25 39.58 10.55
CA VAL H 138 -32.55 38.52 9.61
C VAL H 138 -33.29 39.10 8.42
N CYS H 139 -32.83 38.75 7.21
CA CYS H 139 -33.43 39.19 5.96
C CYS H 139 -33.92 37.97 5.19
N LEU H 140 -35.14 38.06 4.66
CA LEU H 140 -35.80 36.94 4.00
C LEU H 140 -36.18 37.32 2.58
N LEU H 141 -35.73 36.50 1.62
CA LEU H 141 -36.10 36.63 0.21
C LEU H 141 -36.96 35.40 -0.12
N ASN H 142 -38.28 35.59 -0.15
CA ASN H 142 -39.20 34.48 -0.31
C ASN H 142 -39.60 34.27 -1.76
N ASN H 143 -39.47 33.02 -2.22
CA ASN H 143 -40.16 32.52 -3.41
C ASN H 143 -39.76 33.29 -4.68
N PHE H 144 -38.49 33.12 -5.05
CA PHE H 144 -37.94 33.79 -6.22
C PHE H 144 -37.25 32.78 -7.12
N TYR H 145 -37.06 33.18 -8.38
CA TYR H 145 -36.37 32.39 -9.38
C TYR H 145 -35.87 33.36 -10.43
N PRO H 146 -34.63 33.20 -10.94
CA PRO H 146 -33.68 32.12 -10.69
C PRO H 146 -32.97 32.19 -9.33
N ARG H 147 -32.08 31.22 -9.10
CA ARG H 147 -31.48 31.03 -7.79
C ARG H 147 -30.51 32.16 -7.44
N GLU H 148 -29.90 32.77 -8.45
CA GLU H 148 -28.89 33.80 -8.19
C GLU H 148 -29.52 35.03 -7.55
N ALA H 149 -28.98 35.45 -6.41
CA ALA H 149 -29.42 36.65 -5.73
C ALA H 149 -28.28 37.17 -4.88
N LYS H 150 -28.21 38.49 -4.77
CA LYS H 150 -27.16 39.16 -4.00
C LYS H 150 -27.79 39.98 -2.89
N VAL H 151 -27.32 39.76 -1.67
CA VAL H 151 -27.87 40.38 -0.47
C VAL H 151 -26.73 41.06 0.27
N GLN H 152 -26.79 42.39 0.36
CA GLN H 152 -25.83 43.17 1.12
C GLN H 152 -26.52 43.85 2.30
N TRP H 153 -25.82 43.93 3.42
CA TRP H 153 -26.31 44.62 4.60
C TRP H 153 -25.67 46.01 4.68
N LYS H 154 -26.49 47.02 4.91
CA LYS H 154 -26.01 48.37 5.16
C LYS H 154 -26.53 48.85 6.50
N VAL H 155 -25.66 49.46 7.29
CA VAL H 155 -26.00 50.05 8.58
C VAL H 155 -25.71 51.54 8.47
N ASP H 156 -26.77 52.35 8.51
CA ASP H 156 -26.68 53.79 8.25
C ASP H 156 -25.90 54.05 6.96
N ASN H 157 -26.30 53.35 5.91
CA ASN H 157 -25.77 53.46 4.54
C ASN H 157 -24.34 52.93 4.43
N ALA H 158 -23.73 52.47 5.52
CA ALA H 158 -22.40 51.90 5.47
C ALA H 158 -22.47 50.41 5.15
N LEU H 159 -21.71 49.99 4.15
CA LEU H 159 -21.75 48.60 3.70
C LEU H 159 -21.01 47.71 4.68
N GLN H 160 -21.57 46.53 4.94
CA GLN H 160 -21.09 45.63 5.97
C GLN H 160 -20.35 44.46 5.34
N SER H 161 -19.23 44.09 5.94
CA SER H 161 -18.42 42.96 5.48
C SER H 161 -18.01 42.11 6.67
N GLY H 162 -18.16 40.80 6.54
CA GLY H 162 -17.60 39.86 7.49
C GLY H 162 -18.43 39.57 8.72
N ASN H 163 -19.67 40.07 8.78
CA ASN H 163 -20.54 39.85 9.94
C ASN H 163 -21.91 39.32 9.54
N SER H 164 -22.03 38.68 8.38
CA SER H 164 -23.28 38.06 7.98
C SER H 164 -23.01 36.73 7.29
N GLN H 165 -24.04 35.89 7.26
CA GLN H 165 -24.02 34.62 6.55
C GLN H 165 -25.40 34.38 5.93
N GLU H 166 -25.42 33.64 4.83
CA GLU H 166 -26.67 33.32 4.16
C GLU H 166 -26.70 31.85 3.77
N SER H 167 -27.91 31.31 3.63
CA SER H 167 -28.12 30.00 3.05
C SER H 167 -29.38 30.02 2.21
N VAL H 168 -29.46 29.07 1.28
CA VAL H 168 -30.55 29.00 0.30
C VAL H 168 -31.25 27.65 0.46
N THR H 169 -32.56 27.66 0.31
CA THR H 169 -33.32 26.42 0.31
C THR H 169 -33.13 25.65 -0.99
N GLU H 170 -33.51 24.38 -0.97
CA GLU H 170 -33.66 23.63 -2.20
C GLU H 170 -34.85 24.17 -3.00
N GLN H 171 -34.89 23.80 -4.28
CA GLN H 171 -35.96 24.28 -5.14
C GLN H 171 -37.30 23.68 -4.68
N ASP H 172 -38.32 24.52 -4.64
CA ASP H 172 -39.62 24.10 -4.13
C ASP H 172 -40.28 23.11 -5.08
N SER H 173 -40.83 22.04 -4.51
CA SER H 173 -41.42 20.96 -5.30
C SER H 173 -42.79 21.31 -5.85
N LYS H 174 -43.36 22.47 -5.49
CA LYS H 174 -44.65 22.90 -5.98
C LYS H 174 -44.56 24.06 -6.96
N ASP H 175 -43.88 25.15 -6.59
CA ASP H 175 -43.77 26.33 -7.43
C ASP H 175 -42.38 26.56 -7.99
N SER H 176 -41.42 25.68 -7.69
CA SER H 176 -40.09 25.70 -8.31
C SER H 176 -39.35 27.01 -8.05
N THR H 177 -39.60 27.63 -6.91
CA THR H 177 -38.86 28.81 -6.47
C THR H 177 -37.88 28.45 -5.37
N TYR H 178 -37.00 29.42 -5.07
CA TYR H 178 -36.03 29.31 -3.99
C TYR H 178 -36.32 30.38 -2.94
N SER H 179 -35.80 30.16 -1.74
CA SER H 179 -35.83 31.15 -0.68
C SER H 179 -34.43 31.28 -0.09
N LEU H 180 -34.14 32.46 0.46
CA LEU H 180 -32.80 32.77 0.95
C LEU H 180 -32.92 33.49 2.29
N SER H 181 -32.14 33.04 3.27
CA SER H 181 -32.11 33.65 4.59
C SER H 181 -30.71 34.18 4.86
N SER H 182 -30.63 35.48 5.13
CA SER H 182 -29.37 36.11 5.54
C SER H 182 -29.52 36.63 6.97
N THR H 183 -28.42 36.58 7.72
CA THR H 183 -28.42 36.95 9.12
C THR H 183 -27.21 37.83 9.41
N LEU H 184 -27.46 39.06 9.86
CA LEU H 184 -26.41 39.97 10.28
C LEU H 184 -26.29 39.92 11.80
N THR H 185 -25.08 39.70 12.30
CA THR H 185 -24.82 39.52 13.72
C THR H 185 -23.97 40.68 14.23
N LEU H 186 -24.46 41.37 15.25
CA LEU H 186 -23.79 42.52 15.83
C LEU H 186 -23.79 42.39 17.34
N SER H 187 -22.85 43.08 17.99
CA SER H 187 -22.94 43.26 19.43
C SER H 187 -24.12 44.15 19.76
N LYS H 188 -24.70 43.91 20.95
CA LYS H 188 -25.79 44.75 21.41
C LYS H 188 -25.40 46.22 21.45
N ALA H 189 -24.16 46.51 21.86
CA ALA H 189 -23.72 47.90 21.96
C ALA H 189 -23.65 48.55 20.58
N ASP H 190 -23.08 47.86 19.60
CA ASP H 190 -23.04 48.39 18.24
C ASP H 190 -24.44 48.58 17.68
N TYR H 191 -25.34 47.63 17.95
CA TYR H 191 -26.72 47.75 17.48
C TYR H 191 -27.41 48.97 18.06
N GLU H 192 -27.13 49.30 19.33
CA GLU H 192 -27.78 50.45 19.96
C GLU H 192 -27.24 51.78 19.47
N LYS H 193 -26.11 51.80 18.78
CA LYS H 193 -25.49 53.04 18.33
C LYS H 193 -25.90 53.43 16.91
N HIS H 194 -26.74 52.66 16.26
CA HIS H 194 -27.14 52.91 14.87
C HIS H 194 -28.65 52.83 14.73
N LYS H 195 -29.18 53.51 13.73
CA LYS H 195 -30.62 53.65 13.54
C LYS H 195 -31.14 52.86 12.35
N VAL H 196 -30.64 53.12 11.15
CA VAL H 196 -31.18 52.52 9.93
C VAL H 196 -30.44 51.24 9.62
N TYR H 197 -31.19 50.15 9.50
CA TYR H 197 -30.63 48.84 9.16
C TYR H 197 -31.32 48.37 7.88
N ALA H 198 -30.52 47.97 6.89
CA ALA H 198 -31.07 47.82 5.54
C ALA H 198 -30.53 46.56 4.88
N CYS H 199 -31.44 45.83 4.22
CA CYS H 199 -31.11 44.68 3.40
C CYS H 199 -31.37 45.05 1.95
N GLU H 200 -30.33 45.03 1.12
CA GLU H 200 -30.43 45.43 -0.27
C GLU H 200 -30.26 44.20 -1.14
N VAL H 201 -31.27 43.91 -1.96
CA VAL H 201 -31.33 42.69 -2.76
C VAL H 201 -31.29 43.06 -4.24
N THR H 202 -30.36 42.45 -4.96
CA THR H 202 -30.32 42.49 -6.41
C THR H 202 -30.81 41.16 -6.95
N HIS H 203 -31.73 41.20 -7.91
CA HIS H 203 -32.25 39.97 -8.51
C HIS H 203 -32.75 40.27 -9.91
N GLN H 204 -32.59 39.28 -10.79
CA GLN H 204 -32.93 39.43 -12.20
C GLN H 204 -34.39 39.81 -12.39
N GLY H 205 -35.28 39.30 -11.53
CA GLY H 205 -36.69 39.63 -11.64
C GLY H 205 -37.05 41.03 -11.19
N LEU H 206 -36.09 41.78 -10.64
CA LEU H 206 -36.33 43.11 -10.11
C LEU H 206 -35.81 44.16 -11.08
N SER H 207 -36.59 45.23 -11.26
CA SER H 207 -36.17 46.31 -12.15
C SER H 207 -34.91 47.00 -11.62
N SER H 208 -34.81 47.14 -10.31
CA SER H 208 -33.66 47.76 -9.68
C SER H 208 -33.44 47.08 -8.34
N PRO H 209 -32.28 47.27 -7.71
CA PRO H 209 -32.08 46.73 -6.37
C PRO H 209 -33.09 47.34 -5.39
N VAL H 210 -33.57 46.52 -4.48
CA VAL H 210 -34.60 46.89 -3.52
C VAL H 210 -33.96 46.96 -2.14
N THR H 211 -34.14 48.09 -1.46
CA THR H 211 -33.64 48.26 -0.10
C THR H 211 -34.82 48.14 0.85
N LYS H 212 -34.88 47.02 1.56
CA LYS H 212 -35.85 46.82 2.63
C LYS H 212 -35.13 47.09 3.94
N SER H 213 -35.67 48.03 4.73
CA SER H 213 -34.96 48.50 5.91
C SER H 213 -35.92 48.62 7.08
N PHE H 214 -35.33 48.85 8.25
CA PHE H 214 -36.07 49.30 9.42
C PHE H 214 -35.20 50.31 10.17
N ASN H 215 -35.87 51.19 10.92
CA ASN H 215 -35.20 52.14 11.78
C ASN H 215 -35.38 51.69 13.23
N ARG H 216 -34.28 51.60 13.96
CA ARG H 216 -34.33 51.15 15.34
C ARG H 216 -35.10 52.15 16.19
N GLY H 217 -35.99 51.63 17.04
CA GLY H 217 -36.85 52.48 17.85
C GLY H 217 -38.05 53.05 17.14
N GLU H 218 -38.16 52.87 15.82
CA GLU H 218 -39.25 53.42 15.04
C GLU H 218 -40.14 52.31 14.51
N CYS H 219 -41.41 52.65 14.26
CA CYS H 219 -42.40 51.67 13.83
C CYS H 219 -42.55 51.66 12.31
N LEU I 3 4.33 -22.79 11.26
CA LEU I 3 3.26 -23.69 11.67
C LEU I 3 3.58 -25.13 11.25
N ILE I 4 3.03 -26.09 11.98
CA ILE I 4 3.17 -27.51 11.67
C ILE I 4 1.80 -28.15 11.80
N ASN I 5 1.58 -29.22 11.03
CA ASN I 5 0.28 -29.84 10.92
C ASN I 5 0.26 -31.17 11.67
N THR I 6 -0.85 -31.43 12.36
CA THR I 6 -1.02 -32.66 13.13
C THR I 6 -2.47 -33.09 12.94
N ASN I 7 -2.67 -34.22 12.27
CA ASN I 7 -4.00 -34.78 12.00
C ASN I 7 -4.92 -33.80 11.29
N GLY I 8 -4.36 -32.88 10.51
CA GLY I 8 -5.13 -31.95 9.71
C GLY I 8 -5.06 -30.50 10.14
N SER I 9 -4.73 -30.23 11.40
CA SER I 9 -4.77 -28.88 11.93
C SER I 9 -3.37 -28.31 12.08
N TRP I 10 -3.20 -27.06 11.64
CA TRP I 10 -1.94 -26.35 11.78
C TRP I 10 -1.92 -25.61 13.11
N HIS I 11 -0.77 -25.64 13.78
CA HIS I 11 -0.64 -24.99 15.08
C HIS I 11 0.80 -24.52 15.33
N LEU J 3 43.25 -6.10 27.52
CA LEU J 3 42.13 -6.96 27.86
C LEU J 3 42.40 -8.40 27.45
N ILE J 4 41.77 -9.35 28.16
CA ILE J 4 41.87 -10.76 27.84
C ILE J 4 40.48 -11.36 27.94
N ASN J 5 40.26 -12.43 27.15
CA ASN J 5 38.95 -13.05 27.03
C ASN J 5 38.92 -14.38 27.76
N THR J 6 37.82 -14.64 28.46
CA THR J 6 37.63 -15.89 29.21
C THR J 6 36.19 -16.32 29.02
N ASN J 7 35.99 -17.45 28.33
CA ASN J 7 34.66 -18.01 28.06
C ASN J 7 33.74 -17.01 27.35
N GLY J 8 34.31 -16.08 26.58
CA GLY J 8 33.54 -15.15 25.78
C GLY J 8 33.61 -13.72 26.25
N SER J 9 33.93 -13.47 27.52
CA SER J 9 33.88 -12.13 28.10
C SER J 9 35.29 -11.57 28.24
N TRP J 10 35.47 -10.32 27.83
CA TRP J 10 36.73 -9.62 27.98
C TRP J 10 36.78 -8.90 29.33
N HIS J 11 37.94 -8.94 29.98
CA HIS J 11 38.11 -8.33 31.28
C HIS J 11 39.56 -7.90 31.46
N ILE J 12 39.81 -7.23 32.58
CA ILE J 12 41.16 -6.75 32.89
C ILE J 12 41.88 -7.72 33.81
N LEU K 3 8.44 0.72 8.83
CA LEU K 3 9.85 1.12 8.94
C LEU K 3 10.23 1.43 10.37
N ILE K 4 11.51 1.26 10.70
CA ILE K 4 12.04 1.60 12.01
C ILE K 4 13.36 2.34 11.81
N ASN K 5 13.68 3.21 12.76
CA ASN K 5 14.83 4.08 12.66
C ASN K 5 15.93 3.61 13.62
N THR K 6 17.17 3.64 13.14
CA THR K 6 18.32 3.22 13.93
C THR K 6 19.46 4.18 13.66
N ASN K 7 19.84 4.96 14.67
CA ASN K 7 20.94 5.93 14.57
C ASN K 7 20.71 6.95 13.46
N GLY K 8 19.45 7.21 13.12
CA GLY K 8 19.10 8.24 12.15
C GLY K 8 18.52 7.71 10.85
N SER K 9 18.79 6.46 10.50
CA SER K 9 18.40 5.91 9.21
C SER K 9 17.20 4.99 9.35
N TRP K 10 16.21 5.17 8.47
CA TRP K 10 15.03 4.33 8.44
C TRP K 10 15.27 3.12 7.54
N HIS K 11 14.81 1.95 7.98
CA HIS K 11 15.00 0.74 7.20
C HIS K 11 13.87 -0.26 7.48
N LEU L 3 -30.56 -15.86 -7.30
CA LEU L 3 -29.15 -15.50 -7.19
C LEU L 3 -28.77 -15.20 -5.74
N ILE L 4 -27.50 -15.41 -5.41
CA ILE L 4 -26.96 -15.09 -4.10
C ILE L 4 -25.61 -14.42 -4.29
N ASN L 5 -25.26 -13.56 -3.34
CA ASN L 5 -24.08 -12.72 -3.46
C ASN L 5 -22.98 -13.23 -2.53
N THR L 6 -21.74 -13.23 -3.03
CA THR L 6 -20.59 -13.70 -2.26
C THR L 6 -19.43 -12.76 -2.55
N ASN L 7 -19.01 -12.00 -1.54
CA ASN L 7 -17.90 -11.05 -1.63
C ASN L 7 -18.12 -10.02 -2.73
N GLY L 8 -19.37 -9.71 -3.06
CA GLY L 8 -19.71 -8.67 -4.01
C GLY L 8 -20.32 -9.16 -5.30
N SER L 9 -20.10 -10.41 -5.67
CA SER L 9 -20.55 -10.93 -6.97
C SER L 9 -21.77 -11.81 -6.80
N TRP L 10 -22.75 -11.61 -7.68
CA TRP L 10 -23.95 -12.44 -7.70
C TRP L 10 -23.71 -13.66 -8.59
N HIS L 11 -24.24 -14.80 -8.16
CA HIS L 11 -24.05 -16.06 -8.90
C HIS L 11 -25.18 -17.03 -8.60
#